data_3PKP
#
_entry.id   3PKP
#
_cell.length_a   109.879
_cell.length_b   134.313
_cell.length_c   175.829
_cell.angle_alpha   90.000
_cell.angle_beta   90.000
_cell.angle_gamma   90.000
#
_symmetry.space_group_name_H-M   'P 21 21 21'
#
loop_
_entity.id
_entity.type
_entity.pdbx_description
1 polymer 'Glucose-1-phosphate thymidylyltransferase'
2 non-polymer "2'-DEOXYADENOSINE 5'-TRIPHOSPHATE"
3 non-polymer 'MAGNESIUM ION'
4 water water
#
_entity_poly.entity_id   1
_entity_poly.type   'polypeptide(L)'
_entity_poly.pdbx_seq_one_letter_code
;MKTRKGIILAGGSGTRLYPVTMAVSKQLLPIYDKPMIYYPLSTLMLAGIRDILIISTPQDTPRFQQLLGDGSQWGLNLQY
KVSPSPDGLAQAFIIGEEFIGHDDCALVLGDNIFYGHDLPKLMEAAVNKESGATVFAYHVNDPERYGVVEFDQKGTAVSL
EEKPLQPKSNYAVTGLYFYDNSVVEMAKNLKPSARGELEITDINRIYMEQGRLSVAMMGRGYAWLDTGTHQSLIEASNFI
ATIEERQGLKVSCPEEIAFRKNFINAQQVIELAGPLSKNDYGKYLLKMVKGL
;
_entity_poly.pdbx_strand_id   A,B,C,D,I,J,K,L
#
# COMPACT_ATOMS: atom_id res chain seq x y z
N MET A 1 -38.04 3.70 -7.71
CA MET A 1 -37.11 4.76 -8.07
C MET A 1 -36.89 5.71 -6.89
N LYS A 2 -37.00 5.20 -5.67
CA LYS A 2 -36.72 5.99 -4.47
C LYS A 2 -35.29 5.71 -3.95
N THR A 3 -34.55 6.76 -3.62
CA THR A 3 -33.16 6.62 -3.24
C THR A 3 -32.86 7.38 -1.95
N ARG A 4 -31.97 6.84 -1.14
CA ARG A 4 -31.64 7.43 0.15
C ARG A 4 -30.67 8.57 0.00
N LYS A 5 -31.06 9.76 0.46
CA LYS A 5 -30.21 10.93 0.33
C LYS A 5 -29.88 11.55 1.68
N GLY A 6 -28.76 12.24 1.74
CA GLY A 6 -28.38 12.94 2.95
C GLY A 6 -27.70 14.22 2.58
N ILE A 7 -27.64 15.15 3.53
CA ILE A 7 -26.93 16.42 3.36
C ILE A 7 -26.06 16.65 4.58
N ILE A 8 -24.80 17.04 4.36
CA ILE A 8 -23.89 17.34 5.47
C ILE A 8 -23.62 18.83 5.52
N LEU A 9 -23.92 19.47 6.65
CA LEU A 9 -23.62 20.90 6.83
C LEU A 9 -22.21 21.01 7.39
N ALA A 10 -21.32 21.55 6.59
CA ALA A 10 -19.89 21.43 6.86
C ALA A 10 -19.18 22.74 6.61
N GLY A 11 -19.91 23.83 6.83
CA GLY A 11 -19.33 25.17 6.78
C GLY A 11 -19.23 25.76 8.17
N GLY A 12 -19.57 27.03 8.28
CA GLY A 12 -19.57 27.69 9.57
C GLY A 12 -18.24 28.33 9.85
N SER A 13 -18.15 29.05 10.96
CA SER A 13 -16.95 29.79 11.27
C SER A 13 -16.03 29.13 12.29
N GLY A 14 -16.56 28.23 13.10
CA GLY A 14 -15.82 27.63 14.20
C GLY A 14 -15.15 28.61 15.16
N THR A 15 -15.77 29.77 15.39
CA THR A 15 -15.18 30.82 16.24
C THR A 15 -14.77 30.40 17.68
N ARG A 16 -15.46 29.42 18.24
CA ARG A 16 -15.09 28.93 19.57
C ARG A 16 -13.76 28.23 19.51
N LEU A 17 -13.36 27.84 18.30
CA LEU A 17 -12.15 27.06 18.09
C LEU A 17 -10.94 27.91 17.63
N TYR A 18 -11.13 29.21 17.48
CA TYR A 18 -10.02 30.10 17.20
C TYR A 18 -8.96 29.88 18.26
N PRO A 19 -7.68 29.91 17.86
CA PRO A 19 -7.22 30.24 16.51
C PRO A 19 -7.05 29.04 15.56
N VAL A 20 -7.43 27.84 15.97
CA VAL A 20 -7.18 26.72 15.08
C VAL A 20 -8.12 26.62 13.87
N THR A 21 -9.21 27.39 13.88
CA THR A 21 -10.13 27.38 12.76
C THR A 21 -9.99 28.66 11.94
N MET A 22 -8.95 29.44 12.21
CA MET A 22 -8.67 30.62 11.41
C MET A 22 -8.27 30.32 9.97
N ALA A 23 -7.50 29.25 9.74
CA ALA A 23 -7.18 28.89 8.38
C ALA A 23 -7.56 27.45 8.01
N VAL A 24 -8.24 26.78 8.91
CA VAL A 24 -8.69 25.41 8.69
C VAL A 24 -10.17 25.22 9.06
N SER A 25 -10.96 24.73 8.13
CA SER A 25 -12.35 24.45 8.43
C SER A 25 -12.43 23.54 9.64
N LYS A 26 -13.38 23.80 10.54
CA LYS A 26 -13.60 22.94 11.70
C LYS A 26 -13.76 21.47 11.28
N GLN A 27 -14.43 21.25 10.16
CA GLN A 27 -14.81 19.90 9.76
C GLN A 27 -13.67 19.17 9.06
N LEU A 28 -12.52 19.83 8.97
CA LEU A 28 -11.31 19.22 8.43
C LEU A 28 -10.29 18.93 9.52
N LEU A 29 -10.57 19.40 10.75
CA LEU A 29 -9.73 19.11 11.90
C LEU A 29 -9.75 17.64 12.25
N PRO A 30 -8.61 17.12 12.72
CA PRO A 30 -8.55 15.69 13.04
C PRO A 30 -9.23 15.38 14.37
N ILE A 31 -10.06 14.37 14.35
CA ILE A 31 -10.51 13.71 15.55
C ILE A 31 -9.72 12.42 15.56
N TYR A 32 -8.62 12.38 16.33
CA TYR A 32 -7.64 11.30 16.25
C TYR A 32 -7.03 11.18 14.86
N ASP A 33 -7.32 10.11 14.13
CA ASP A 33 -6.68 9.90 12.83
C ASP A 33 -7.53 10.16 11.60
N LYS A 34 -8.66 10.85 11.74
CA LYS A 34 -9.50 11.16 10.60
C LYS A 34 -9.94 12.60 10.63
N PRO A 35 -10.16 13.22 9.45
CA PRO A 35 -10.79 14.55 9.40
C PRO A 35 -12.17 14.48 10.05
N MET A 36 -12.57 15.52 10.76
CA MET A 36 -13.83 15.50 11.46
C MET A 36 -14.96 14.99 10.55
N ILE A 37 -14.98 15.44 9.29
CA ILE A 37 -16.10 15.12 8.42
C ILE A 37 -16.29 13.62 8.11
N TYR A 38 -15.25 12.82 8.32
CA TYR A 38 -15.38 11.38 8.16
C TYR A 38 -16.47 10.83 9.06
N TYR A 39 -16.68 11.46 10.21
CA TYR A 39 -17.59 10.94 11.23
C TYR A 39 -19.09 11.10 10.87
N PRO A 40 -19.56 12.33 10.65
CA PRO A 40 -20.92 12.45 10.12
C PRO A 40 -21.13 11.73 8.80
N LEU A 41 -20.08 11.68 7.98
CA LEU A 41 -20.16 11.00 6.67
C LEU A 41 -20.40 9.51 6.82
N SER A 42 -19.68 8.88 7.73
CA SER A 42 -19.84 7.46 8.04
C SER A 42 -21.24 7.23 8.60
N THR A 43 -21.71 8.17 9.38
CA THR A 43 -23.00 7.98 10.01
C THR A 43 -24.04 7.82 8.89
N LEU A 44 -24.01 8.71 7.89
CA LEU A 44 -24.89 8.57 6.74
C LEU A 44 -24.69 7.24 6.01
N MET A 45 -23.44 6.80 5.86
CA MET A 45 -23.15 5.56 5.13
C MET A 45 -23.81 4.37 5.85
N LEU A 46 -23.73 4.35 7.17
CA LEU A 46 -24.28 3.28 7.99
C LEU A 46 -25.80 3.19 7.89
N ALA A 47 -26.46 4.27 7.46
CA ALA A 47 -27.89 4.24 7.20
C ALA A 47 -28.16 3.90 5.75
N GLY A 48 -27.13 3.51 5.01
CA GLY A 48 -27.30 3.10 3.64
C GLY A 48 -27.43 4.27 2.67
N ILE A 49 -27.11 5.47 3.14
CA ILE A 49 -27.19 6.66 2.30
C ILE A 49 -25.90 6.81 1.49
N ARG A 50 -26.03 6.73 0.17
CA ARG A 50 -24.86 6.76 -0.70
C ARG A 50 -24.83 7.99 -1.60
N ASP A 51 -25.89 8.79 -1.57
CA ASP A 51 -25.91 10.05 -2.31
C ASP A 51 -26.01 11.20 -1.34
N ILE A 52 -24.97 12.02 -1.33
CA ILE A 52 -24.79 12.94 -0.23
C ILE A 52 -24.37 14.28 -0.77
N LEU A 53 -25.02 15.33 -0.28
CA LEU A 53 -24.67 16.69 -0.62
C LEU A 53 -23.91 17.30 0.54
N ILE A 54 -22.75 17.86 0.25
CA ILE A 54 -21.92 18.50 1.25
C ILE A 54 -21.96 20.01 1.03
N ILE A 55 -22.40 20.75 2.03
CA ILE A 55 -22.53 22.19 1.93
C ILE A 55 -21.46 22.83 2.79
N SER A 56 -20.62 23.66 2.19
CA SER A 56 -19.57 24.31 2.95
C SER A 56 -19.34 25.73 2.51
N THR A 57 -18.32 26.36 3.10
CA THR A 57 -18.00 27.75 2.81
C THR A 57 -17.31 27.87 1.48
N PRO A 58 -17.22 29.09 0.94
CA PRO A 58 -16.59 29.26 -0.35
C PRO A 58 -15.11 28.88 -0.33
N GLN A 59 -14.37 29.25 0.71
CA GLN A 59 -12.93 28.98 0.74
C GLN A 59 -12.58 27.52 1.00
N ASP A 60 -13.43 26.80 1.75
CA ASP A 60 -13.11 25.45 2.20
C ASP A 60 -13.80 24.35 1.43
N THR A 61 -14.82 24.68 0.65
CA THR A 61 -15.46 23.68 -0.20
C THR A 61 -14.45 22.93 -1.11
N PRO A 62 -13.51 23.66 -1.74
CA PRO A 62 -12.53 22.94 -2.57
C PRO A 62 -11.62 22.04 -1.76
N ARG A 63 -11.37 22.37 -0.49
CA ARG A 63 -10.58 21.47 0.37
C ARG A 63 -11.29 20.15 0.64
N PHE A 64 -12.59 20.22 0.91
CA PHE A 64 -13.41 19.00 1.02
C PHE A 64 -13.41 18.18 -0.26
N GLN A 65 -13.36 18.88 -1.39
CA GLN A 65 -13.35 18.21 -2.68
C GLN A 65 -12.01 17.53 -2.90
N GLN A 66 -10.94 18.22 -2.49
CA GLN A 66 -9.59 17.67 -2.54
C GLN A 66 -9.52 16.41 -1.67
N LEU A 67 -10.18 16.44 -0.53
CA LEU A 67 -10.09 15.31 0.38
C LEU A 67 -10.95 14.14 -0.05
N LEU A 68 -12.17 14.44 -0.51
CA LEU A 68 -13.21 13.43 -0.71
C LEU A 68 -13.50 13.08 -2.19
N GLY A 69 -13.12 13.99 -3.08
CA GLY A 69 -13.39 13.80 -4.49
C GLY A 69 -14.89 13.66 -4.66
N ASP A 70 -15.31 12.80 -5.56
CA ASP A 70 -16.74 12.63 -5.77
C ASP A 70 -17.26 11.41 -5.00
N GLY A 71 -16.41 10.87 -4.13
CA GLY A 71 -16.78 9.76 -3.28
C GLY A 71 -16.96 8.46 -4.00
N SER A 72 -16.69 8.45 -5.30
CA SER A 72 -16.82 7.22 -6.08
C SER A 72 -15.88 6.15 -5.61
N GLN A 73 -14.81 6.56 -4.93
CA GLN A 73 -13.82 5.61 -4.44
C GLN A 73 -14.42 4.76 -3.33
N TRP A 74 -15.53 5.23 -2.77
CA TRP A 74 -16.15 4.55 -1.65
C TRP A 74 -17.52 4.03 -2.01
N GLY A 75 -17.86 4.05 -3.28
CA GLY A 75 -19.17 3.63 -3.72
C GLY A 75 -20.24 4.68 -3.50
N LEU A 76 -19.81 5.91 -3.26
CA LEU A 76 -20.75 6.99 -3.00
C LEU A 76 -20.83 7.94 -4.19
N ASN A 77 -21.81 8.85 -4.11
CA ASN A 77 -21.92 9.96 -5.04
C ASN A 77 -21.92 11.22 -4.18
N LEU A 78 -20.82 11.96 -4.17
CA LEU A 78 -20.77 13.17 -3.35
C LEU A 78 -20.92 14.37 -4.25
N GLN A 79 -21.69 15.34 -3.78
CA GLN A 79 -21.91 16.57 -4.56
C GLN A 79 -21.71 17.72 -3.61
N TYR A 80 -21.46 18.92 -4.14
CA TYR A 80 -21.05 20.01 -3.29
C TYR A 80 -21.78 21.29 -3.63
N LYS A 81 -21.96 22.14 -2.62
CA LYS A 81 -22.66 23.39 -2.80
C LYS A 81 -22.17 24.38 -1.75
N VAL A 82 -22.06 25.64 -2.12
CA VAL A 82 -21.52 26.66 -1.23
C VAL A 82 -22.62 27.40 -0.46
N SER A 83 -22.44 27.57 0.84
CA SER A 83 -23.43 28.25 1.65
C SER A 83 -23.43 29.71 1.30
N PRO A 84 -24.63 30.26 1.10
CA PRO A 84 -24.83 31.65 0.69
C PRO A 84 -24.94 32.58 1.89
N SER A 85 -25.46 32.05 2.99
CA SER A 85 -25.71 32.84 4.18
C SER A 85 -24.96 32.24 5.37
N PRO A 86 -24.41 33.11 6.22
CA PRO A 86 -23.71 32.74 7.45
C PRO A 86 -24.55 31.83 8.35
N ASP A 87 -25.86 32.07 8.37
CA ASP A 87 -26.78 31.31 9.20
C ASP A 87 -28.00 30.87 8.41
N GLY A 88 -28.99 30.33 9.11
CA GLY A 88 -30.17 29.83 8.44
C GLY A 88 -29.90 28.42 7.96
N LEU A 89 -29.80 27.50 8.91
CA LEU A 89 -29.45 26.13 8.58
C LEU A 89 -30.53 25.42 7.77
N ALA A 90 -31.79 25.72 8.03
CA ALA A 90 -32.85 25.10 7.23
C ALA A 90 -32.73 25.50 5.76
N GLN A 91 -31.95 26.54 5.46
CA GLN A 91 -31.69 26.93 4.08
C GLN A 91 -31.07 25.74 3.30
N ALA A 92 -30.68 24.69 4.00
CA ALA A 92 -30.08 23.52 3.36
C ALA A 92 -31.04 22.87 2.41
N PHE A 93 -32.31 22.82 2.80
CA PHE A 93 -33.31 22.18 1.97
C PHE A 93 -33.67 23.01 0.76
N ILE A 94 -33.43 24.31 0.83
CA ILE A 94 -33.61 25.20 -0.31
C ILE A 94 -32.43 25.09 -1.27
N ILE A 95 -31.23 25.18 -0.73
CA ILE A 95 -30.00 24.99 -1.50
C ILE A 95 -30.02 23.65 -2.23
N GLY A 96 -30.50 22.61 -1.58
CA GLY A 96 -30.49 21.29 -2.19
C GLY A 96 -31.82 20.81 -2.72
N GLU A 97 -32.69 21.74 -3.08
CA GLU A 97 -34.00 21.35 -3.57
C GLU A 97 -33.83 20.41 -4.74
N GLU A 98 -32.89 20.75 -5.61
CA GLU A 98 -32.67 19.94 -6.79
C GLU A 98 -32.03 18.61 -6.47
N PHE A 99 -31.00 18.62 -5.63
CA PHE A 99 -30.36 17.40 -5.21
C PHE A 99 -31.40 16.43 -4.69
N ILE A 100 -32.28 16.94 -3.84
CA ILE A 100 -33.24 16.12 -3.12
C ILE A 100 -34.30 15.52 -4.05
N GLY A 101 -34.74 16.32 -5.03
CA GLY A 101 -35.75 15.88 -5.98
C GLY A 101 -37.01 15.51 -5.27
N HIS A 102 -37.47 14.28 -5.50
CA HIS A 102 -38.70 13.78 -4.91
C HIS A 102 -38.45 12.84 -3.73
N ASP A 103 -37.19 12.68 -3.35
CA ASP A 103 -36.84 11.69 -2.34
C ASP A 103 -36.92 12.21 -0.92
N ASP A 104 -36.87 11.29 0.04
CA ASP A 104 -36.71 11.66 1.45
C ASP A 104 -35.26 12.06 1.68
N CYS A 105 -35.00 12.83 2.72
CA CYS A 105 -33.66 13.31 2.97
C CYS A 105 -33.26 13.24 4.44
N ALA A 106 -31.98 12.98 4.69
CA ALA A 106 -31.41 13.07 6.03
C ALA A 106 -30.50 14.30 6.11
N LEU A 107 -30.35 14.86 7.30
CA LEU A 107 -29.47 15.99 7.48
C LEU A 107 -28.64 15.72 8.72
N VAL A 108 -27.33 15.88 8.61
CA VAL A 108 -26.43 15.69 9.74
C VAL A 108 -25.47 16.85 9.78
N LEU A 109 -25.16 17.32 10.98
CA LEU A 109 -24.27 18.47 11.13
C LEU A 109 -22.81 17.99 11.06
N GLY A 110 -21.96 18.78 10.42
CA GLY A 110 -20.57 18.45 10.24
C GLY A 110 -19.78 18.10 11.49
N ASP A 111 -20.11 18.69 12.64
CA ASP A 111 -19.34 18.50 13.88
C ASP A 111 -19.89 17.41 14.82
N ASN A 112 -20.80 16.58 14.33
CA ASN A 112 -21.50 15.64 15.20
C ASN A 112 -20.94 14.26 15.09
N ILE A 113 -20.52 13.73 16.23
CA ILE A 113 -19.92 12.43 16.28
C ILE A 113 -20.79 11.41 16.99
N PHE A 114 -21.31 10.44 16.25
CA PHE A 114 -22.22 9.45 16.83
C PHE A 114 -21.54 8.11 16.91
N TYR A 115 -21.70 7.42 18.03
CA TYR A 115 -21.17 6.07 18.22
C TYR A 115 -22.17 5.17 18.95
N GLY A 116 -22.35 3.96 18.43
CA GLY A 116 -23.23 3.02 19.08
C GLY A 116 -23.50 1.80 18.22
N HIS A 117 -23.31 0.62 18.81
CA HIS A 117 -23.53 -0.64 18.12
C HIS A 117 -24.88 -0.61 17.41
N ASP A 118 -25.93 -0.23 18.14
CA ASP A 118 -27.29 -0.31 17.63
C ASP A 118 -27.75 0.87 16.77
N LEU A 119 -26.87 1.82 16.48
CA LEU A 119 -27.26 3.02 15.77
C LEU A 119 -27.90 2.78 14.39
N PRO A 120 -27.35 1.83 13.61
CA PRO A 120 -27.99 1.55 12.30
C PRO A 120 -29.44 1.05 12.41
N LYS A 121 -29.74 0.17 13.37
CA LYS A 121 -31.13 -0.23 13.60
C LYS A 121 -32.00 1.00 13.82
N LEU A 122 -31.56 1.93 14.67
CA LEU A 122 -32.28 3.19 14.92
C LEU A 122 -32.55 3.93 13.64
N MET A 123 -31.53 4.01 12.79
CA MET A 123 -31.63 4.80 11.59
C MET A 123 -32.47 4.10 10.51
N GLU A 124 -32.45 2.78 10.49
CA GLU A 124 -33.27 2.02 9.55
C GLU A 124 -34.74 2.27 9.86
N ALA A 125 -35.07 2.32 11.15
CA ALA A 125 -36.42 2.64 11.57
C ALA A 125 -36.85 4.03 11.11
N ALA A 126 -35.96 5.01 11.25
CA ALA A 126 -36.29 6.38 10.88
C ALA A 126 -36.48 6.54 9.37
N VAL A 127 -35.73 5.75 8.59
CA VAL A 127 -35.76 5.79 7.14
C VAL A 127 -37.04 5.16 6.65
N ASN A 128 -37.47 4.12 7.35
CA ASN A 128 -38.69 3.40 7.02
C ASN A 128 -39.97 4.15 7.36
N LYS A 129 -39.96 4.88 8.48
CA LYS A 129 -41.07 5.77 8.80
C LYS A 129 -41.39 6.55 7.54
N GLU A 130 -42.67 6.69 7.22
CA GLU A 130 -43.00 7.20 5.89
C GLU A 130 -43.66 8.57 5.84
N SER A 131 -44.38 8.94 6.90
CA SER A 131 -44.80 10.33 7.00
C SER A 131 -44.00 10.98 8.11
N GLY A 132 -43.50 12.18 7.86
CA GLY A 132 -42.93 12.99 8.91
C GLY A 132 -41.44 12.90 9.03
N ALA A 133 -40.98 13.08 10.25
CA ALA A 133 -39.58 13.26 10.52
C ALA A 133 -39.19 12.52 11.78
N THR A 134 -37.92 12.14 11.86
CA THR A 134 -37.38 11.54 13.07
C THR A 134 -36.20 12.37 13.52
N VAL A 135 -36.24 12.84 14.75
CA VAL A 135 -35.14 13.58 15.32
C VAL A 135 -34.37 12.65 16.25
N PHE A 136 -33.08 12.91 16.48
CA PHE A 136 -32.29 12.00 17.29
C PHE A 136 -31.91 12.63 18.61
N ALA A 137 -32.27 11.95 19.70
CA ALA A 137 -32.17 12.55 21.03
C ALA A 137 -31.22 11.76 21.89
N TYR A 138 -30.49 12.49 22.73
CA TYR A 138 -29.45 11.91 23.53
C TYR A 138 -29.59 12.29 25.00
N HIS A 139 -29.63 11.29 25.87
CA HIS A 139 -29.76 11.57 27.29
C HIS A 139 -28.53 12.33 27.78
N VAL A 140 -28.78 13.47 28.42
CA VAL A 140 -27.76 14.26 29.07
C VAL A 140 -28.08 14.50 30.54
N ASN A 141 -27.08 14.92 31.31
CA ASN A 141 -27.27 15.25 32.71
C ASN A 141 -27.62 16.72 32.90
N ASP A 142 -27.44 17.49 31.82
CA ASP A 142 -27.64 18.93 31.88
C ASP A 142 -28.52 19.42 30.73
N PRO A 143 -29.75 18.90 30.62
CA PRO A 143 -30.64 19.27 29.52
C PRO A 143 -30.69 20.78 29.27
N GLU A 144 -30.55 21.57 30.33
CA GLU A 144 -30.67 23.03 30.25
C GLU A 144 -29.70 23.64 29.26
N ARG A 145 -28.71 22.86 28.86
CA ARG A 145 -27.61 23.37 28.05
C ARG A 145 -27.87 23.26 26.55
N TYR A 146 -28.72 22.32 26.17
CA TYR A 146 -28.99 22.03 24.77
C TYR A 146 -30.42 22.39 24.39
N GLY A 147 -30.79 22.07 23.16
CA GLY A 147 -32.18 22.10 22.75
C GLY A 147 -32.86 20.82 23.22
N VAL A 148 -33.98 20.97 23.92
CA VAL A 148 -34.59 19.85 24.60
C VAL A 148 -35.91 19.39 23.99
N VAL A 149 -36.04 18.09 23.81
CA VAL A 149 -37.27 17.51 23.30
C VAL A 149 -37.96 16.68 24.37
N GLU A 150 -39.21 17.01 24.64
CA GLU A 150 -40.03 16.23 25.55
C GLU A 150 -40.94 15.37 24.70
N PHE A 151 -41.02 14.08 24.97
CA PHE A 151 -41.81 13.23 24.09
C PHE A 151 -42.72 12.14 24.69
N ASP A 152 -43.57 11.63 23.80
CA ASP A 152 -44.61 10.65 24.07
C ASP A 152 -44.00 9.28 24.34
N GLN A 153 -44.83 8.32 24.76
CA GLN A 153 -44.41 6.93 24.84
C GLN A 153 -44.43 6.29 23.46
N LYS A 154 -45.16 6.92 22.54
CA LYS A 154 -45.22 6.46 21.14
C LYS A 154 -43.90 6.81 20.45
N GLY A 155 -43.25 7.85 20.96
CA GLY A 155 -42.04 8.35 20.35
C GLY A 155 -42.32 9.67 19.67
N THR A 156 -43.50 10.24 19.94
CA THR A 156 -43.90 11.49 19.31
C THR A 156 -43.53 12.69 20.16
N ALA A 157 -42.82 13.62 19.55
CA ALA A 157 -42.39 14.83 20.22
C ALA A 157 -43.62 15.64 20.65
N VAL A 158 -43.54 16.26 21.84
CA VAL A 158 -44.64 17.09 22.37
C VAL A 158 -44.22 18.52 22.72
N SER A 159 -42.92 18.77 22.80
CA SER A 159 -42.44 20.13 22.97
C SER A 159 -40.97 20.20 22.58
N LEU A 160 -40.58 21.36 22.06
CA LEU A 160 -39.19 21.62 21.72
C LEU A 160 -38.75 22.91 22.36
N GLU A 161 -37.73 22.85 23.22
CA GLU A 161 -37.31 24.04 23.94
C GLU A 161 -35.80 24.27 23.90
N GLU A 162 -35.39 25.43 23.37
CA GLU A 162 -33.99 25.87 23.37
C GLU A 162 -33.47 26.25 24.74
N LYS A 163 -32.59 25.42 25.30
CA LYS A 163 -31.99 25.70 26.60
C LYS A 163 -33.02 26.10 27.65
N PRO A 164 -33.98 25.19 27.93
CA PRO A 164 -35.07 25.53 28.86
C PRO A 164 -34.54 25.74 30.25
N LEU A 165 -35.03 26.77 30.93
CA LEU A 165 -34.66 26.95 32.33
C LEU A 165 -35.31 25.82 33.11
N GLN A 166 -36.49 25.42 32.68
CA GLN A 166 -37.23 24.33 33.32
C GLN A 166 -37.36 23.16 32.35
N PRO A 167 -36.23 22.47 32.08
CA PRO A 167 -36.17 21.41 31.09
C PRO A 167 -37.31 20.42 31.25
N LYS A 168 -38.05 20.16 30.18
CA LYS A 168 -39.21 19.27 30.24
C LYS A 168 -38.79 17.81 30.13
N SER A 169 -37.50 17.59 29.87
CA SER A 169 -36.97 16.25 29.67
C SER A 169 -35.44 16.28 29.75
N ASN A 170 -34.83 15.10 29.83
CA ASN A 170 -33.38 15.01 29.85
C ASN A 170 -32.79 14.71 28.48
N TYR A 171 -33.61 14.83 27.44
CA TYR A 171 -33.15 14.48 26.10
C TYR A 171 -32.81 15.69 25.23
N ALA A 172 -31.53 15.77 24.87
CA ALA A 172 -31.01 16.81 24.00
C ALA A 172 -31.23 16.42 22.54
N VAL A 173 -31.57 17.40 21.70
CA VAL A 173 -31.71 17.12 20.28
C VAL A 173 -30.35 17.17 19.60
N THR A 174 -29.94 16.06 18.99
CA THR A 174 -28.66 16.00 18.29
C THR A 174 -28.79 16.49 16.85
N GLY A 175 -27.65 16.57 16.16
CA GLY A 175 -27.59 17.09 14.81
C GLY A 175 -27.78 16.03 13.75
N LEU A 176 -28.64 15.05 14.01
CA LEU A 176 -29.02 14.07 13.02
C LEU A 176 -30.55 14.01 12.87
N TYR A 177 -31.00 14.22 11.65
CA TYR A 177 -32.44 14.35 11.36
C TYR A 177 -32.85 13.55 10.11
N PHE A 178 -34.04 13.00 10.13
CA PHE A 178 -34.59 12.33 8.95
C PHE A 178 -35.92 12.93 8.56
N TYR A 179 -36.03 13.29 7.29
CA TYR A 179 -37.22 13.96 6.81
C TYR A 179 -37.83 13.18 5.67
N ASP A 180 -39.13 13.36 5.47
CA ASP A 180 -39.74 12.93 4.22
C ASP A 180 -39.66 14.13 3.27
N ASN A 181 -40.06 13.93 2.02
CA ASN A 181 -39.90 14.95 0.99
C ASN A 181 -40.61 16.27 1.28
N SER A 182 -41.59 16.23 2.17
CA SER A 182 -42.39 17.41 2.44
C SER A 182 -41.57 18.52 3.10
N VAL A 183 -40.32 18.22 3.45
CA VAL A 183 -39.48 19.18 4.16
C VAL A 183 -39.02 20.32 3.25
N VAL A 184 -38.76 20.01 1.99
CA VAL A 184 -38.29 21.00 1.03
C VAL A 184 -39.34 22.06 0.96
N GLU A 185 -40.57 21.59 0.96
CA GLU A 185 -41.73 22.44 0.89
C GLU A 185 -41.84 23.34 2.12
N MET A 186 -41.66 22.77 3.31
CA MET A 186 -41.69 23.56 4.53
C MET A 186 -40.66 24.67 4.48
N ALA A 187 -39.46 24.31 4.04
CA ALA A 187 -38.34 25.26 4.07
C ALA A 187 -38.56 26.42 3.11
N LYS A 188 -39.05 26.11 1.91
CA LYS A 188 -39.38 27.15 0.93
C LYS A 188 -40.43 28.10 1.50
N ASN A 189 -41.42 27.54 2.19
CA ASN A 189 -42.50 28.33 2.77
C ASN A 189 -42.28 28.73 4.22
N LEU A 190 -41.03 28.75 4.65
CA LEU A 190 -40.75 29.11 6.02
C LEU A 190 -40.25 30.53 6.07
N LYS A 191 -40.46 31.18 7.21
CA LYS A 191 -39.99 32.54 7.38
C LYS A 191 -39.11 32.63 8.61
N PRO A 192 -38.13 33.54 8.57
CA PRO A 192 -37.09 33.63 9.60
C PRO A 192 -37.66 33.59 11.02
N SER A 193 -36.87 33.05 11.95
CA SER A 193 -37.20 33.09 13.38
C SER A 193 -36.94 34.49 13.94
N ALA A 194 -36.70 34.58 15.24
CA ALA A 194 -36.42 35.87 15.86
C ALA A 194 -34.99 36.34 15.58
N ARG A 195 -34.19 35.51 14.91
CA ARG A 195 -32.80 35.87 14.60
C ARG A 195 -32.53 36.00 13.10
N GLY A 196 -33.60 36.08 12.33
CA GLY A 196 -33.54 36.53 10.94
C GLY A 196 -33.36 35.45 9.88
N GLU A 197 -33.45 34.20 10.29
CA GLU A 197 -32.94 33.12 9.50
C GLU A 197 -33.75 31.85 9.71
N LEU A 198 -33.82 31.01 8.68
CA LEU A 198 -34.64 29.82 8.72
C LEU A 198 -33.98 28.72 9.54
N GLU A 199 -34.65 28.27 10.61
CA GLU A 199 -34.06 27.37 11.58
C GLU A 199 -34.43 25.92 11.38
N ILE A 200 -33.52 25.01 11.73
CA ILE A 200 -33.85 23.60 11.73
C ILE A 200 -34.93 23.35 12.79
N THR A 201 -34.83 24.08 13.90
CA THR A 201 -35.79 23.95 14.98
C THR A 201 -37.22 24.32 14.58
N ASP A 202 -37.36 25.40 13.80
CA ASP A 202 -38.69 25.79 13.31
C ASP A 202 -39.29 24.64 12.53
N ILE A 203 -38.50 24.09 11.61
CA ILE A 203 -38.92 23.00 10.75
C ILE A 203 -39.39 21.79 11.54
N ASN A 204 -38.65 21.46 12.59
CA ASN A 204 -39.03 20.34 13.44
C ASN A 204 -40.29 20.58 14.23
N ARG A 205 -40.48 21.81 14.72
CA ARG A 205 -41.67 22.18 15.49
C ARG A 205 -42.90 22.01 14.64
N ILE A 206 -42.77 22.34 13.35
CA ILE A 206 -43.85 22.15 12.41
C ILE A 206 -44.29 20.69 12.34
N TYR A 207 -43.34 19.79 12.07
CA TYR A 207 -43.67 18.37 12.02
C TYR A 207 -44.36 17.94 13.29
N MET A 208 -43.92 18.48 14.40
CA MET A 208 -44.41 18.06 15.71
C MET A 208 -45.84 18.54 15.84
N GLU A 209 -46.09 19.78 15.41
CA GLU A 209 -47.43 20.36 15.47
C GLU A 209 -48.42 19.58 14.60
N GLN A 210 -47.91 18.87 13.61
CA GLN A 210 -48.73 18.00 12.77
C GLN A 210 -48.75 16.59 13.32
N GLY A 211 -48.04 16.37 14.42
CA GLY A 211 -47.93 15.06 15.03
C GLY A 211 -47.03 14.07 14.30
N ARG A 212 -46.41 14.53 13.23
CA ARG A 212 -45.59 13.65 12.41
C ARG A 212 -44.09 13.65 12.78
N LEU A 213 -43.77 14.05 14.01
CA LEU A 213 -42.37 14.08 14.46
C LEU A 213 -42.04 12.99 15.50
N SER A 214 -41.23 12.03 15.09
CA SER A 214 -40.81 10.95 15.96
C SER A 214 -39.47 11.24 16.62
N VAL A 215 -39.18 10.51 17.68
CA VAL A 215 -37.95 10.72 18.41
C VAL A 215 -37.18 9.41 18.56
N ALA A 216 -36.03 9.34 17.90
CA ALA A 216 -35.11 8.24 18.09
C ALA A 216 -34.30 8.46 19.36
N MET A 217 -34.38 7.51 20.27
CA MET A 217 -33.80 7.63 21.59
C MET A 217 -32.42 6.94 21.67
N MET A 218 -31.37 7.73 21.91
CA MET A 218 -30.03 7.17 22.16
C MET A 218 -29.70 7.15 23.65
N GLY A 219 -29.91 5.99 24.27
CA GLY A 219 -29.64 5.85 25.70
C GLY A 219 -28.25 5.30 26.05
N ARG A 220 -28.15 4.61 27.18
CA ARG A 220 -26.87 4.07 27.56
C ARG A 220 -26.39 3.13 26.47
N GLY A 221 -25.09 3.22 26.19
CA GLY A 221 -24.46 2.46 25.13
C GLY A 221 -24.01 3.38 24.02
N TYR A 222 -24.69 4.52 23.92
CA TYR A 222 -24.42 5.48 22.87
C TYR A 222 -23.50 6.60 23.32
N ALA A 223 -22.68 7.09 22.40
CA ALA A 223 -21.88 8.26 22.66
C ALA A 223 -22.20 9.32 21.65
N TRP A 224 -22.20 10.57 22.08
CA TRP A 224 -22.42 11.70 21.17
C TRP A 224 -21.54 12.90 21.56
N LEU A 225 -20.83 13.46 20.58
CA LEU A 225 -20.03 14.67 20.81
C LEU A 225 -20.32 15.80 19.79
N ASP A 226 -20.47 17.01 20.31
CA ASP A 226 -20.58 18.20 19.45
C ASP A 226 -19.21 18.86 19.55
N THR A 227 -18.39 18.55 18.56
CA THR A 227 -16.99 18.88 18.59
C THR A 227 -16.79 20.30 18.14
N GLY A 228 -16.91 21.23 19.07
CA GLY A 228 -16.89 22.63 18.69
C GLY A 228 -16.12 23.51 19.63
N THR A 229 -15.53 22.89 20.65
CA THR A 229 -14.65 23.61 21.57
C THR A 229 -13.33 22.87 21.72
N HIS A 230 -12.30 23.58 22.16
CA HIS A 230 -11.00 22.96 22.31
C HIS A 230 -11.05 21.72 23.20
N GLN A 231 -11.74 21.83 24.33
CA GLN A 231 -11.88 20.72 25.26
C GLN A 231 -12.57 19.52 24.65
N SER A 232 -13.65 19.75 23.91
CA SER A 232 -14.48 18.64 23.44
C SER A 232 -13.80 17.97 22.27
N LEU A 233 -13.05 18.76 21.51
CA LEU A 233 -12.25 18.24 20.42
C LEU A 233 -11.24 17.20 20.94
N ILE A 234 -10.51 17.58 21.98
CA ILE A 234 -9.52 16.68 22.56
C ILE A 234 -10.16 15.49 23.33
N GLU A 235 -11.34 15.69 23.90
CA GLU A 235 -12.05 14.55 24.47
C GLU A 235 -12.51 13.56 23.40
N ALA A 236 -12.89 14.07 22.23
CA ALA A 236 -13.38 13.22 21.17
C ALA A 236 -12.23 12.43 20.61
N SER A 237 -11.12 13.11 20.35
CA SER A 237 -9.90 12.44 19.87
C SER A 237 -9.48 11.29 20.80
N ASN A 238 -9.39 11.61 22.08
CA ASN A 238 -9.09 10.61 23.09
C ASN A 238 -10.07 9.46 23.17
N PHE A 239 -11.35 9.76 23.05
CA PHE A 239 -12.35 8.71 23.03
C PHE A 239 -12.13 7.77 21.83
N ILE A 240 -11.97 8.33 20.64
CA ILE A 240 -11.74 7.52 19.46
C ILE A 240 -10.46 6.69 19.58
N ALA A 241 -9.38 7.32 19.99
CA ALA A 241 -8.11 6.60 20.11
C ALA A 241 -8.21 5.46 21.10
N THR A 242 -8.88 5.70 22.22
CA THR A 242 -9.03 4.68 23.25
C THR A 242 -9.85 3.48 22.74
N ILE A 243 -11.04 3.73 22.19
CA ILE A 243 -11.87 2.67 21.63
C ILE A 243 -11.11 1.84 20.59
N GLU A 244 -10.43 2.54 19.70
CA GLU A 244 -9.76 1.87 18.59
C GLU A 244 -8.62 1.03 19.11
N GLU A 245 -7.86 1.57 20.05
CA GLU A 245 -6.70 0.88 20.55
C GLU A 245 -7.06 -0.29 21.46
N ARG A 246 -8.10 -0.13 22.25
CA ARG A 246 -8.41 -1.13 23.27
C ARG A 246 -9.27 -2.25 22.71
N GLN A 247 -10.10 -1.92 21.74
CA GLN A 247 -11.08 -2.86 21.22
C GLN A 247 -10.82 -3.31 19.79
N GLY A 248 -9.77 -2.77 19.19
CA GLY A 248 -9.33 -3.23 17.89
C GLY A 248 -10.30 -3.02 16.74
N LEU A 249 -11.01 -1.91 16.77
CA LEU A 249 -11.91 -1.62 15.67
C LEU A 249 -11.78 -0.17 15.33
N LYS A 250 -12.07 0.19 14.09
CA LYS A 250 -12.07 1.61 13.75
C LYS A 250 -13.47 2.18 13.88
N VAL A 251 -13.53 3.43 14.30
CA VAL A 251 -14.76 4.17 14.38
C VAL A 251 -14.89 5.11 13.20
N SER A 252 -15.99 4.98 12.45
CA SER A 252 -16.26 5.89 11.34
C SER A 252 -15.12 5.91 10.35
N CYS A 253 -14.65 4.70 10.02
CA CYS A 253 -13.72 4.49 8.92
C CYS A 253 -14.49 4.22 7.62
N PRO A 254 -14.63 5.23 6.74
CA PRO A 254 -15.43 5.07 5.52
C PRO A 254 -15.00 3.92 4.61
N GLU A 255 -13.70 3.63 4.54
CA GLU A 255 -13.27 2.54 3.68
C GLU A 255 -13.76 1.22 4.26
N GLU A 256 -13.70 1.09 5.57
CA GLU A 256 -14.20 -0.13 6.23
C GLU A 256 -15.69 -0.28 6.02
N ILE A 257 -16.42 0.82 6.16
CA ILE A 257 -17.88 0.78 6.04
C ILE A 257 -18.28 0.45 4.59
N ALA A 258 -17.64 1.10 3.63
CA ALA A 258 -17.89 0.83 2.21
C ALA A 258 -17.63 -0.63 1.91
N PHE A 259 -16.62 -1.19 2.55
CA PHE A 259 -16.27 -2.57 2.25
C PHE A 259 -17.26 -3.54 2.89
N ARG A 260 -17.59 -3.33 4.16
CA ARG A 260 -18.45 -4.27 4.86
C ARG A 260 -19.90 -4.19 4.39
N LYS A 261 -20.31 -3.07 3.79
CA LYS A 261 -21.66 -2.95 3.26
C LYS A 261 -21.69 -3.23 1.78
N ASN A 262 -20.56 -3.69 1.26
CA ASN A 262 -20.38 -4.05 -0.15
C ASN A 262 -20.56 -2.91 -1.17
N PHE A 263 -20.19 -1.69 -0.79
CA PHE A 263 -20.09 -0.59 -1.76
C PHE A 263 -18.83 -0.80 -2.63
N ILE A 264 -17.85 -1.49 -2.07
CA ILE A 264 -16.56 -1.71 -2.74
C ILE A 264 -16.04 -3.09 -2.39
N ASN A 265 -15.16 -3.61 -3.24
CA ASN A 265 -14.55 -4.93 -3.01
C ASN A 265 -13.15 -4.87 -2.40
N ALA A 266 -12.59 -6.04 -2.11
CA ALA A 266 -11.31 -6.13 -1.40
C ALA A 266 -10.17 -5.49 -2.17
N GLN A 267 -10.30 -5.45 -3.49
CA GLN A 267 -9.29 -4.85 -4.36
C GLN A 267 -9.28 -3.34 -4.22
N GLN A 268 -10.44 -2.72 -4.32
CA GLN A 268 -10.56 -1.28 -4.19
C GLN A 268 -10.03 -0.88 -2.83
N VAL A 269 -10.25 -1.72 -1.81
CA VAL A 269 -9.73 -1.44 -0.49
C VAL A 269 -8.20 -1.40 -0.51
N ILE A 270 -7.60 -2.44 -1.09
CA ILE A 270 -6.15 -2.52 -1.20
C ILE A 270 -5.55 -1.32 -1.91
N GLU A 271 -6.19 -0.86 -2.98
CA GLU A 271 -5.65 0.32 -3.66
C GLU A 271 -5.73 1.55 -2.77
N LEU A 272 -6.80 1.62 -1.98
CA LEU A 272 -7.02 2.76 -1.07
C LEU A 272 -6.10 2.72 0.14
N ALA A 273 -5.80 1.52 0.61
CA ALA A 273 -4.86 1.35 1.70
C ALA A 273 -3.43 1.73 1.31
N GLY A 274 -3.17 1.90 0.01
CA GLY A 274 -1.83 2.18 -0.47
C GLY A 274 -1.22 3.43 0.13
N PRO A 275 -1.85 4.57 -0.10
CA PRO A 275 -1.45 5.87 0.45
C PRO A 275 -1.40 5.92 1.98
N LEU A 276 -2.07 5.00 2.64
CA LEU A 276 -2.11 5.02 4.09
C LEU A 276 -1.23 3.93 4.69
N SER A 277 -0.31 3.39 3.92
CA SER A 277 0.45 2.22 4.37
C SER A 277 1.59 2.62 5.30
N LYS A 278 1.82 3.93 5.43
CA LYS A 278 2.86 4.40 6.34
C LYS A 278 2.36 4.55 7.78
N ASN A 279 1.10 4.22 8.02
CA ASN A 279 0.55 4.27 9.36
C ASN A 279 -0.44 3.14 9.61
N ASP A 280 -1.03 3.12 10.79
CA ASP A 280 -1.85 1.97 11.15
C ASP A 280 -3.19 1.93 10.47
N TYR A 281 -3.57 3.06 9.89
CA TYR A 281 -4.83 3.16 9.18
C TYR A 281 -4.75 2.26 7.97
N GLY A 282 -3.69 2.44 7.17
CA GLY A 282 -3.50 1.62 5.98
C GLY A 282 -3.45 0.16 6.35
N LYS A 283 -2.75 -0.13 7.44
CA LYS A 283 -2.43 -1.51 7.80
C LYS A 283 -3.65 -2.20 8.33
N TYR A 284 -4.53 -1.43 8.94
CA TYR A 284 -5.80 -1.94 9.42
C TYR A 284 -6.64 -2.39 8.24
N LEU A 285 -6.80 -1.51 7.26
CA LEU A 285 -7.55 -1.85 6.05
C LEU A 285 -7.05 -3.16 5.40
N LEU A 286 -5.76 -3.41 5.46
CA LEU A 286 -5.21 -4.64 4.89
C LEU A 286 -5.56 -5.87 5.72
N LYS A 287 -5.39 -5.80 7.03
CA LYS A 287 -5.78 -6.90 7.90
C LYS A 287 -7.28 -7.18 7.73
N MET A 288 -8.06 -6.13 7.57
CA MET A 288 -9.50 -6.27 7.42
C MET A 288 -9.87 -7.13 6.20
N VAL A 289 -9.23 -6.85 5.06
CA VAL A 289 -9.56 -7.58 3.84
C VAL A 289 -9.00 -9.00 3.75
N LYS A 290 -8.54 -9.57 4.87
CA LYS A 290 -8.01 -10.92 4.85
C LYS A 290 -7.69 -11.47 6.23
N LYS B 2 23.67 44.13 13.67
CA LYS B 2 23.21 42.77 13.39
C LYS B 2 21.93 42.41 14.13
N THR B 3 21.17 41.51 13.52
CA THR B 3 19.81 41.21 13.92
C THR B 3 19.56 39.70 13.97
N ARG B 4 18.73 39.27 14.91
CA ARG B 4 18.49 37.85 15.11
C ARG B 4 17.47 37.36 14.10
N LYS B 5 17.84 36.35 13.33
CA LYS B 5 16.95 35.82 12.33
C LYS B 5 16.69 34.34 12.53
N GLY B 6 15.54 33.89 12.05
CA GLY B 6 15.17 32.49 12.14
C GLY B 6 14.45 32.10 10.88
N ILE B 7 14.43 30.79 10.61
CA ILE B 7 13.70 30.23 9.48
C ILE B 7 12.90 29.04 9.97
N ILE B 8 11.61 29.00 9.63
CA ILE B 8 10.77 27.86 9.98
C ILE B 8 10.45 27.03 8.74
N LEU B 9 10.82 25.75 8.78
CA LEU B 9 10.47 24.80 7.72
C LEU B 9 9.10 24.22 7.98
N ALA B 10 8.12 24.66 7.20
CA ALA B 10 6.72 24.40 7.50
C ALA B 10 5.95 23.83 6.30
N GLY B 11 6.65 23.05 5.49
CA GLY B 11 6.05 22.42 4.33
C GLY B 11 6.02 20.92 4.53
N GLY B 12 6.37 20.18 3.49
CA GLY B 12 6.40 18.72 3.57
C GLY B 12 5.07 18.09 3.22
N SER B 13 5.02 16.77 3.25
CA SER B 13 3.81 16.07 2.84
C SER B 13 2.99 15.49 3.98
N GLY B 14 3.63 15.24 5.12
CA GLY B 14 2.94 14.70 6.28
C GLY B 14 2.30 13.34 6.00
N THR B 15 2.82 12.59 5.05
CA THR B 15 2.27 11.28 4.66
C THR B 15 1.97 10.29 5.80
N ARG B 16 2.74 10.35 6.89
CA ARG B 16 2.50 9.46 8.03
C ARG B 16 1.17 9.82 8.71
N LEU B 17 0.71 11.04 8.44
CA LEU B 17 -0.48 11.59 9.03
C LEU B 17 -1.74 11.49 8.15
N TYR B 18 -1.60 11.00 6.91
CA TYR B 18 -2.76 10.68 6.09
C TYR B 18 -3.75 9.85 6.89
N PRO B 19 -5.04 10.12 6.73
CA PRO B 19 -5.60 11.10 5.79
C PRO B 19 -5.78 12.55 6.30
N VAL B 20 -5.42 12.84 7.54
CA VAL B 20 -5.65 14.19 8.05
C VAL B 20 -4.77 15.25 7.41
N THR B 21 -3.71 14.85 6.70
CA THR B 21 -2.85 15.85 6.06
C THR B 21 -3.05 15.87 4.56
N MET B 22 -4.08 15.16 4.08
CA MET B 22 -4.44 15.24 2.68
C MET B 22 -4.94 16.62 2.23
N ALA B 23 -5.71 17.33 3.06
CA ALA B 23 -6.09 18.69 2.67
C ALA B 23 -5.71 19.79 3.68
N VAL B 24 -4.97 19.41 4.70
CA VAL B 24 -4.49 20.34 5.71
C VAL B 24 -2.99 20.17 5.95
N SER B 25 -2.22 21.24 5.81
CA SER B 25 -0.81 21.18 6.16
C SER B 25 -0.61 20.64 7.57
N LYS B 26 0.39 19.77 7.75
CA LYS B 26 0.68 19.24 9.08
C LYS B 26 0.86 20.36 10.11
N GLN B 27 1.55 21.42 9.69
CA GLN B 27 1.87 22.52 10.58
C GLN B 27 0.67 23.43 10.88
N LEU B 28 -0.50 23.10 10.37
CA LEU B 28 -1.70 23.89 10.68
C LEU B 28 -2.65 23.07 11.54
N LEU B 29 -2.31 21.81 11.76
CA LEU B 29 -3.07 20.95 12.64
C LEU B 29 -2.98 21.45 14.09
N PRO B 30 -4.05 21.25 14.87
CA PRO B 30 -4.02 21.75 16.23
C PRO B 30 -3.26 20.82 17.16
N ILE B 31 -2.39 21.42 17.98
CA ILE B 31 -1.87 20.75 19.16
C ILE B 31 -2.61 21.40 20.29
N TYR B 32 -3.60 20.69 20.81
CA TYR B 32 -4.57 21.28 21.72
C TYR B 32 -5.29 22.51 21.13
N ASP B 33 -4.97 23.71 21.62
CA ASP B 33 -5.69 24.91 21.16
C ASP B 33 -4.94 25.88 20.24
N LYS B 34 -3.82 25.45 19.68
CA LYS B 34 -3.06 26.28 18.74
C LYS B 34 -2.70 25.48 17.51
N PRO B 35 -2.61 26.14 16.36
CA PRO B 35 -2.02 25.48 15.17
C PRO B 35 -0.57 25.03 15.51
N MET B 36 -0.15 23.87 15.01
CA MET B 36 1.17 23.35 15.29
C MET B 36 2.25 24.45 15.19
N ILE B 37 2.19 25.27 14.15
CA ILE B 37 3.25 26.23 13.88
C ILE B 37 3.46 27.29 14.96
N TYR B 38 2.47 27.47 15.83
CA TYR B 38 2.61 28.39 16.95
C TYR B 38 3.78 27.96 17.82
N TYR B 39 4.00 26.65 17.90
CA TYR B 39 5.02 26.12 18.80
C TYR B 39 6.49 26.39 18.37
N PRO B 40 6.91 25.97 17.15
CA PRO B 40 8.26 26.40 16.74
C PRO B 40 8.36 27.90 16.67
N LEU B 41 7.25 28.56 16.35
CA LEU B 41 7.27 30.02 16.22
C LEU B 41 7.52 30.73 17.56
N SER B 42 6.93 30.20 18.61
CA SER B 42 7.18 30.70 19.96
C SER B 42 8.62 30.43 20.35
N THR B 43 9.10 29.27 19.96
CA THR B 43 10.46 28.91 20.34
C THR B 43 11.45 29.96 19.82
N LEU B 44 11.26 30.39 18.57
CA LEU B 44 12.09 31.45 18.02
C LEU B 44 11.91 32.76 18.77
N MET B 45 10.68 33.07 19.14
CA MET B 45 10.41 34.33 19.82
C MET B 45 11.13 34.36 21.16
N LEU B 46 11.10 33.23 21.85
CA LEU B 46 11.74 33.09 23.15
C LEU B 46 13.27 33.30 23.08
N ALA B 47 13.85 33.14 21.90
CA ALA B 47 15.24 33.42 21.73
C ALA B 47 15.44 34.84 21.24
N GLY B 48 14.37 35.62 21.27
CA GLY B 48 14.44 37.02 20.89
C GLY B 48 14.53 37.22 19.39
N ILE B 49 14.16 36.19 18.62
CA ILE B 49 14.17 36.26 17.16
C ILE B 49 12.85 36.85 16.68
N ARG B 50 12.91 38.00 16.04
CA ARG B 50 11.71 38.73 15.64
C ARG B 50 11.60 38.84 14.12
N ASP B 51 12.62 38.38 13.41
CA ASP B 51 12.58 38.36 11.97
C ASP B 51 12.68 36.93 11.47
N ILE B 52 11.59 36.44 10.90
CA ILE B 52 11.44 35.02 10.66
C ILE B 52 10.91 34.75 9.27
N LEU B 53 11.56 33.81 8.59
CA LEU B 53 11.16 33.39 7.27
C LEU B 53 10.46 32.05 7.39
N ILE B 54 9.27 31.96 6.82
CA ILE B 54 8.52 30.73 6.86
C ILE B 54 8.50 30.13 5.45
N ILE B 55 8.92 28.88 5.34
CA ILE B 55 9.01 28.23 4.05
C ILE B 55 8.00 27.13 4.02
N SER B 56 7.07 27.20 3.07
CA SER B 56 6.05 26.18 2.98
C SER B 56 5.74 25.81 1.54
N THR B 57 4.78 24.91 1.37
CA THR B 57 4.38 24.41 0.07
C THR B 57 3.58 25.44 -0.69
N PRO B 58 3.42 25.25 -2.01
CA PRO B 58 2.71 26.26 -2.78
C PRO B 58 1.24 26.39 -2.37
N GLN B 59 0.57 25.28 -2.07
CA GLN B 59 -0.86 25.35 -1.75
C GLN B 59 -1.14 25.91 -0.35
N ASP B 60 -0.24 25.65 0.60
CA ASP B 60 -0.48 25.96 2.00
C ASP B 60 0.20 27.24 2.50
N THR B 61 1.12 27.77 1.72
CA THR B 61 1.77 29.02 2.10
C THR B 61 0.74 30.13 2.33
N PRO B 62 -0.25 30.24 1.44
CA PRO B 62 -1.24 31.30 1.68
C PRO B 62 -2.09 31.06 2.93
N ARG B 63 -2.27 29.81 3.34
CA ARG B 63 -3.02 29.54 4.57
C ARG B 63 -2.23 30.05 5.78
N PHE B 64 -0.91 29.83 5.77
CA PHE B 64 -0.06 30.36 6.84
C PHE B 64 -0.13 31.87 6.89
N GLN B 65 -0.19 32.48 5.71
CA GLN B 65 -0.27 33.93 5.64
C GLN B 65 -1.63 34.42 6.16
N GLN B 66 -2.67 33.63 5.91
CA GLN B 66 -4.01 33.96 6.37
C GLN B 66 -4.02 33.92 7.89
N LEU B 67 -3.31 32.95 8.44
CA LEU B 67 -3.25 32.75 9.88
C LEU B 67 -2.36 33.76 10.57
N LEU B 68 -1.22 34.06 9.96
CA LEU B 68 -0.16 34.78 10.68
C LEU B 68 0.04 36.20 10.16
N GLY B 69 -0.46 36.46 8.96
CA GLY B 69 -0.23 37.77 8.36
C GLY B 69 1.26 38.06 8.31
N ASP B 70 1.65 39.30 8.54
CA ASP B 70 3.07 39.61 8.51
C ASP B 70 3.67 39.60 9.90
N GLY B 71 2.92 39.09 10.87
CA GLY B 71 3.41 38.97 12.23
C GLY B 71 3.57 40.29 12.95
N SER B 72 3.22 41.39 12.31
CA SER B 72 3.32 42.71 12.95
C SER B 72 2.42 42.85 14.18
N GLN B 73 1.38 42.05 14.23
CA GLN B 73 0.46 42.11 15.35
C GLN B 73 1.16 41.63 16.62
N TRP B 74 2.30 40.98 16.45
CA TRP B 74 3.00 40.36 17.57
C TRP B 74 4.37 40.97 17.74
N GLY B 75 4.62 42.05 17.02
CA GLY B 75 5.91 42.71 17.02
C GLY B 75 6.95 41.97 16.19
N LEU B 76 6.48 41.09 15.32
CA LEU B 76 7.38 40.35 14.47
C LEU B 76 7.38 40.87 13.05
N ASN B 77 8.28 40.32 12.25
CA ASN B 77 8.33 40.58 10.83
C ASN B 77 8.40 39.22 10.19
N LEU B 78 7.27 38.75 9.68
CA LEU B 78 7.22 37.44 9.07
C LEU B 78 7.31 37.59 7.55
N GLN B 79 8.06 36.70 6.92
CA GLN B 79 8.20 36.70 5.47
C GLN B 79 8.02 35.28 5.00
N TYR B 80 7.64 35.11 3.73
CA TYR B 80 7.27 33.78 3.27
C TYR B 80 7.95 33.42 1.95
N LYS B 81 8.18 32.13 1.76
CA LYS B 81 8.82 31.63 0.55
C LYS B 81 8.39 30.19 0.31
N VAL B 82 8.18 29.85 -0.95
CA VAL B 82 7.65 28.53 -1.31
C VAL B 82 8.75 27.54 -1.61
N SER B 83 8.66 26.33 -1.05
CA SER B 83 9.70 25.33 -1.28
C SER B 83 9.64 24.84 -2.70
N PRO B 84 10.80 24.79 -3.35
CA PRO B 84 10.94 24.41 -4.76
C PRO B 84 11.10 22.91 -4.93
N SER B 85 11.70 22.26 -3.94
CA SER B 85 11.99 20.84 -4.00
C SER B 85 11.35 20.12 -2.83
N PRO B 86 10.82 18.92 -3.09
CA PRO B 86 10.22 18.05 -2.08
C PRO B 86 11.13 17.80 -0.89
N ASP B 87 12.43 17.70 -1.16
CA ASP B 87 13.41 17.43 -0.12
C ASP B 87 14.59 18.39 -0.23
N GLY B 88 15.65 18.09 0.51
CA GLY B 88 16.82 18.94 0.55
C GLY B 88 16.54 20.08 1.50
N LEU B 89 16.53 19.78 2.79
CA LEU B 89 16.19 20.79 3.79
C LEU B 89 17.24 21.91 3.91
N ALA B 90 18.51 21.56 3.72
CA ALA B 90 19.54 22.60 3.77
C ALA B 90 19.31 23.64 2.68
N GLN B 91 18.45 23.32 1.71
CA GLN B 91 18.10 24.26 0.65
C GLN B 91 17.50 25.53 1.24
N ALA B 92 17.13 25.46 2.52
CA ALA B 92 16.58 26.61 3.23
C ALA B 92 17.49 27.80 3.19
N PHE B 93 18.78 27.55 3.37
CA PHE B 93 19.75 28.62 3.43
C PHE B 93 19.99 29.23 2.07
N ILE B 94 19.73 28.45 1.03
CA ILE B 94 19.83 28.95 -0.34
C ILE B 94 18.62 29.80 -0.68
N ILE B 95 17.43 29.24 -0.42
CA ILE B 95 16.18 29.97 -0.59
C ILE B 95 16.21 31.32 0.15
N GLY B 96 16.74 31.34 1.37
CA GLY B 96 16.71 32.54 2.17
C GLY B 96 18.04 33.26 2.25
N GLU B 97 18.88 33.09 1.23
CA GLU B 97 20.17 33.75 1.22
C GLU B 97 19.99 35.25 1.41
N GLU B 98 18.98 35.80 0.73
CA GLU B 98 18.70 37.23 0.79
C GLU B 98 18.10 37.63 2.13
N PHE B 99 17.13 36.85 2.60
CA PHE B 99 16.54 37.10 3.90
C PHE B 99 17.65 37.19 4.95
N ILE B 100 18.59 36.25 4.86
CA ILE B 100 19.62 36.11 5.89
C ILE B 100 20.64 37.24 5.84
N GLY B 101 20.97 37.69 4.63
CA GLY B 101 21.90 38.79 4.45
C GLY B 101 23.22 38.43 5.07
N HIS B 102 23.71 39.30 5.95
CA HIS B 102 24.99 39.08 6.62
C HIS B 102 24.83 38.54 8.04
N ASP B 103 23.61 38.24 8.45
CA ASP B 103 23.37 37.93 9.87
C ASP B 103 23.52 36.45 10.16
N ASP B 104 23.54 36.11 11.45
CA ASP B 104 23.49 34.71 11.87
C ASP B 104 22.03 34.27 11.74
N CYS B 105 21.81 32.97 11.66
CA CYS B 105 20.45 32.46 11.47
C CYS B 105 20.14 31.23 12.33
N ALA B 106 18.90 31.11 12.77
CA ALA B 106 18.41 29.89 13.43
C ALA B 106 17.47 29.17 12.51
N LEU B 107 17.41 27.85 12.64
CA LEU B 107 16.50 27.07 11.82
C LEU B 107 15.75 26.14 12.74
N VAL B 108 14.43 26.07 12.59
CA VAL B 108 13.64 25.17 13.40
C VAL B 108 12.66 24.48 12.49
N LEU B 109 12.41 23.21 12.75
CA LEU B 109 11.47 22.45 11.95
C LEU B 109 10.03 22.69 12.43
N GLY B 110 9.10 22.77 11.49
CA GLY B 110 7.73 23.12 11.80
C GLY B 110 7.02 22.16 12.72
N ASP B 111 7.42 20.90 12.76
CA ASP B 111 6.75 19.89 13.60
C ASP B 111 7.42 19.64 14.97
N ASN B 112 8.35 20.51 15.37
CA ASN B 112 9.09 20.36 16.63
C ASN B 112 8.56 21.19 17.79
N ILE B 113 8.18 20.49 18.84
CA ILE B 113 7.63 21.12 20.02
C ILE B 113 8.60 21.05 21.17
N PHE B 114 9.17 22.21 21.55
CA PHE B 114 10.07 22.31 22.67
C PHE B 114 9.42 22.92 23.92
N TYR B 115 9.68 22.33 25.09
CA TYR B 115 9.23 22.86 26.38
C TYR B 115 10.30 22.74 27.45
N GLY B 116 10.49 23.81 28.22
CA GLY B 116 11.42 23.77 29.32
C GLY B 116 11.68 25.16 29.87
N HIS B 117 11.58 25.28 31.19
CA HIS B 117 11.80 26.55 31.88
C HIS B 117 13.10 27.18 31.40
N ASP B 118 14.16 26.39 31.38
CA ASP B 118 15.49 26.94 31.09
C ASP B 118 15.82 27.07 29.61
N LEU B 119 14.87 26.79 28.73
CA LEU B 119 15.19 26.78 27.31
C LEU B 119 15.77 28.09 26.75
N PRO B 120 15.22 29.25 27.16
CA PRO B 120 15.78 30.52 26.69
C PRO B 120 17.25 30.73 27.08
N LYS B 121 17.65 30.37 28.30
CA LYS B 121 19.05 30.47 28.69
C LYS B 121 19.90 29.66 27.71
N LEU B 122 19.46 28.44 27.38
CA LEU B 122 20.17 27.59 26.42
C LEU B 122 20.34 28.29 25.10
N MET B 123 19.27 28.96 24.67
CA MET B 123 19.26 29.56 23.34
C MET B 123 20.06 30.85 23.33
N GLU B 124 20.06 31.58 24.44
CA GLU B 124 20.83 32.82 24.53
C GLU B 124 22.31 32.49 24.40
N ALA B 125 22.73 31.40 25.02
CA ALA B 125 24.08 30.88 24.87
C ALA B 125 24.42 30.56 23.41
N ALA B 126 23.53 29.86 22.72
CA ALA B 126 23.80 29.47 21.34
C ALA B 126 23.87 30.68 20.42
N VAL B 127 23.03 31.68 20.70
CA VAL B 127 23.03 32.94 19.94
C VAL B 127 24.32 33.72 20.13
N ASN B 128 24.84 33.68 21.35
CA ASN B 128 26.06 34.41 21.70
C ASN B 128 27.34 33.76 21.20
N LYS B 129 27.40 32.43 21.17
CA LYS B 129 28.50 31.73 20.50
C LYS B 129 28.70 32.40 19.15
N GLU B 130 29.95 32.67 18.78
CA GLU B 130 30.19 33.54 17.63
C GLU B 130 30.80 32.88 16.40
N SER B 131 31.56 31.81 16.59
CA SER B 131 31.92 30.99 15.45
C SER B 131 31.19 29.67 15.52
N GLY B 132 30.67 29.24 14.38
CA GLY B 132 30.10 27.92 14.29
C GLY B 132 28.61 27.82 14.54
N ALA B 133 28.21 26.70 15.12
CA ALA B 133 26.83 26.29 15.15
C ALA B 133 26.56 25.60 16.46
N THR B 134 25.32 25.67 16.90
CA THR B 134 24.89 24.95 18.08
C THR B 134 23.71 24.05 17.69
N VAL B 135 23.85 22.73 17.81
CA VAL B 135 22.67 21.87 17.64
C VAL B 135 22.02 21.58 18.98
N PHE B 136 20.76 21.16 18.94
CA PHE B 136 20.06 20.92 20.19
C PHE B 136 19.76 19.43 20.36
N ALA B 137 20.25 18.88 21.47
CA ALA B 137 20.19 17.44 21.72
C ALA B 137 19.32 17.09 22.92
N TYR B 138 18.65 15.95 22.80
CA TYR B 138 17.64 15.56 23.75
C TYR B 138 17.86 14.12 24.17
N HIS B 139 17.97 13.91 25.47
CA HIS B 139 18.18 12.56 25.96
C HIS B 139 16.96 11.67 25.65
N VAL B 140 17.23 10.57 24.97
CA VAL B 140 16.20 9.57 24.70
C VAL B 140 16.63 8.19 25.23
N ASN B 141 15.66 7.29 25.37
CA ASN B 141 15.94 5.93 25.81
C ASN B 141 16.25 5.01 24.63
N ASP B 142 15.96 5.50 23.44
CA ASP B 142 16.11 4.70 22.23
C ASP B 142 16.90 5.44 21.13
N PRO B 143 18.16 5.82 21.43
CA PRO B 143 18.98 6.60 20.49
C PRO B 143 18.94 6.03 19.07
N GLU B 144 18.88 4.71 18.96
CA GLU B 144 18.93 4.03 17.67
C GLU B 144 17.89 4.53 16.69
N ARG B 145 16.89 5.24 17.20
CA ARG B 145 15.73 5.61 16.41
C ARG B 145 15.89 6.97 15.73
N TYR B 146 16.75 7.81 16.28
CA TYR B 146 16.92 9.17 15.78
C TYR B 146 18.30 9.35 15.18
N GLY B 147 18.62 10.58 14.78
CA GLY B 147 19.98 10.93 14.43
C GLY B 147 20.74 11.25 15.72
N VAL B 148 21.90 10.64 15.90
CA VAL B 148 22.56 10.70 17.19
C VAL B 148 23.84 11.50 17.19
N VAL B 149 24.01 12.34 18.22
CA VAL B 149 25.22 13.11 18.35
C VAL B 149 26.01 12.67 19.57
N GLU B 150 27.26 12.28 19.35
CA GLU B 150 28.16 11.95 20.44
C GLU B 150 29.06 13.15 20.67
N PHE B 151 29.24 13.58 21.91
CA PHE B 151 29.97 14.82 22.12
C PHE B 151 30.94 14.92 23.30
N ASP B 152 31.74 15.98 23.21
CA ASP B 152 32.83 16.34 24.12
C ASP B 152 32.28 16.81 25.46
N GLN B 153 33.16 16.98 26.45
CA GLN B 153 32.80 17.63 27.71
C GLN B 153 32.76 19.14 27.53
N LYS B 154 33.39 19.62 26.44
CA LYS B 154 33.38 21.04 26.12
C LYS B 154 32.01 21.40 25.54
N GLY B 155 31.36 20.41 24.96
CA GLY B 155 30.09 20.61 24.28
C GLY B 155 30.29 20.51 22.78
N THR B 156 31.46 20.03 22.39
CA THR B 156 31.78 19.93 20.95
C THR B 156 31.41 18.55 20.42
N ALA B 157 30.65 18.54 19.33
CA ALA B 157 30.23 17.30 18.68
C ALA B 157 31.45 16.56 18.14
N VAL B 158 31.46 15.22 18.28
CA VAL B 158 32.55 14.38 17.78
C VAL B 158 32.11 13.32 16.76
N SER B 159 30.81 13.06 16.69
CA SER B 159 30.26 12.19 15.65
C SER B 159 28.77 12.43 15.46
N LEU B 160 28.31 12.25 14.22
CA LEU B 160 26.91 12.35 13.87
C LEU B 160 26.47 11.11 13.13
N GLU B 161 25.51 10.38 13.69
CA GLU B 161 25.10 9.11 13.10
C GLU B 161 23.58 8.95 12.99
N GLU B 162 23.11 8.77 11.76
CA GLU B 162 21.68 8.52 11.48
C GLU B 162 21.24 7.12 11.90
N LYS B 163 20.41 7.05 12.94
CA LYS B 163 19.90 5.78 13.43
C LYS B 163 21.01 4.73 13.57
N PRO B 164 22.01 5.03 14.42
CA PRO B 164 23.13 4.09 14.55
C PRO B 164 22.67 2.77 15.13
N LEU B 165 23.17 1.66 14.60
CA LEU B 165 22.88 0.37 15.21
C LEU B 165 23.64 0.27 16.53
N GLN B 166 24.80 0.91 16.58
CA GLN B 166 25.60 0.99 17.79
C GLN B 166 25.69 2.43 18.26
N PRO B 167 24.58 2.98 18.78
CA PRO B 167 24.50 4.39 19.18
C PRO B 167 25.69 4.80 20.03
N LYS B 168 26.36 5.88 19.64
CA LYS B 168 27.54 6.36 20.38
C LYS B 168 27.14 7.21 21.60
N SER B 169 25.84 7.47 21.72
CA SER B 169 25.34 8.34 22.77
C SER B 169 23.83 8.22 22.87
N ASN B 170 23.26 8.74 23.95
CA ASN B 170 21.81 8.70 24.13
C ASN B 170 21.16 10.01 23.71
N TYR B 171 21.92 10.85 23.00
CA TYR B 171 21.41 12.16 22.62
C TYR B 171 20.98 12.24 21.15
N ALA B 172 19.67 12.47 20.96
CA ALA B 172 19.06 12.64 19.65
C ALA B 172 19.20 14.10 19.25
N VAL B 173 19.46 14.34 17.97
CA VAL B 173 19.51 15.70 17.45
C VAL B 173 18.11 16.18 17.13
N THR B 174 17.71 17.27 17.75
CA THR B 174 16.38 17.79 17.52
C THR B 174 16.42 18.77 16.34
N GLY B 175 15.25 19.28 15.96
CA GLY B 175 15.12 20.16 14.82
C GLY B 175 15.24 21.63 15.15
N LEU B 176 16.18 21.94 16.03
CA LEU B 176 16.50 23.34 16.38
C LEU B 176 18.00 23.58 16.29
N TYR B 177 18.37 24.53 15.42
CA TYR B 177 19.77 24.73 15.05
C TYR B 177 20.10 26.20 15.06
N PHE B 178 21.32 26.53 15.47
CA PHE B 178 21.82 27.90 15.40
C PHE B 178 23.10 27.97 14.58
N TYR B 179 23.12 28.88 13.62
CA TYR B 179 24.24 29.00 12.71
C TYR B 179 24.81 30.40 12.74
N ASP B 180 26.09 30.50 12.41
CA ASP B 180 26.64 31.79 12.08
C ASP B 180 26.46 31.97 10.56
N ASN B 181 26.76 33.15 10.05
CA ASN B 181 26.51 33.50 8.65
C ASN B 181 27.19 32.58 7.64
N SER B 182 28.24 31.90 8.07
CA SER B 182 29.01 31.07 7.16
C SER B 182 28.19 29.91 6.63
N VAL B 183 26.99 29.72 7.15
CA VAL B 183 26.16 28.59 6.75
C VAL B 183 25.61 28.74 5.34
N VAL B 184 25.24 29.96 4.97
CA VAL B 184 24.70 30.22 3.64
C VAL B 184 25.72 29.75 2.65
N GLU B 185 26.98 30.03 2.98
CA GLU B 185 28.11 29.69 2.14
C GLU B 185 28.27 28.18 2.01
N MET B 186 28.19 27.47 3.13
CA MET B 186 28.26 26.01 3.09
C MET B 186 27.19 25.45 2.17
N ALA B 187 25.97 25.93 2.35
CA ALA B 187 24.83 25.40 1.63
C ALA B 187 24.94 25.62 0.14
N LYS B 188 25.40 26.80 -0.27
CA LYS B 188 25.63 27.10 -1.68
C LYS B 188 26.67 26.17 -2.26
N ASN B 189 27.70 25.89 -1.47
CA ASN B 189 28.81 25.03 -1.92
C ASN B 189 28.67 23.57 -1.50
N LEU B 190 27.45 23.15 -1.19
CA LEU B 190 27.23 21.77 -0.79
C LEU B 190 26.71 20.98 -1.97
N LYS B 191 26.95 19.69 -1.92
CA LYS B 191 26.45 18.80 -2.96
C LYS B 191 25.64 17.68 -2.32
N PRO B 192 24.62 17.19 -3.05
CA PRO B 192 23.65 16.24 -2.51
C PRO B 192 24.30 15.08 -1.75
N SER B 193 23.59 14.54 -0.77
CA SER B 193 24.00 13.34 -0.06
C SER B 193 23.75 12.09 -0.93
N ALA B 194 23.60 10.92 -0.30
CA ALA B 194 23.27 9.69 -1.00
C ALA B 194 21.81 9.62 -1.47
N ARG B 195 21.01 10.62 -1.09
CA ARG B 195 19.60 10.67 -1.50
C ARG B 195 19.24 11.88 -2.38
N GLY B 196 20.26 12.56 -2.91
CA GLY B 196 20.10 13.46 -4.05
C GLY B 196 19.91 14.92 -3.70
N GLU B 197 20.07 15.22 -2.42
CA GLU B 197 19.54 16.44 -1.88
C GLU B 197 20.41 16.97 -0.75
N LEU B 198 20.41 18.28 -0.58
CA LEU B 198 21.24 18.94 0.41
C LEU B 198 20.67 18.78 1.82
N GLU B 199 21.43 18.16 2.72
CA GLU B 199 20.92 17.75 4.03
C GLU B 199 21.34 18.71 5.14
N ILE B 200 20.48 18.87 6.15
CA ILE B 200 20.88 19.61 7.33
C ILE B 200 22.01 18.88 8.03
N THR B 201 21.96 17.55 8.02
CA THR B 201 23.00 16.73 8.63
C THR B 201 24.38 16.94 8.01
N ASP B 202 24.46 17.03 6.68
CA ASP B 202 25.73 17.29 6.00
C ASP B 202 26.32 18.58 6.54
N ILE B 203 25.50 19.61 6.56
CA ILE B 203 25.91 20.93 7.01
C ILE B 203 26.46 20.87 8.41
N ASN B 204 25.75 20.16 9.29
CA ASN B 204 26.15 20.01 10.69
C ASN B 204 27.49 19.29 10.83
N ARG B 205 27.73 18.23 10.08
CA ARG B 205 29.05 17.65 10.29
C ARG B 205 30.11 18.62 9.86
N ILE B 206 29.91 19.24 8.72
CA ILE B 206 30.95 20.16 8.31
C ILE B 206 31.43 20.99 9.49
N TYR B 207 30.52 21.67 10.17
CA TYR B 207 30.87 22.48 11.33
C TYR B 207 31.63 21.67 12.35
N MET B 208 31.19 20.43 12.53
CA MET B 208 31.82 19.55 13.49
C MET B 208 33.25 19.22 13.06
N GLU B 209 33.43 18.96 11.76
CA GLU B 209 34.75 18.65 11.20
C GLU B 209 35.71 19.82 11.36
N GLN B 210 35.17 21.03 11.48
CA GLN B 210 35.97 22.22 11.73
C GLN B 210 36.07 22.49 13.21
N GLY B 211 35.40 21.66 14.01
CA GLY B 211 35.42 21.82 15.45
C GLY B 211 34.52 22.92 15.95
N ARG B 212 33.79 23.55 15.04
CA ARG B 212 32.96 24.69 15.42
C ARG B 212 31.52 24.31 15.71
N LEU B 213 31.26 23.05 16.03
CA LEU B 213 29.89 22.61 16.32
C LEU B 213 29.67 22.29 17.81
N SER B 214 28.86 23.11 18.47
CA SER B 214 28.52 22.92 19.87
C SER B 214 27.20 22.17 20.02
N VAL B 215 26.96 21.66 21.23
CA VAL B 215 25.78 20.87 21.49
C VAL B 215 25.08 21.38 22.73
N ALA B 216 23.89 21.95 22.53
CA ALA B 216 23.02 22.35 23.64
C ALA B 216 22.27 21.14 24.17
N MET B 217 22.39 20.90 25.47
CA MET B 217 21.94 19.64 26.06
C MET B 217 20.62 19.84 26.79
N MET B 218 19.57 19.18 26.31
CA MET B 218 18.28 19.23 26.99
C MET B 218 18.05 17.98 27.82
N GLY B 219 18.30 18.08 29.11
CA GLY B 219 18.16 16.94 29.99
C GLY B 219 16.83 16.89 30.71
N ARG B 220 16.81 16.26 31.88
CA ARG B 220 15.56 16.18 32.61
C ARG B 220 15.03 17.59 32.88
N GLY B 221 13.73 17.75 32.79
CA GLY B 221 13.10 19.06 32.88
C GLY B 221 12.58 19.53 31.52
N TYR B 222 13.16 19.00 30.45
CA TYR B 222 12.81 19.36 29.09
C TYR B 222 11.90 18.31 28.44
N ALA B 223 10.99 18.78 27.61
CA ALA B 223 10.13 17.92 26.80
C ALA B 223 10.38 18.22 25.33
N TRP B 224 10.35 17.19 24.49
CA TRP B 224 10.48 17.40 23.06
C TRP B 224 9.58 16.42 22.28
N LEU B 225 8.79 16.93 21.33
CA LEU B 225 7.97 16.06 20.49
C LEU B 225 8.16 16.34 19.00
N ASP B 226 8.31 15.27 18.22
CA ASP B 226 8.29 15.40 16.77
C ASP B 226 6.92 14.93 16.33
N THR B 227 6.06 15.90 16.09
CA THR B 227 4.65 15.66 15.94
C THR B 227 4.33 15.31 14.52
N GLY B 228 4.39 14.03 14.19
CA GLY B 228 4.28 13.66 12.81
C GLY B 228 3.64 12.31 12.61
N THR B 229 3.18 11.71 13.69
CA THR B 229 2.33 10.53 13.63
C THR B 229 1.06 10.73 14.44
N HIS B 230 0.03 9.96 14.14
CA HIS B 230 -1.24 10.13 14.82
C HIS B 230 -1.11 10.02 16.34
N GLN B 231 -0.34 9.04 16.79
CA GLN B 231 -0.11 8.83 18.21
C GLN B 231 0.62 10.01 18.87
N SER B 232 1.60 10.58 18.18
CA SER B 232 2.44 11.56 18.85
C SER B 232 1.70 12.89 18.86
N LEU B 233 0.89 13.11 17.83
CA LEU B 233 0.04 14.28 17.74
C LEU B 233 -0.92 14.32 18.96
N ILE B 234 -1.55 13.20 19.25
CA ILE B 234 -2.47 13.18 20.36
C ILE B 234 -1.74 13.19 21.71
N GLU B 235 -0.51 12.68 21.76
CA GLU B 235 0.28 12.77 23.00
C GLU B 235 0.70 14.19 23.27
N ALA B 236 1.08 14.90 22.21
CA ALA B 236 1.42 16.30 22.33
C ALA B 236 0.22 17.15 22.77
N SER B 237 -0.94 16.93 22.15
CA SER B 237 -2.15 17.68 22.50
C SER B 237 -2.45 17.49 23.97
N ASN B 238 -2.46 16.24 24.41
CA ASN B 238 -2.70 15.91 25.80
C ASN B 238 -1.68 16.53 26.74
N PHE B 239 -0.42 16.58 26.30
CA PHE B 239 0.63 17.12 27.16
C PHE B 239 0.41 18.60 27.36
N ILE B 240 0.18 19.31 26.27
CA ILE B 240 -0.14 20.73 26.37
C ILE B 240 -1.40 20.96 27.22
N ALA B 241 -2.46 20.20 26.98
CA ALA B 241 -3.70 20.46 27.70
C ALA B 241 -3.48 20.25 29.17
N THR B 242 -2.74 19.21 29.52
CA THR B 242 -2.48 18.87 30.92
C THR B 242 -1.67 19.95 31.66
N ILE B 243 -0.57 20.37 31.07
CA ILE B 243 0.25 21.43 31.65
C ILE B 243 -0.52 22.72 31.86
N GLU B 244 -1.20 23.16 30.82
CA GLU B 244 -1.97 24.38 30.85
C GLU B 244 -3.07 24.34 31.92
N GLU B 245 -3.76 23.21 32.02
CA GLU B 245 -4.88 23.08 32.96
C GLU B 245 -4.42 22.93 34.40
N ARG B 246 -3.36 22.16 34.61
CA ARG B 246 -2.92 21.85 35.97
C ARG B 246 -2.05 22.94 36.59
N GLN B 247 -1.30 23.65 35.76
CA GLN B 247 -0.35 24.63 36.24
C GLN B 247 -0.68 26.06 35.85
N GLY B 248 -1.76 26.27 35.13
CA GLY B 248 -2.26 27.60 34.88
C GLY B 248 -1.41 28.49 34.00
N LEU B 249 -0.73 27.90 33.03
CA LEU B 249 0.08 28.72 32.14
C LEU B 249 -0.12 28.24 30.70
N LYS B 250 0.07 29.12 29.74
CA LYS B 250 -0.01 28.69 28.37
C LYS B 250 1.36 28.32 27.84
N VAL B 251 1.41 27.25 27.07
CA VAL B 251 2.64 26.86 26.39
C VAL B 251 2.67 27.39 24.93
N SER B 252 3.72 28.11 24.58
CA SER B 252 3.87 28.61 23.22
C SER B 252 2.67 29.42 22.77
N CYS B 253 2.25 30.33 23.63
CA CYS B 253 1.24 31.30 23.25
C CYS B 253 1.91 32.59 22.77
N PRO B 254 1.91 32.83 21.46
CA PRO B 254 2.68 33.96 20.89
C PRO B 254 2.25 35.33 21.43
N GLU B 255 0.97 35.51 21.67
CA GLU B 255 0.50 36.76 22.23
C GLU B 255 1.05 36.98 23.64
N GLU B 256 1.08 35.94 24.48
CA GLU B 256 1.68 36.05 25.80
C GLU B 256 3.19 36.36 25.71
N ILE B 257 3.89 35.68 24.82
CA ILE B 257 5.33 35.87 24.69
C ILE B 257 5.64 37.27 24.18
N ALA B 258 4.92 37.72 23.17
CA ALA B 258 5.12 39.05 22.65
C ALA B 258 4.87 40.08 23.73
N PHE B 259 3.95 39.79 24.63
CA PHE B 259 3.62 40.77 25.64
C PHE B 259 4.68 40.78 26.73
N ARG B 260 5.06 39.61 27.20
CA ARG B 260 6.00 39.52 28.32
C ARG B 260 7.43 39.92 27.91
N LYS B 261 7.76 39.85 26.63
CA LYS B 261 9.05 40.31 26.15
C LYS B 261 8.99 41.74 25.61
N ASN B 262 7.86 42.39 25.84
CA ASN B 262 7.62 43.78 25.38
C ASN B 262 7.68 44.05 23.88
N PHE B 263 7.33 43.07 23.05
CA PHE B 263 7.12 43.30 21.61
C PHE B 263 5.82 44.10 21.40
N ILE B 264 4.89 43.96 22.34
CA ILE B 264 3.58 44.59 22.25
C ILE B 264 3.10 44.98 23.64
N ASN B 265 2.19 45.95 23.70
CA ASN B 265 1.65 46.42 24.98
C ASN B 265 0.31 45.78 25.36
N ALA B 266 -0.22 46.15 26.53
CA ALA B 266 -1.46 45.55 27.03
C ALA B 266 -2.67 45.84 26.15
N GLN B 267 -2.62 46.95 25.43
CA GLN B 267 -3.69 47.35 24.52
C GLN B 267 -3.75 46.45 23.31
N GLN B 268 -2.61 46.24 22.67
CA GLN B 268 -2.55 45.36 21.51
C GLN B 268 -3.01 43.99 21.92
N VAL B 269 -2.66 43.57 23.13
CA VAL B 269 -3.11 42.28 23.62
C VAL B 269 -4.63 42.26 23.67
N ILE B 270 -5.22 43.28 24.29
CA ILE B 270 -6.67 43.37 24.40
C ILE B 270 -7.36 43.29 23.04
N GLU B 271 -6.87 44.03 22.05
CA GLU B 271 -7.46 43.92 20.71
C GLU B 271 -7.31 42.52 20.12
N LEU B 272 -6.21 41.85 20.42
CA LEU B 272 -5.98 40.50 19.92
C LEU B 272 -6.82 39.47 20.65
N ALA B 273 -7.12 39.76 21.92
CA ALA B 273 -7.95 38.86 22.72
C ALA B 273 -9.41 38.88 22.26
N GLY B 274 -9.76 39.87 21.44
CA GLY B 274 -11.14 40.09 21.04
C GLY B 274 -11.79 38.92 20.34
N PRO B 275 -11.21 38.52 19.21
CA PRO B 275 -11.62 37.34 18.41
C PRO B 275 -11.57 36.02 19.17
N LEU B 276 -10.81 35.95 20.27
CA LEU B 276 -10.67 34.71 21.02
C LEU B 276 -11.48 34.73 22.32
N SER B 277 -12.37 35.71 22.44
CA SER B 277 -13.13 35.89 23.68
C SER B 277 -14.23 34.84 23.88
N LYS B 278 -14.49 34.03 22.87
CA LYS B 278 -15.47 32.96 23.01
C LYS B 278 -14.89 31.67 23.61
N ASN B 279 -13.62 31.69 23.97
CA ASN B 279 -12.99 30.52 24.59
C ASN B 279 -11.98 30.96 25.64
N ASP B 280 -11.29 30.00 26.24
CA ASP B 280 -10.40 30.34 27.34
C ASP B 280 -9.12 31.01 26.90
N TYR B 281 -8.79 30.85 25.63
CA TYR B 281 -7.59 31.46 25.07
C TYR B 281 -7.73 32.98 25.18
N GLY B 282 -8.84 33.53 24.71
CA GLY B 282 -9.05 34.96 24.81
C GLY B 282 -9.09 35.41 26.25
N LYS B 283 -9.72 34.61 27.10
CA LYS B 283 -9.92 35.01 28.49
C LYS B 283 -8.63 34.95 29.28
N TYR B 284 -7.75 34.02 28.91
CA TYR B 284 -6.40 33.95 29.47
C TYR B 284 -5.61 35.23 29.20
N LEU B 285 -5.57 35.64 27.93
CA LEU B 285 -4.90 36.88 27.54
C LEU B 285 -5.38 38.09 28.35
N LEU B 286 -6.65 38.13 28.69
CA LEU B 286 -7.20 39.24 29.47
C LEU B 286 -6.76 39.22 30.94
N LYS B 287 -6.79 38.04 31.55
CA LYS B 287 -6.33 37.87 32.93
C LYS B 287 -4.85 38.20 33.01
N MET B 288 -4.10 37.82 32.00
CA MET B 288 -2.67 38.07 31.97
C MET B 288 -2.35 39.56 32.04
N VAL B 289 -3.06 40.37 31.27
CA VAL B 289 -2.74 41.79 31.20
C VAL B 289 -2.90 42.51 32.53
N LYS B 290 -3.74 41.97 33.40
CA LYS B 290 -4.23 42.69 34.59
C LYS B 290 -4.44 41.79 35.81
N THR C 3 -23.55 -27.15 39.83
CA THR C 3 -23.49 -25.72 40.14
C THR C 3 -22.23 -25.09 39.55
N ARG C 4 -22.35 -23.83 39.11
CA ARG C 4 -21.24 -23.15 38.46
C ARG C 4 -20.29 -22.57 39.49
N LYS C 5 -19.03 -23.00 39.42
CA LYS C 5 -18.04 -22.49 40.36
C LYS C 5 -16.89 -21.76 39.69
N GLY C 6 -16.28 -20.83 40.42
CA GLY C 6 -15.16 -20.07 39.93
C GLY C 6 -14.14 -19.90 41.04
N ILE C 7 -12.90 -19.63 40.65
CA ILE C 7 -11.82 -19.34 41.59
C ILE C 7 -11.07 -18.11 41.10
N ILE C 8 -10.85 -17.15 41.99
CA ILE C 8 -10.06 -15.97 41.64
C ILE C 8 -8.69 -15.98 42.32
N LEU C 9 -7.64 -15.95 41.51
CA LEU C 9 -6.28 -15.86 42.04
C LEU C 9 -5.94 -14.40 42.31
N ALA C 10 -5.94 -14.03 43.59
CA ALA C 10 -5.86 -12.63 43.98
C ALA C 10 -4.76 -12.35 44.99
N GLY C 11 -3.67 -13.12 44.92
CA GLY C 11 -2.50 -12.85 45.73
C GLY C 11 -1.35 -12.33 44.91
N GLY C 12 -0.17 -12.88 45.17
CA GLY C 12 1.03 -12.50 44.44
C GLY C 12 1.73 -11.33 45.10
N SER C 13 2.85 -10.91 44.51
CA SER C 13 3.65 -9.83 45.10
C SER C 13 3.51 -8.48 44.40
N GLY C 14 3.18 -8.50 43.11
CA GLY C 14 3.03 -7.29 42.32
C GLY C 14 4.29 -6.46 42.25
N THR C 15 5.43 -7.14 42.20
CA THR C 15 6.74 -6.48 42.29
C THR C 15 6.96 -5.44 41.20
N ARG C 16 6.31 -5.63 40.05
CA ARG C 16 6.47 -4.68 38.96
C ARG C 16 5.79 -3.37 39.29
N LEU C 17 4.94 -3.43 40.30
CA LEU C 17 4.17 -2.28 40.72
C LEU C 17 4.73 -1.57 41.95
N TYR C 18 5.84 -2.05 42.50
CA TYR C 18 6.52 -1.35 43.59
C TYR C 18 6.82 0.06 43.15
N PRO C 19 6.66 1.02 44.07
CA PRO C 19 6.34 0.80 45.48
C PRO C 19 4.83 0.78 45.85
N VAL C 20 3.92 0.90 44.89
CA VAL C 20 2.51 1.02 45.26
C VAL C 20 1.93 -0.29 45.78
N THR C 21 2.61 -1.40 45.51
CA THR C 21 2.13 -2.69 46.01
C THR C 21 2.90 -3.16 47.23
N MET C 22 3.69 -2.26 47.82
CA MET C 22 4.39 -2.61 49.04
C MET C 22 3.47 -2.79 50.25
N ALA C 23 2.43 -1.98 50.37
CA ALA C 23 1.48 -2.19 51.47
C ALA C 23 0.01 -2.40 51.01
N VAL C 24 -0.20 -2.45 49.71
CA VAL C 24 -1.52 -2.68 49.15
C VAL C 24 -1.50 -3.80 48.12
N SER C 25 -2.31 -4.84 48.32
CA SER C 25 -2.42 -5.89 47.32
C SER C 25 -2.74 -5.31 45.95
N LYS C 26 -2.07 -5.82 44.90
CA LYS C 26 -2.35 -5.36 43.53
C LYS C 26 -3.86 -5.38 43.23
N GLN C 27 -4.51 -6.46 43.65
CA GLN C 27 -5.92 -6.67 43.36
C GLN C 27 -6.87 -5.78 44.16
N LEU C 28 -6.32 -4.86 44.96
CA LEU C 28 -7.15 -3.92 45.68
C LEU C 28 -6.92 -2.51 45.15
N LEU C 29 -5.99 -2.38 44.22
CA LEU C 29 -5.71 -1.10 43.61
C LEU C 29 -6.90 -0.66 42.76
N PRO C 30 -7.14 0.65 42.69
CA PRO C 30 -8.26 1.12 41.86
C PRO C 30 -7.97 1.11 40.37
N ILE C 31 -8.87 0.48 39.60
CA ILE C 31 -8.97 0.73 38.18
C ILE C 31 -10.12 1.71 38.04
N TYR C 32 -9.79 2.98 37.86
CA TYR C 32 -10.79 4.04 37.96
C TYR C 32 -11.51 4.07 39.31
N ASP C 33 -12.77 3.68 39.35
CA ASP C 33 -13.57 3.81 40.58
C ASP C 33 -13.88 2.52 41.30
N LYS C 34 -13.21 1.44 40.93
CA LYS C 34 -13.41 0.14 41.60
C LYS C 34 -12.09 -0.54 41.96
N PRO C 35 -12.09 -1.32 43.04
CA PRO C 35 -10.90 -2.14 43.32
C PRO C 35 -10.67 -3.11 42.17
N MET C 36 -9.43 -3.36 41.78
CA MET C 36 -9.13 -4.22 40.64
C MET C 36 -9.97 -5.49 40.65
N ILE C 37 -10.13 -6.10 41.82
CA ILE C 37 -10.77 -7.39 41.89
C ILE C 37 -12.25 -7.38 41.47
N TYR C 38 -12.89 -6.22 41.47
CA TYR C 38 -14.25 -6.10 40.97
C TYR C 38 -14.35 -6.62 39.53
N TYR C 39 -13.28 -6.43 38.75
CA TYR C 39 -13.31 -6.78 37.33
C TYR C 39 -13.34 -8.28 37.03
N PRO C 40 -12.33 -9.03 37.50
CA PRO C 40 -12.42 -10.49 37.33
C PRO C 40 -13.64 -11.08 38.02
N LEU C 41 -14.07 -10.45 39.10
CA LEU C 41 -15.23 -10.95 39.83
C LEU C 41 -16.51 -10.77 39.00
N SER C 42 -16.65 -9.62 38.34
CA SER C 42 -17.78 -9.36 37.48
C SER C 42 -17.77 -10.37 36.35
N THR C 43 -16.58 -10.60 35.81
CA THR C 43 -16.47 -11.51 34.69
C THR C 43 -17.08 -12.87 35.06
N LEU C 44 -16.79 -13.36 36.26
CA LEU C 44 -17.38 -14.62 36.72
C LEU C 44 -18.89 -14.50 36.86
N MET C 45 -19.34 -13.36 37.36
CA MET C 45 -20.77 -13.15 37.57
C MET C 45 -21.51 -13.21 36.24
N LEU C 46 -20.92 -12.62 35.21
CA LEU C 46 -21.52 -12.58 33.88
C LEU C 46 -21.65 -13.96 33.24
N ALA C 47 -20.88 -14.92 33.74
CA ALA C 47 -21.00 -16.28 33.27
C ALA C 47 -21.95 -17.07 34.15
N GLY C 48 -22.64 -16.37 35.05
CA GLY C 48 -23.61 -16.99 35.93
C GLY C 48 -23.00 -17.73 37.10
N ILE C 49 -21.71 -17.46 37.36
CA ILE C 49 -21.01 -18.12 38.45
C ILE C 49 -21.26 -17.33 39.73
N ARG C 50 -21.89 -17.96 40.71
CA ARG C 50 -22.27 -17.28 41.94
C ARG C 50 -21.57 -17.88 43.15
N ASP C 51 -20.84 -18.97 42.94
CA ASP C 51 -20.04 -19.56 44.01
C ASP C 51 -18.56 -19.44 43.66
N ILE C 52 -17.86 -18.60 44.42
CA ILE C 52 -16.52 -18.18 44.05
C ILE C 52 -15.55 -18.25 45.20
N LEU C 53 -14.41 -18.88 44.94
CA LEU C 53 -13.35 -18.98 45.92
C LEU C 53 -12.30 -17.93 45.58
N ILE C 54 -11.93 -17.14 46.57
CA ILE C 54 -10.90 -16.14 46.39
C ILE C 54 -9.64 -16.55 47.14
N ILE C 55 -8.54 -16.68 46.42
CA ILE C 55 -7.30 -17.13 47.02
C ILE C 55 -6.36 -15.94 47.08
N SER C 56 -5.92 -15.60 48.27
CA SER C 56 -5.00 -14.47 48.41
C SER C 56 -3.90 -14.74 49.44
N THR C 57 -3.06 -13.74 49.67
CA THR C 57 -1.93 -13.84 50.58
C THR C 57 -2.43 -13.78 52.02
N PRO C 58 -1.57 -14.16 52.96
CA PRO C 58 -2.00 -14.14 54.37
C PRO C 58 -2.34 -12.74 54.88
N GLN C 59 -1.57 -11.72 54.51
CA GLN C 59 -1.81 -10.38 55.02
C GLN C 59 -3.02 -9.70 54.41
N ASP C 60 -3.28 -9.97 53.12
CA ASP C 60 -4.30 -9.23 52.36
C ASP C 60 -5.65 -9.94 52.27
N THR C 61 -5.69 -11.23 52.59
CA THR C 61 -6.94 -11.98 52.53
C THR C 61 -8.03 -11.34 53.40
N PRO C 62 -7.67 -10.89 54.60
CA PRO C 62 -8.67 -10.19 55.43
C PRO C 62 -9.15 -8.87 54.83
N ARG C 63 -8.30 -8.18 54.06
CA ARG C 63 -8.74 -6.95 53.41
C ARG C 63 -9.81 -7.24 52.35
N PHE C 64 -9.62 -8.31 51.58
CA PHE C 64 -10.64 -8.71 50.61
C PHE C 64 -11.96 -9.08 51.30
N GLN C 65 -11.84 -9.65 52.48
CA GLN C 65 -13.02 -10.04 53.25
C GLN C 65 -13.72 -8.79 53.79
N GLN C 66 -12.93 -7.81 54.20
CA GLN C 66 -13.47 -6.53 54.65
C GLN C 66 -14.21 -5.86 53.49
N LEU C 67 -13.66 -5.97 52.29
CA LEU C 67 -14.26 -5.33 51.12
C LEU C 67 -15.50 -6.06 50.62
N LEU C 68 -15.42 -7.39 50.56
CA LEU C 68 -16.42 -8.17 49.84
C LEU C 68 -17.34 -8.95 50.76
N GLY C 69 -16.92 -9.13 52.01
CA GLY C 69 -17.71 -9.92 52.94
C GLY C 69 -17.88 -11.31 52.35
N ASP C 70 -19.06 -11.88 52.53
CA ASP C 70 -19.33 -13.21 51.97
C ASP C 70 -20.09 -13.10 50.65
N GLY C 71 -20.15 -11.89 50.12
CA GLY C 71 -20.76 -11.67 48.83
C GLY C 71 -22.27 -11.87 48.82
N SER C 72 -22.83 -12.20 49.97
CA SER C 72 -24.28 -12.41 50.05
C SER C 72 -25.05 -11.16 49.65
N GLN C 73 -24.42 -9.99 49.77
CA GLN C 73 -25.05 -8.72 49.43
C GLN C 73 -25.31 -8.62 47.94
N TRP C 74 -24.67 -9.50 47.18
CA TRP C 74 -24.75 -9.45 45.72
C TRP C 74 -25.37 -10.71 45.18
N GLY C 75 -25.89 -11.54 46.08
CA GLY C 75 -26.44 -12.82 45.67
C GLY C 75 -25.38 -13.86 45.42
N LEU C 76 -24.18 -13.62 45.94
CA LEU C 76 -23.09 -14.55 45.74
C LEU C 76 -22.73 -15.31 47.02
N ASN C 77 -21.87 -16.30 46.87
CA ASN C 77 -21.32 -17.01 47.99
C ASN C 77 -19.81 -16.96 47.80
N LEU C 78 -19.16 -16.07 48.54
CA LEU C 78 -17.72 -15.95 48.45
C LEU C 78 -17.05 -16.73 49.57
N GLN C 79 -15.96 -17.40 49.23
CA GLN C 79 -15.21 -18.14 50.21
C GLN C 79 -13.76 -17.79 50.02
N TYR C 80 -12.95 -17.96 51.07
CA TYR C 80 -11.58 -17.48 51.04
C TYR C 80 -10.57 -18.55 51.45
N LYS C 81 -9.37 -18.47 50.87
CA LYS C 81 -8.31 -19.42 51.17
C LYS C 81 -6.95 -18.75 50.94
N VAL C 82 -5.99 -19.04 51.81
CA VAL C 82 -4.68 -18.38 51.76
C VAL C 82 -3.68 -19.19 50.93
N SER C 83 -2.94 -18.51 50.06
CA SER C 83 -1.96 -19.21 49.24
C SER C 83 -0.80 -19.66 50.11
N PRO C 84 -0.41 -20.93 49.97
CA PRO C 84 0.66 -21.55 50.77
C PRO C 84 2.02 -21.34 50.12
N SER C 85 2.04 -21.26 48.79
CA SER C 85 3.29 -21.14 48.03
C SER C 85 3.27 -19.87 47.19
N PRO C 86 4.43 -19.21 47.10
CA PRO C 86 4.65 -18.02 46.28
C PRO C 86 4.23 -18.24 44.83
N ASP C 87 4.46 -19.45 44.32
CA ASP C 87 4.13 -19.75 42.93
C ASP C 87 3.38 -21.08 42.83
N GLY C 88 3.24 -21.57 41.61
CA GLY C 88 2.51 -22.80 41.39
C GLY C 88 1.03 -22.49 41.34
N LEU C 89 0.61 -21.83 40.27
CA LEU C 89 -0.77 -21.38 40.16
C LEU C 89 -1.77 -22.53 40.05
N ALA C 90 -1.39 -23.62 39.40
CA ALA C 90 -2.27 -24.77 39.31
C ALA C 90 -2.59 -25.31 40.70
N GLN C 91 -1.81 -24.90 41.68
CA GLN C 91 -2.05 -25.32 43.07
C GLN C 91 -3.44 -24.89 43.51
N ALA C 92 -4.05 -23.99 42.74
CA ALA C 92 -5.40 -23.51 43.05
C ALA C 92 -6.38 -24.67 43.15
N PHE C 93 -6.25 -25.63 42.24
CA PHE C 93 -7.19 -26.73 42.16
C PHE C 93 -6.99 -27.69 43.32
N ILE C 94 -5.79 -27.69 43.87
CA ILE C 94 -5.50 -28.51 45.02
C ILE C 94 -6.04 -27.84 46.28
N ILE C 95 -5.72 -26.56 46.43
CA ILE C 95 -6.25 -25.75 47.51
C ILE C 95 -7.78 -25.80 47.58
N GLY C 96 -8.43 -25.69 46.42
CA GLY C 96 -9.88 -25.69 46.37
C GLY C 96 -10.53 -27.01 46.01
N GLU C 97 -9.83 -28.13 46.24
CA GLU C 97 -10.38 -29.44 45.90
C GLU C 97 -11.76 -29.60 46.53
N GLU C 98 -11.87 -29.14 47.78
CA GLU C 98 -13.11 -29.29 48.52
C GLU C 98 -14.17 -28.33 48.03
N PHE C 99 -13.77 -27.08 47.82
CA PHE C 99 -14.67 -26.09 47.29
C PHE C 99 -15.30 -26.59 45.99
N ILE C 100 -14.45 -27.14 45.13
CA ILE C 100 -14.87 -27.59 43.81
C ILE C 100 -15.79 -28.81 43.84
N GLY C 101 -15.50 -29.74 44.75
CA GLY C 101 -16.33 -30.91 44.90
C GLY C 101 -16.38 -31.66 43.60
N HIS C 102 -17.58 -31.94 43.11
CA HIS C 102 -17.73 -32.69 41.89
C HIS C 102 -18.06 -31.83 40.68
N ASP C 103 -18.04 -30.52 40.88
CA ASP C 103 -18.49 -29.60 39.83
C ASP C 103 -17.37 -29.19 38.88
N ASP C 104 -17.76 -28.57 37.76
CA ASP C 104 -16.81 -27.99 36.85
C ASP C 104 -16.39 -26.67 37.46
N CYS C 105 -15.24 -26.16 37.04
CA CYS C 105 -14.72 -24.95 37.64
C CYS C 105 -14.16 -23.97 36.61
N ALA C 106 -14.31 -22.68 36.87
CA ALA C 106 -13.61 -21.64 36.10
C ALA C 106 -12.49 -21.03 36.94
N LEU C 107 -11.44 -20.54 36.27
CA LEU C 107 -10.35 -19.88 36.98
C LEU C 107 -10.06 -18.57 36.25
N VAL C 108 -9.93 -17.50 37.02
CA VAL C 108 -9.60 -16.20 36.43
C VAL C 108 -8.54 -15.57 37.31
N LEU C 109 -7.60 -14.88 36.68
CA LEU C 109 -6.52 -14.23 37.40
C LEU C 109 -6.99 -12.88 37.89
N GLY C 110 -6.57 -12.51 39.10
CA GLY C 110 -7.04 -11.29 39.72
C GLY C 110 -6.73 -10.00 38.96
N ASP C 111 -5.69 -10.01 38.12
CA ASP C 111 -5.28 -8.79 37.42
C ASP C 111 -5.81 -8.69 35.96
N ASN C 112 -6.77 -9.54 35.62
CA ASN C 112 -7.27 -9.60 34.25
C ASN C 112 -8.56 -8.85 34.02
N ILE C 113 -8.52 -7.90 33.12
CA ILE C 113 -9.68 -7.08 32.82
C ILE C 113 -10.25 -7.41 31.44
N PHE C 114 -11.46 -7.98 31.40
CA PHE C 114 -12.11 -8.37 30.16
C PHE C 114 -13.30 -7.46 29.87
N TYR C 115 -13.41 -7.01 28.61
CA TYR C 115 -14.54 -6.18 28.17
C TYR C 115 -15.01 -6.58 26.79
N GLY C 116 -16.32 -6.68 26.62
CA GLY C 116 -16.86 -7.08 25.34
C GLY C 116 -18.32 -7.44 25.41
N HIS C 117 -19.12 -6.79 24.57
CA HIS C 117 -20.54 -7.04 24.51
C HIS C 117 -20.82 -8.54 24.47
N ASP C 118 -20.12 -9.25 23.61
CA ASP C 118 -20.44 -10.66 23.37
C ASP C 118 -19.77 -11.64 24.32
N LEU C 119 -19.07 -11.13 25.32
CA LEU C 119 -18.32 -12.00 26.22
C LEU C 119 -19.16 -13.10 26.89
N PRO C 120 -20.35 -12.75 27.41
CA PRO C 120 -21.19 -13.79 28.03
C PRO C 120 -21.56 -14.96 27.11
N LYS C 121 -21.90 -14.66 25.86
CA LYS C 121 -22.16 -15.72 24.88
C LYS C 121 -20.96 -16.67 24.80
N LEU C 122 -19.77 -16.09 24.67
CA LEU C 122 -18.54 -16.85 24.64
C LEU C 122 -18.43 -17.77 25.86
N MET C 123 -18.74 -17.23 27.03
CA MET C 123 -18.57 -17.98 28.27
C MET C 123 -19.64 -19.04 28.45
N GLU C 124 -20.85 -18.76 27.96
CA GLU C 124 -21.93 -19.71 28.06
C GLU C 124 -21.57 -20.95 27.24
N ALA C 125 -20.93 -20.73 26.10
CA ALA C 125 -20.47 -21.84 25.27
C ALA C 125 -19.42 -22.69 26.00
N ALA C 126 -18.46 -22.02 26.66
CA ALA C 126 -17.40 -22.72 27.38
C ALA C 126 -17.91 -23.52 28.57
N VAL C 127 -18.93 -22.97 29.26
CA VAL C 127 -19.58 -23.64 30.39
C VAL C 127 -20.35 -24.87 29.91
N ASN C 128 -20.96 -24.76 28.74
CA ASN C 128 -21.77 -25.84 28.17
C ASN C 128 -20.93 -27.00 27.61
N LYS C 129 -19.79 -26.69 27.00
CA LYS C 129 -18.84 -27.74 26.62
C LYS C 129 -18.70 -28.68 27.80
N GLU C 130 -18.71 -29.97 27.56
CA GLU C 130 -18.83 -30.90 28.68
C GLU C 130 -17.61 -31.78 28.99
N SER C 131 -16.80 -32.05 27.99
CA SER C 131 -15.51 -32.67 28.25
C SER C 131 -14.44 -31.64 27.97
N GLY C 132 -13.45 -31.57 28.86
CA GLY C 132 -12.28 -30.77 28.62
C GLY C 132 -12.34 -29.37 29.14
N ALA C 133 -11.66 -28.48 28.42
CA ALA C 133 -11.36 -27.16 28.91
C ALA C 133 -11.46 -26.14 27.78
N THR C 134 -11.76 -24.90 28.14
CA THR C 134 -11.80 -23.82 27.18
C THR C 134 -10.84 -22.73 27.67
N VAL C 135 -9.78 -22.42 26.92
CA VAL C 135 -8.97 -21.24 27.24
C VAL C 135 -9.42 -20.06 26.45
N PHE C 136 -9.09 -18.87 26.92
CA PHE C 136 -9.54 -17.66 26.26
C PHE C 136 -8.38 -16.94 25.64
N ALA C 137 -8.46 -16.74 24.33
CA ALA C 137 -7.39 -16.18 23.55
C ALA C 137 -7.74 -14.79 22.98
N TYR C 138 -6.73 -13.95 22.91
CA TYR C 138 -6.92 -12.56 22.51
C TYR C 138 -5.92 -12.19 21.44
N HIS C 139 -6.43 -11.66 20.33
CA HIS C 139 -5.56 -11.26 19.23
C HIS C 139 -4.67 -10.10 19.63
N VAL C 140 -3.37 -10.27 19.40
CA VAL C 140 -2.36 -9.27 19.76
C VAL C 140 -1.38 -9.07 18.62
N ASN C 141 -0.77 -7.89 18.58
CA ASN C 141 0.16 -7.57 17.49
C ASN C 141 1.56 -8.11 17.78
N ASP C 142 1.79 -8.51 19.02
CA ASP C 142 3.10 -8.95 19.47
C ASP C 142 3.06 -10.30 20.20
N PRO C 143 2.56 -11.34 19.51
CA PRO C 143 2.41 -12.67 20.14
C PRO C 143 3.64 -13.09 20.93
N GLU C 144 4.82 -12.69 20.44
CA GLU C 144 6.09 -13.12 21.03
C GLU C 144 6.20 -12.76 22.50
N ARG C 145 5.41 -11.75 22.90
CA ARG C 145 5.34 -11.28 24.29
C ARG C 145 4.69 -12.23 25.30
N TYR C 146 3.61 -12.89 24.88
CA TYR C 146 2.73 -13.64 25.77
C TYR C 146 2.90 -15.14 25.57
N GLY C 147 2.09 -15.92 26.27
CA GLY C 147 1.97 -17.34 25.97
C GLY C 147 1.02 -17.48 24.79
N VAL C 148 1.43 -18.22 23.78
CA VAL C 148 0.72 -18.27 22.51
C VAL C 148 0.06 -19.60 22.22
N VAL C 149 -1.20 -19.53 21.80
CA VAL C 149 -1.93 -20.73 21.45
C VAL C 149 -2.20 -20.76 19.96
N GLU C 150 -1.75 -21.82 19.30
CA GLU C 150 -2.05 -22.04 17.89
C GLU C 150 -3.19 -23.05 17.80
N PHE C 151 -4.21 -22.77 17.01
CA PHE C 151 -5.37 -23.66 17.05
C PHE C 151 -6.06 -24.01 15.74
N ASP C 152 -6.89 -25.03 15.86
CA ASP C 152 -7.68 -25.67 14.81
C ASP C 152 -8.79 -24.75 14.31
N GLN C 153 -9.45 -25.12 13.21
CA GLN C 153 -10.68 -24.43 12.79
C GLN C 153 -11.86 -24.90 13.62
N LYS C 154 -11.69 -26.04 14.29
CA LYS C 154 -12.71 -26.56 15.19
C LYS C 154 -12.73 -25.72 16.47
N GLY C 155 -11.58 -25.15 16.80
CA GLY C 155 -11.42 -24.40 18.03
C GLY C 155 -10.53 -25.19 18.98
N THR C 156 -9.91 -26.25 18.47
CA THR C 156 -9.08 -27.10 19.28
C THR C 156 -7.61 -26.67 19.23
N ALA C 157 -7.03 -26.46 20.41
CA ALA C 157 -5.64 -26.06 20.53
C ALA C 157 -4.72 -27.13 19.95
N VAL C 158 -3.64 -26.70 19.30
CA VAL C 158 -2.66 -27.62 18.70
C VAL C 158 -1.23 -27.39 19.16
N SER C 159 -0.98 -26.24 19.79
CA SER C 159 0.31 -25.98 20.42
C SER C 159 0.22 -24.83 21.41
N LEU C 160 1.01 -24.91 22.47
CA LEU C 160 1.07 -23.87 23.48
C LEU C 160 2.53 -23.47 23.67
N GLU C 161 2.85 -22.21 23.43
CA GLU C 161 4.25 -21.79 23.50
C GLU C 161 4.44 -20.49 24.29
N GLU C 162 5.25 -20.56 25.35
CA GLU C 162 5.58 -19.40 26.18
C GLU C 162 6.55 -18.45 25.46
N LYS C 163 6.06 -17.28 25.10
CA LYS C 163 6.87 -16.27 24.44
C LYS C 163 7.68 -16.84 23.28
N PRO C 164 7.00 -17.44 22.29
CA PRO C 164 7.71 -18.10 21.21
C PRO C 164 8.51 -17.08 20.41
N LEU C 165 9.73 -17.44 20.04
CA LEU C 165 10.52 -16.59 19.17
C LEU C 165 9.91 -16.63 17.76
N GLN C 166 9.32 -17.78 17.43
CA GLN C 166 8.63 -17.97 16.16
C GLN C 166 7.16 -18.24 16.41
N PRO C 167 6.42 -17.21 16.86
CA PRO C 167 5.02 -17.37 17.26
C PRO C 167 4.24 -18.13 16.22
N LYS C 168 3.52 -19.17 16.64
CA LYS C 168 2.75 -20.00 15.71
C LYS C 168 1.38 -19.38 15.41
N SER C 169 1.07 -18.29 16.11
CA SER C 169 -0.23 -17.65 15.99
C SER C 169 -0.19 -16.27 16.63
N ASN C 170 -1.21 -15.46 16.36
CA ASN C 170 -1.31 -14.12 16.95
C ASN C 170 -2.21 -14.10 18.19
N TYR C 171 -2.55 -15.27 18.71
CA TYR C 171 -3.45 -15.35 19.86
C TYR C 171 -2.76 -15.64 21.19
N ALA C 172 -2.86 -14.65 22.10
CA ALA C 172 -2.28 -14.76 23.42
C ALA C 172 -3.29 -15.44 24.32
N VAL C 173 -2.80 -16.29 25.22
CA VAL C 173 -3.67 -16.92 26.21
C VAL C 173 -3.91 -15.98 27.38
N THR C 174 -5.18 -15.64 27.60
CA THR C 174 -5.54 -14.78 28.70
C THR C 174 -5.74 -15.58 29.99
N GLY C 175 -5.98 -14.87 31.09
CA GLY C 175 -6.11 -15.47 32.40
C GLY C 175 -7.54 -15.85 32.74
N LEU C 176 -8.26 -16.37 31.76
CA LEU C 176 -9.60 -16.88 31.99
C LEU C 176 -9.72 -18.29 31.41
N TYR C 177 -10.09 -19.25 32.25
CA TYR C 177 -10.08 -20.66 31.89
C TYR C 177 -11.30 -21.38 32.41
N PHE C 178 -11.83 -22.31 31.61
CA PHE C 178 -12.94 -23.15 32.02
C PHE C 178 -12.55 -24.62 32.00
N TYR C 179 -12.80 -25.30 33.10
CA TYR C 179 -12.40 -26.69 33.25
C TYR C 179 -13.60 -27.56 33.60
N ASP C 180 -13.53 -28.83 33.22
CA ASP C 180 -14.45 -29.80 33.76
C ASP C 180 -13.81 -30.39 35.01
N ASN C 181 -14.56 -31.19 35.76
CA ASN C 181 -14.10 -31.65 37.08
C ASN C 181 -12.78 -32.41 37.08
N SER C 182 -12.41 -32.94 35.92
CA SER C 182 -11.21 -33.77 35.80
C SER C 182 -9.93 -32.98 36.07
N VAL C 183 -10.06 -31.66 36.23
CA VAL C 183 -8.89 -30.80 36.42
C VAL C 183 -8.28 -30.95 37.81
N VAL C 184 -9.11 -31.11 38.83
CA VAL C 184 -8.63 -31.30 40.20
C VAL C 184 -7.71 -32.50 40.18
N GLU C 185 -8.14 -33.52 39.43
CA GLU C 185 -7.41 -34.76 39.32
C GLU C 185 -6.04 -34.56 38.64
N MET C 186 -6.03 -33.80 37.55
CA MET C 186 -4.78 -33.48 36.86
C MET C 186 -3.82 -32.80 37.82
N ALA C 187 -4.33 -31.82 38.56
CA ALA C 187 -3.49 -31.00 39.43
C ALA C 187 -2.89 -31.81 40.56
N LYS C 188 -3.68 -32.67 41.17
CA LYS C 188 -3.16 -33.57 42.21
C LYS C 188 -2.04 -34.46 41.66
N ASN C 189 -2.22 -34.96 40.44
CA ASN C 189 -1.25 -35.86 39.82
C ASN C 189 -0.25 -35.16 38.93
N LEU C 190 -0.06 -33.86 39.14
CA LEU C 190 0.90 -33.11 38.32
C LEU C 190 2.20 -32.97 39.08
N GLU C 197 7.29 -25.93 40.22
CA GLU C 197 5.96 -25.52 40.63
C GLU C 197 4.92 -25.92 39.59
N LEU C 198 3.71 -26.22 40.06
CA LEU C 198 2.63 -26.67 39.20
C LEU C 198 2.03 -25.52 38.39
N GLU C 199 2.07 -25.62 37.07
CA GLU C 199 1.70 -24.51 36.18
C GLU C 199 0.32 -24.62 35.57
N ILE C 200 -0.33 -23.48 35.35
CA ILE C 200 -1.61 -23.52 34.64
C ILE C 200 -1.36 -24.02 33.23
N THR C 201 -0.22 -23.63 32.67
CA THR C 201 0.17 -24.03 31.33
C THR C 201 0.34 -25.54 31.16
N ASP C 202 0.97 -26.19 32.13
CA ASP C 202 1.08 -27.65 32.09
C ASP C 202 -0.30 -28.29 31.99
N ILE C 203 -1.19 -27.86 32.85
CA ILE C 203 -2.55 -28.38 32.91
C ILE C 203 -3.25 -28.25 31.57
N ASN C 204 -3.09 -27.10 30.94
CA ASN C 204 -3.72 -26.86 29.65
C ASN C 204 -3.12 -27.73 28.55
N ARG C 205 -1.82 -27.94 28.60
CA ARG C 205 -1.16 -28.75 27.59
C ARG C 205 -1.66 -30.18 27.65
N ILE C 206 -1.96 -30.64 28.85
CA ILE C 206 -2.53 -31.96 29.03
C ILE C 206 -3.87 -32.09 28.32
N TYR C 207 -4.80 -31.17 28.59
CA TYR C 207 -6.09 -31.20 27.93
C TYR C 207 -5.93 -31.21 26.43
N MET C 208 -4.97 -30.42 25.96
CA MET C 208 -4.73 -30.28 24.54
C MET C 208 -4.24 -31.61 23.97
N GLU C 209 -3.33 -32.25 24.71
CA GLU C 209 -2.77 -33.54 24.30
C GLU C 209 -3.84 -34.62 24.22
N GLN C 210 -4.93 -34.42 24.96
CA GLN C 210 -6.07 -35.33 24.91
C GLN C 210 -7.10 -34.84 23.88
N GLY C 211 -6.82 -33.70 23.27
CA GLY C 211 -7.73 -33.13 22.28
C GLY C 211 -8.94 -32.43 22.89
N ARG C 212 -9.00 -32.37 24.21
CA ARG C 212 -10.16 -31.81 24.88
C ARG C 212 -10.00 -30.34 25.25
N LEU C 213 -9.10 -29.64 24.57
CA LEU C 213 -8.89 -28.22 24.85
C LEU C 213 -9.41 -27.30 23.75
N SER C 214 -10.47 -26.56 24.06
CA SER C 214 -11.04 -25.61 23.11
C SER C 214 -10.49 -24.21 23.32
N VAL C 215 -10.68 -23.36 22.33
CA VAL C 215 -10.16 -22.01 22.39
C VAL C 215 -11.25 -21.02 22.05
N ALA C 216 -11.64 -20.23 23.05
CA ALA C 216 -12.58 -19.13 22.85
C ALA C 216 -11.82 -17.95 22.29
N MET C 217 -12.30 -17.45 21.16
CA MET C 217 -11.58 -16.43 20.41
C MET C 217 -12.14 -15.02 20.67
N MET C 218 -11.32 -14.15 21.23
CA MET C 218 -11.72 -12.76 21.46
C MET C 218 -11.09 -11.85 20.41
N GLY C 219 -11.87 -11.52 19.38
CA GLY C 219 -11.39 -10.70 18.27
C GLY C 219 -11.70 -9.21 18.41
N ARG C 220 -11.82 -8.53 17.27
CA ARG C 220 -12.12 -7.11 17.35
C ARG C 220 -13.46 -6.94 18.06
N GLY C 221 -13.55 -5.90 18.90
CA GLY C 221 -14.71 -5.67 19.73
C GLY C 221 -14.40 -5.89 21.19
N TYR C 222 -13.41 -6.75 21.44
CA TYR C 222 -13.00 -7.09 22.79
C TYR C 222 -11.80 -6.28 23.25
N ALA C 223 -11.74 -6.04 24.56
CA ALA C 223 -10.59 -5.43 25.21
C ALA C 223 -10.05 -6.36 26.29
N TRP C 224 -8.74 -6.40 26.45
CA TRP C 224 -8.15 -7.21 27.49
C TRP C 224 -6.92 -6.49 28.05
N LEU C 225 -6.86 -6.35 29.37
CA LEU C 225 -5.69 -5.79 30.05
C LEU C 225 -5.14 -6.70 31.17
N ASP C 226 -3.83 -6.92 31.16
CA ASP C 226 -3.14 -7.53 32.30
C ASP C 226 -2.52 -6.39 33.10
N THR C 227 -3.23 -5.99 34.14
CA THR C 227 -2.91 -4.80 34.89
C THR C 227 -1.84 -5.10 35.91
N GLY C 228 -0.59 -5.03 35.48
CA GLY C 228 0.49 -5.46 36.34
C GLY C 228 1.68 -4.52 36.30
N THR C 229 1.57 -3.43 35.53
CA THR C 229 2.61 -2.42 35.43
C THR C 229 2.01 -1.02 35.58
N HIS C 230 2.82 -0.05 35.99
CA HIS C 230 2.33 1.28 36.21
C HIS C 230 1.63 1.82 34.97
N GLN C 231 2.20 1.54 33.81
CA GLN C 231 1.67 2.06 32.57
C GLN C 231 0.33 1.42 32.23
N SER C 232 0.21 0.12 32.44
CA SER C 232 -1.02 -0.57 32.03
C SER C 232 -2.15 -0.32 33.03
N LEU C 233 -1.79 -0.10 34.28
CA LEU C 233 -2.73 0.28 35.32
C LEU C 233 -3.41 1.59 34.95
N ILE C 234 -2.62 2.60 34.61
CA ILE C 234 -3.17 3.89 34.23
C ILE C 234 -3.89 3.84 32.85
N GLU C 235 -3.45 2.97 31.95
CA GLU C 235 -4.17 2.76 30.71
C GLU C 235 -5.54 2.16 30.98
N ALA C 236 -5.61 1.24 31.92
CA ALA C 236 -6.86 0.56 32.21
C ALA C 236 -7.82 1.55 32.85
N SER C 237 -7.31 2.31 33.80
CA SER C 237 -8.14 3.28 34.50
C SER C 237 -8.74 4.25 33.53
N ASN C 238 -7.92 4.74 32.59
CA ASN C 238 -8.37 5.68 31.58
C ASN C 238 -9.40 5.08 30.65
N PHE C 239 -9.26 3.78 30.35
CA PHE C 239 -10.16 3.11 29.43
C PHE C 239 -11.51 2.97 30.08
N ILE C 240 -11.52 2.52 31.32
CA ILE C 240 -12.76 2.43 32.05
C ILE C 240 -13.43 3.80 32.19
N ALA C 241 -12.66 4.79 32.59
CA ALA C 241 -13.23 6.12 32.77
C ALA C 241 -13.85 6.64 31.49
N THR C 242 -13.16 6.42 30.37
CA THR C 242 -13.61 6.90 29.08
C THR C 242 -14.91 6.22 28.64
N ILE C 243 -14.94 4.90 28.68
CA ILE C 243 -16.12 4.15 28.31
C ILE C 243 -17.33 4.55 29.14
N GLU C 244 -17.13 4.63 30.45
CA GLU C 244 -18.21 4.96 31.35
C GLU C 244 -18.73 6.37 31.15
N GLU C 245 -17.83 7.33 31.00
CA GLU C 245 -18.24 8.71 30.80
C GLU C 245 -18.88 9.00 29.43
N ARG C 246 -18.36 8.37 28.37
CA ARG C 246 -18.81 8.70 27.02
C ARG C 246 -20.06 7.94 26.63
N GLN C 247 -20.19 6.72 27.12
CA GLN C 247 -21.28 5.83 26.73
C GLN C 247 -22.28 5.55 27.85
N GLY C 248 -22.08 6.16 29.01
CA GLY C 248 -23.05 6.10 30.09
C GLY C 248 -23.36 4.74 30.68
N LEU C 249 -22.37 3.89 30.78
CA LEU C 249 -22.61 2.58 31.34
C LEU C 249 -21.43 2.26 32.24
N LYS C 250 -21.64 1.41 33.24
CA LYS C 250 -20.55 1.02 34.09
C LYS C 250 -19.95 -0.28 33.61
N VAL C 251 -18.63 -0.37 33.69
CA VAL C 251 -17.93 -1.61 33.37
C VAL C 251 -17.66 -2.42 34.64
N SER C 252 -18.04 -3.69 34.64
CA SER C 252 -17.78 -4.55 35.80
C SER C 252 -18.22 -3.92 37.13
N CYS C 253 -19.47 -3.46 37.15
CA CYS C 253 -20.12 -3.01 38.38
C CYS C 253 -20.94 -4.14 38.96
N PRO C 254 -20.44 -4.76 40.05
CA PRO C 254 -21.09 -5.97 40.60
C PRO C 254 -22.53 -5.74 41.01
N GLU C 255 -22.84 -4.56 41.54
CA GLU C 255 -24.19 -4.30 41.97
C GLU C 255 -25.12 -4.26 40.75
N GLU C 256 -24.66 -3.63 39.67
CA GLU C 256 -25.46 -3.59 38.45
C GLU C 256 -25.62 -5.00 37.88
N ILE C 257 -24.56 -5.80 37.88
CA ILE C 257 -24.68 -7.13 37.31
C ILE C 257 -25.64 -7.99 38.14
N ALA C 258 -25.49 -7.94 39.46
CA ALA C 258 -26.34 -8.72 40.36
C ALA C 258 -27.78 -8.34 40.16
N PHE C 259 -28.01 -7.06 39.87
CA PHE C 259 -29.38 -6.59 39.72
C PHE C 259 -29.97 -7.05 38.38
N ARG C 260 -29.24 -6.83 37.29
CA ARG C 260 -29.74 -7.15 35.95
C ARG C 260 -29.88 -8.67 35.72
N LYS C 261 -29.13 -9.47 36.46
CA LYS C 261 -29.25 -10.93 36.35
C LYS C 261 -30.16 -11.49 37.43
N ASN C 262 -30.84 -10.59 38.13
CA ASN C 262 -31.77 -10.94 39.21
C ASN C 262 -31.18 -11.73 40.40
N PHE C 263 -29.91 -11.50 40.75
CA PHE C 263 -29.34 -12.03 42.00
C PHE C 263 -29.90 -11.23 43.17
N ILE C 264 -30.29 -9.98 42.90
CA ILE C 264 -30.81 -9.07 43.93
C ILE C 264 -31.87 -8.16 43.33
N ASN C 265 -32.72 -7.59 44.19
CA ASN C 265 -33.81 -6.72 43.73
C ASN C 265 -33.49 -5.24 43.89
N ALA C 266 -34.43 -4.41 43.49
CA ALA C 266 -34.21 -2.96 43.45
C ALA C 266 -33.97 -2.38 44.83
N GLN C 267 -34.57 -3.00 45.83
CA GLN C 267 -34.41 -2.60 47.23
C GLN C 267 -33.00 -2.83 47.74
N GLN C 268 -32.46 -4.04 47.53
CA GLN C 268 -31.10 -4.35 47.96
C GLN C 268 -30.13 -3.42 47.26
N VAL C 269 -30.46 -3.02 46.04
CA VAL C 269 -29.62 -2.08 45.31
C VAL C 269 -29.64 -0.72 46.01
N ILE C 270 -30.82 -0.25 46.35
CA ILE C 270 -30.94 1.03 47.02
C ILE C 270 -30.17 1.09 48.35
N GLU C 271 -30.22 -0.01 49.11
CA GLU C 271 -29.48 -0.05 50.38
C GLU C 271 -27.98 -0.02 50.11
N LEU C 272 -27.55 -0.68 49.03
CA LEU C 272 -26.13 -0.74 48.66
C LEU C 272 -25.65 0.59 48.10
N ALA C 273 -26.53 1.30 47.42
CA ALA C 273 -26.20 2.61 46.86
C ALA C 273 -26.04 3.66 47.95
N GLY C 274 -26.49 3.35 49.17
CA GLY C 274 -26.42 4.28 50.28
C GLY C 274 -25.02 4.84 50.56
N PRO C 275 -24.08 3.95 50.93
CA PRO C 275 -22.68 4.28 51.21
C PRO C 275 -21.96 4.94 50.03
N LEU C 276 -22.48 4.79 48.81
CA LEU C 276 -21.81 5.33 47.64
C LEU C 276 -22.50 6.58 47.13
N SER C 277 -23.43 7.12 47.91
CA SER C 277 -24.25 8.24 47.45
C SER C 277 -23.45 9.55 47.36
N LYS C 278 -22.24 9.57 47.89
CA LYS C 278 -21.40 10.77 47.85
C LYS C 278 -20.64 10.91 46.52
N ASN C 279 -20.77 9.91 45.66
CA ASN C 279 -20.16 9.98 44.33
C ASN C 279 -21.07 9.44 43.24
N ASP C 280 -20.57 9.39 42.00
CA ASP C 280 -21.42 9.01 40.87
C ASP C 280 -21.74 7.52 40.83
N TYR C 281 -20.93 6.72 41.51
CA TYR C 281 -21.18 5.29 41.62
C TYR C 281 -22.56 5.05 42.28
N GLY C 282 -22.77 5.65 43.45
CA GLY C 282 -24.04 5.48 44.14
C GLY C 282 -25.18 5.99 43.30
N LYS C 283 -24.97 7.13 42.66
CA LYS C 283 -26.00 7.83 41.91
C LYS C 283 -26.39 7.06 40.67
N TYR C 284 -25.41 6.43 40.05
CA TYR C 284 -25.66 5.54 38.94
C TYR C 284 -26.61 4.42 39.34
N LEU C 285 -26.27 3.69 40.41
CA LEU C 285 -27.09 2.60 40.89
C LEU C 285 -28.55 3.03 41.09
N LEU C 286 -28.74 4.28 41.51
CA LEU C 286 -30.09 4.80 41.73
C LEU C 286 -30.86 5.07 40.44
N LYS C 287 -30.21 5.72 39.47
CA LYS C 287 -30.82 5.92 38.16
C LYS C 287 -31.12 4.59 37.48
N MET C 288 -30.21 3.62 37.65
CA MET C 288 -30.41 2.29 37.12
C MET C 288 -31.71 1.64 37.61
N VAL C 289 -31.99 1.70 38.91
CA VAL C 289 -33.17 1.04 39.47
C VAL C 289 -34.48 1.78 39.22
N LYS C 290 -34.48 2.77 38.34
CA LYS C 290 -35.71 3.51 38.06
C LYS C 290 -35.57 4.49 36.89
N THR D 3 15.16 21.97 65.58
CA THR D 3 15.03 20.97 64.53
C THR D 3 13.68 21.09 63.78
N ARG D 4 13.71 20.81 62.48
CA ARG D 4 12.53 20.96 61.66
C ARG D 4 11.63 19.76 61.79
N LYS D 5 10.38 20.00 62.16
CA LYS D 5 9.43 18.90 62.32
C LYS D 5 8.19 19.08 61.47
N GLY D 6 7.58 17.95 61.13
CA GLY D 6 6.37 17.92 60.34
C GLY D 6 5.43 16.86 60.87
N ILE D 7 4.15 17.01 60.55
CA ILE D 7 3.14 16.02 60.88
C ILE D 7 2.28 15.76 59.65
N ILE D 8 2.08 14.49 59.32
CA ILE D 8 1.23 14.14 58.19
C ILE D 8 -0.08 13.52 58.70
N LEU D 9 -1.19 14.13 58.32
CA LEU D 9 -2.51 13.59 58.63
C LEU D 9 -2.90 12.60 57.56
N ALA D 10 -2.87 11.31 57.92
CA ALA D 10 -2.98 10.25 56.95
C ALA D 10 -4.00 9.20 57.36
N GLY D 11 -5.05 9.64 58.03
CA GLY D 11 -6.17 8.76 58.35
C GLY D 11 -7.42 9.13 57.58
N GLY D 12 -8.54 9.22 58.31
CA GLY D 12 -9.81 9.55 57.71
C GLY D 12 -10.52 8.36 57.07
N SER D 13 -11.69 8.60 56.52
CA SER D 13 -12.50 7.52 55.97
C SER D 13 -12.48 7.39 54.46
N GLY D 14 -12.23 8.50 53.77
CA GLY D 14 -12.22 8.49 52.31
C GLY D 14 -13.54 8.07 51.69
N THR D 15 -14.64 8.41 52.34
CA THR D 15 -15.98 7.98 51.91
C THR D 15 -16.36 8.36 50.48
N ARG D 16 -15.84 9.48 49.99
CA ARG D 16 -16.12 9.91 48.62
C ARG D 16 -15.43 8.96 47.63
N LEU D 17 -14.49 8.16 48.12
CA LEU D 17 -13.77 7.23 47.28
C LEU D 17 -14.28 5.79 47.34
N TYR D 18 -15.29 5.54 48.16
CA TYR D 18 -15.93 4.22 48.18
C TYR D 18 -16.30 3.85 46.76
N PRO D 19 -16.15 2.56 46.40
CA PRO D 19 -15.71 1.47 47.28
C PRO D 19 -14.20 1.21 47.35
N VAL D 20 -13.36 2.01 46.68
CA VAL D 20 -11.93 1.70 46.68
C VAL D 20 -11.22 1.98 48.02
N THR D 21 -11.85 2.75 48.90
CA THR D 21 -11.29 3.02 50.21
C THR D 21 -11.95 2.21 51.31
N MET D 22 -12.76 1.22 50.93
CA MET D 22 -13.35 0.33 51.92
C MET D 22 -12.33 -0.57 52.63
N ALA D 23 -11.31 -1.05 51.92
CA ALA D 23 -10.28 -1.85 52.59
C ALA D 23 -8.88 -1.32 52.39
N VAL D 24 -8.77 -0.14 51.78
CA VAL D 24 -7.47 0.48 51.56
C VAL D 24 -7.53 1.93 51.97
N SER D 25 -6.63 2.36 52.84
CA SER D 25 -6.56 3.76 53.22
C SER D 25 -6.34 4.63 51.99
N LYS D 26 -7.03 5.77 51.94
CA LYS D 26 -6.90 6.71 50.83
C LYS D 26 -5.44 7.02 50.54
N GLN D 27 -4.67 7.19 51.62
CA GLN D 27 -3.29 7.64 51.52
C GLN D 27 -2.32 6.53 51.11
N LEU D 28 -2.86 5.35 50.81
CA LEU D 28 -2.06 4.24 50.31
C LEU D 28 -2.38 3.95 48.86
N LEU D 29 -3.40 4.63 48.33
CA LEU D 29 -3.79 4.47 46.95
C LEU D 29 -2.69 5.01 46.06
N PRO D 30 -2.50 4.41 44.88
CA PRO D 30 -1.48 4.91 43.98
C PRO D 30 -1.89 6.18 43.23
N ILE D 31 -1.02 7.16 43.26
CA ILE D 31 -1.03 8.25 42.30
C ILE D 31 0.05 7.90 41.28
N TYR D 32 -0.37 7.36 40.14
CA TYR D 32 0.55 6.78 39.17
C TYR D 32 1.39 5.63 39.74
N ASP D 33 2.68 5.87 40.00
CA ASP D 33 3.54 4.79 40.51
C ASP D 33 4.00 4.91 41.95
N LYS D 34 3.34 5.75 42.75
CA LYS D 34 3.68 5.84 44.17
C LYS D 34 2.43 5.85 45.04
N PRO D 35 2.53 5.30 46.26
CA PRO D 35 1.42 5.49 47.21
C PRO D 35 1.17 6.98 47.42
N MET D 36 -0.09 7.37 47.60
CA MET D 36 -0.44 8.77 47.74
C MET D 36 0.49 9.46 48.75
N ILE D 37 0.74 8.80 49.88
CA ILE D 37 1.48 9.44 50.97
C ILE D 37 2.95 9.84 50.64
N TYR D 38 3.52 9.26 49.59
CA TYR D 38 4.83 9.70 49.11
C TYR D 38 4.83 11.19 48.77
N TYR D 39 3.69 11.69 48.34
CA TYR D 39 3.61 13.07 47.87
C TYR D 39 3.70 14.12 48.99
N PRO D 40 2.78 14.08 49.97
CA PRO D 40 2.94 15.01 51.11
C PRO D 40 4.27 14.80 51.83
N LEU D 41 4.72 13.55 51.86
CA LEU D 41 5.98 13.22 52.53
C LEU D 41 7.18 13.87 51.83
N SER D 42 7.19 13.83 50.51
CA SER D 42 8.26 14.47 49.75
C SER D 42 8.20 15.97 49.98
N THR D 43 6.98 16.50 50.03
CA THR D 43 6.81 17.92 50.25
C THR D 43 7.51 18.36 51.55
N LEU D 44 7.35 17.59 52.62
CA LEU D 44 8.05 17.89 53.86
C LEU D 44 9.58 17.76 53.69
N MET D 45 10.01 16.74 52.95
CA MET D 45 11.44 16.52 52.77
C MET D 45 12.07 17.71 52.05
N LEU D 46 11.36 18.23 51.06
CA LEU D 46 11.85 19.36 50.29
C LEU D 46 12.01 20.64 51.10
N ALA D 47 11.39 20.67 52.26
CA ALA D 47 11.51 21.81 53.15
C ALA D 47 12.57 21.51 54.19
N GLY D 48 13.27 20.39 53.99
CA GLY D 48 14.33 20.00 54.91
C GLY D 48 13.82 19.39 56.20
N ILE D 49 12.56 18.96 56.20
CA ILE D 49 11.98 18.35 57.38
C ILE D 49 12.29 16.86 57.36
N ARG D 50 13.00 16.39 58.37
CA ARG D 50 13.46 15.01 58.40
C ARG D 50 12.84 14.25 59.57
N ASP D 51 12.19 14.98 60.47
CA ASP D 51 11.53 14.36 61.60
C ASP D 51 10.02 14.53 61.46
N ILE D 52 9.34 13.44 61.18
CA ILE D 52 7.96 13.49 60.75
C ILE D 52 7.08 12.51 61.53
N LEU D 53 5.95 13.02 62.01
CA LEU D 53 4.96 12.21 62.69
C LEU D 53 3.85 11.91 61.72
N ILE D 54 3.50 10.64 61.61
CA ILE D 54 2.41 10.23 60.73
C ILE D 54 1.24 9.76 61.58
N ILE D 55 0.10 10.41 61.42
CA ILE D 55 -1.08 10.09 62.21
C ILE D 55 -2.09 9.40 61.31
N SER D 56 -2.46 8.17 61.68
CA SER D 56 -3.41 7.43 60.88
C SER D 56 -4.41 6.66 61.75
N THR D 57 -5.29 5.91 61.08
CA THR D 57 -6.34 5.16 61.74
C THR D 57 -5.75 3.91 62.37
N PRO D 58 -6.51 3.27 63.26
CA PRO D 58 -5.97 2.09 63.93
C PRO D 58 -5.66 0.93 62.98
N GLN D 59 -6.52 0.69 61.99
CA GLN D 59 -6.31 -0.46 61.08
C GLN D 59 -5.18 -0.25 60.08
N ASP D 60 -5.03 0.98 59.61
CA ASP D 60 -4.09 1.28 58.53
C ASP D 60 -2.71 1.80 58.96
N THR D 61 -2.58 2.22 60.21
CA THR D 61 -1.28 2.68 60.72
C THR D 61 -0.17 1.64 60.55
N PRO D 62 -0.46 0.36 60.84
CA PRO D 62 0.58 -0.66 60.60
C PRO D 62 0.93 -0.83 59.12
N ARG D 63 -0.01 -0.55 58.19
CA ARG D 63 0.29 -0.64 56.77
C ARG D 63 1.29 0.45 56.35
N PHE D 64 1.13 1.64 56.92
CA PHE D 64 2.06 2.74 56.65
C PHE D 64 3.43 2.40 57.18
N GLN D 65 3.45 1.68 58.29
CA GLN D 65 4.70 1.29 58.93
C GLN D 65 5.35 0.20 58.09
N GLN D 66 4.53 -0.70 57.55
CA GLN D 66 4.99 -1.74 56.64
C GLN D 66 5.63 -1.09 55.41
N LEU D 67 5.00 -0.02 54.93
CA LEU D 67 5.48 0.65 53.73
C LEU D 67 6.72 1.51 53.97
N LEU D 68 6.71 2.25 55.07
CA LEU D 68 7.70 3.30 55.31
C LEU D 68 8.75 2.96 56.38
N GLY D 69 8.47 1.95 57.20
CA GLY D 69 9.38 1.62 58.27
C GLY D 69 9.57 2.85 59.12
N ASP D 70 10.77 3.05 59.62
CA ASP D 70 11.06 4.21 60.43
C ASP D 70 11.70 5.31 59.58
N GLY D 71 11.67 5.12 58.27
CA GLY D 71 12.17 6.13 57.34
C GLY D 71 13.67 6.31 57.38
N SER D 72 14.36 5.51 58.18
CA SER D 72 15.81 5.63 58.30
C SER D 72 16.47 5.35 56.96
N GLN D 73 15.80 4.56 56.12
CA GLN D 73 16.32 4.23 54.80
C GLN D 73 16.42 5.47 53.90
N TRP D 74 15.79 6.56 54.32
CA TRP D 74 15.77 7.76 53.50
C TRP D 74 16.40 8.93 54.24
N GLY D 75 17.08 8.62 55.34
CA GLY D 75 17.67 9.63 56.19
C GLY D 75 16.63 10.36 57.01
N LEU D 76 15.45 9.75 57.19
CA LEU D 76 14.40 10.37 57.98
C LEU D 76 14.22 9.66 59.31
N ASN D 77 13.40 10.27 60.17
CA ASN D 77 12.97 9.66 61.41
C ASN D 77 11.46 9.76 61.38
N LEU D 78 10.80 8.64 61.09
CA LEU D 78 9.35 8.62 61.05
C LEU D 78 8.83 8.03 62.34
N GLN D 79 7.76 8.63 62.85
CA GLN D 79 7.10 8.15 64.05
C GLN D 79 5.61 8.09 63.77
N TYR D 80 4.90 7.25 64.53
CA TYR D 80 3.50 7.01 64.22
C TYR D 80 2.59 7.18 65.44
N LYS D 81 1.35 7.56 65.17
CA LYS D 81 0.37 7.77 66.23
C LYS D 81 -1.04 7.57 65.65
N VAL D 82 -1.90 6.92 66.42
CA VAL D 82 -3.25 6.59 65.96
C VAL D 82 -4.25 7.69 66.33
N SER D 83 -5.06 8.09 65.35
CA SER D 83 -6.06 9.11 65.62
C SER D 83 -7.14 8.56 66.53
N PRO D 84 -7.47 9.32 67.57
CA PRO D 84 -8.44 8.92 68.60
C PRO D 84 -9.86 9.31 68.20
N SER D 85 -9.98 10.39 67.43
CA SER D 85 -11.28 10.93 67.06
C SER D 85 -11.40 10.98 65.53
N PRO D 86 -12.61 10.67 65.02
CA PRO D 86 -12.95 10.75 63.59
C PRO D 86 -12.62 12.12 62.98
N ASP D 87 -12.84 13.18 63.75
CA ASP D 87 -12.60 14.53 63.29
C ASP D 87 -11.81 15.34 64.32
N GLY D 88 -11.71 16.65 64.08
CA GLY D 88 -10.93 17.51 64.94
C GLY D 88 -9.48 17.42 64.53
N LEU D 89 -9.18 18.00 63.37
CA LEU D 89 -7.84 17.88 62.83
C LEU D 89 -6.79 18.61 63.67
N ALA D 90 -7.16 19.75 64.25
CA ALA D 90 -6.22 20.46 65.11
C ALA D 90 -5.80 19.60 66.32
N GLN D 91 -6.51 18.50 66.54
CA GLN D 91 -6.14 17.54 67.57
C GLN D 91 -4.72 16.99 67.31
N ALA D 92 -4.22 17.21 66.10
CA ALA D 92 -2.88 16.75 65.73
C ALA D 92 -1.81 17.30 66.67
N PHE D 93 -1.96 18.55 67.05
CA PHE D 93 -0.96 19.23 67.87
C PHE D 93 -1.03 18.76 69.31
N ILE D 94 -2.20 18.24 69.70
CA ILE D 94 -2.35 17.68 71.04
C ILE D 94 -1.76 16.27 71.07
N ILE D 95 -2.15 15.45 70.10
CA ILE D 95 -1.59 14.11 69.93
C ILE D 95 -0.06 14.15 69.86
N GLY D 96 0.50 15.12 69.13
CA GLY D 96 1.94 15.20 68.96
C GLY D 96 2.64 16.23 69.83
N GLU D 97 2.03 16.58 70.96
CA GLU D 97 2.63 17.59 71.82
C GLU D 97 4.05 17.19 72.17
N GLU D 98 4.22 15.90 72.42
CA GLU D 98 5.52 15.39 72.83
C GLU D 98 6.49 15.34 71.66
N PHE D 99 5.99 14.85 70.54
CA PHE D 99 6.81 14.80 69.33
C PHE D 99 7.37 16.18 69.04
N ILE D 100 6.50 17.19 69.18
CA ILE D 100 6.82 18.55 68.80
C ILE D 100 7.82 19.18 69.77
N GLY D 101 7.67 18.86 71.04
CA GLY D 101 8.57 19.41 72.04
C GLY D 101 8.54 20.92 72.02
N HIS D 102 9.72 21.53 71.88
CA HIS D 102 9.83 22.99 71.87
C HIS D 102 10.02 23.55 70.47
N ASP D 103 9.94 22.70 69.46
CA ASP D 103 10.26 23.14 68.10
C ASP D 103 9.06 23.71 67.35
N ASP D 104 9.32 24.32 66.19
CA ASP D 104 8.27 24.77 65.31
C ASP D 104 7.82 23.53 64.54
N CYS D 105 6.62 23.57 63.97
CA CYS D 105 6.06 22.38 63.31
C CYS D 105 5.35 22.73 62.00
N ALA D 106 5.46 21.84 61.03
CA ALA D 106 4.63 21.92 59.81
C ALA D 106 3.53 20.84 59.79
N LEU D 107 2.42 21.14 59.14
CA LEU D 107 1.37 20.15 59.06
C LEU D 107 0.93 20.08 57.61
N VAL D 108 0.83 18.86 57.09
CA VAL D 108 0.39 18.66 55.72
C VAL D 108 -0.63 17.53 55.70
N LEU D 109 -1.66 17.68 54.88
CA LEU D 109 -2.73 16.70 54.80
C LEU D 109 -2.29 15.58 53.88
N GLY D 110 -2.65 14.35 54.24
CA GLY D 110 -2.22 13.18 53.47
C GLY D 110 -2.65 13.14 52.01
N ASP D 111 -3.73 13.84 51.64
CA ASP D 111 -4.24 13.77 50.27
C ASP D 111 -3.85 14.97 49.42
N ASN D 112 -2.90 15.76 49.91
CA ASN D 112 -2.48 16.96 49.18
C ASN D 112 -1.23 16.80 48.30
N ILE D 113 -1.40 17.12 47.04
CA ILE D 113 -0.31 16.96 46.08
C ILE D 113 0.16 18.32 45.59
N PHE D 114 1.38 18.69 45.97
CA PHE D 114 1.96 19.98 45.57
C PHE D 114 3.08 19.78 44.53
N TYR D 115 3.09 20.63 43.49
CA TYR D 115 4.12 20.60 42.47
C TYR D 115 4.51 22.02 42.08
N GLY D 116 5.80 22.28 41.93
CA GLY D 116 6.25 23.60 41.56
C GLY D 116 7.74 23.80 41.78
N HIS D 117 8.43 24.22 40.72
CA HIS D 117 9.87 24.41 40.76
C HIS D 117 10.26 25.21 41.98
N ASP D 118 9.53 26.30 42.23
CA ASP D 118 9.91 27.26 43.27
C ASP D 118 9.35 26.94 44.67
N LEU D 119 8.71 25.79 44.81
CA LEU D 119 8.06 25.47 46.09
C LEU D 119 8.98 25.50 47.31
N PRO D 120 10.20 24.92 47.19
CA PRO D 120 11.13 24.94 48.33
C PRO D 120 11.51 26.35 48.79
N LYS D 121 11.75 27.27 47.86
CA LYS D 121 12.00 28.66 48.22
C LYS D 121 10.84 29.21 49.06
N LEU D 122 9.63 28.92 48.62
CA LEU D 122 8.42 29.32 49.35
C LEU D 122 8.40 28.77 50.78
N MET D 123 8.80 27.50 50.92
CA MET D 123 8.78 26.85 52.22
C MET D 123 9.95 27.28 53.11
N GLU D 124 11.10 27.57 52.51
CA GLU D 124 12.23 28.05 53.29
C GLU D 124 11.88 29.37 53.95
N ALA D 125 11.14 30.21 53.21
CA ALA D 125 10.68 31.48 53.75
C ALA D 125 9.74 31.27 54.93
N ALA D 126 8.83 30.31 54.81
CA ALA D 126 7.85 30.06 55.87
C ALA D 126 8.50 29.49 57.12
N VAL D 127 9.52 28.65 56.92
CA VAL D 127 10.28 28.05 58.02
C VAL D 127 11.07 29.12 58.76
N ASN D 128 11.59 30.09 58.00
CA ASN D 128 12.42 31.16 58.55
C ASN D 128 11.61 32.22 59.32
N LYS D 129 10.40 32.53 58.84
CA LYS D 129 9.49 33.38 59.61
C LYS D 129 9.49 32.85 61.04
N GLU D 130 9.55 33.75 62.01
CA GLU D 130 9.82 33.30 63.38
C GLU D 130 8.69 33.47 64.38
N SER D 131 7.82 34.46 64.17
CA SER D 131 6.58 34.50 64.92
C SER D 131 5.41 34.16 64.01
N GLY D 132 4.51 33.32 64.50
CA GLY D 132 3.28 33.04 63.80
C GLY D 132 3.29 31.84 62.87
N ALA D 133 2.51 31.98 61.80
CA ALA D 133 2.19 30.86 60.96
C ALA D 133 2.13 31.29 59.50
N THR D 134 2.38 30.35 58.60
CA THR D 134 2.29 30.64 57.19
C THR D 134 1.33 29.60 56.61
N VAL D 135 0.19 30.05 56.06
CA VAL D 135 -0.64 29.12 55.27
C VAL D 135 -0.30 29.18 53.80
N PHE D 136 -0.63 28.10 53.09
CA PHE D 136 -0.34 28.05 51.66
C PHE D 136 -1.61 28.17 50.81
N ALA D 137 -1.62 29.18 49.95
CA ALA D 137 -2.80 29.52 49.18
C ALA D 137 -2.58 29.30 47.70
N TYR D 138 -3.64 28.87 47.02
CA TYR D 138 -3.57 28.49 45.62
C TYR D 138 -4.64 29.20 44.81
N HIS D 139 -4.24 29.89 43.74
CA HIS D 139 -5.21 30.56 42.90
C HIS D 139 -6.15 29.56 42.21
N VAL D 140 -7.45 29.77 42.41
CA VAL D 140 -8.46 28.95 41.77
C VAL D 140 -9.46 29.83 41.03
N ASN D 141 -10.18 29.22 40.10
CA ASN D 141 -11.23 29.93 39.35
C ASN D 141 -12.56 29.90 40.09
N ASP D 142 -12.67 29.05 41.10
CA ASP D 142 -13.93 28.85 41.80
C ASP D 142 -13.77 28.94 43.31
N PRO D 143 -13.29 30.08 43.82
CA PRO D 143 -13.01 30.25 45.25
C PRO D 143 -14.15 29.75 46.12
N GLU D 144 -15.38 29.95 45.67
CA GLU D 144 -16.57 29.62 46.45
C GLU D 144 -16.58 28.18 46.92
N ARG D 145 -15.71 27.36 46.34
CA ARG D 145 -15.74 25.92 46.59
C ARG D 145 -14.83 25.48 47.74
N TYR D 146 -13.83 26.30 48.03
CA TYR D 146 -12.84 25.97 49.05
C TYR D 146 -12.92 26.92 50.24
N GLY D 147 -12.01 26.76 51.18
CA GLY D 147 -11.83 27.74 52.23
C GLY D 147 -10.98 28.86 51.65
N VAL D 148 -11.44 30.09 51.83
CA VAL D 148 -10.83 31.22 51.13
C VAL D 148 -10.11 32.20 52.05
N VAL D 149 -8.90 32.55 51.68
CA VAL D 149 -8.13 33.52 52.43
C VAL D 149 -7.98 34.82 51.63
N GLU D 150 -8.40 35.92 52.26
CA GLU D 150 -8.20 37.23 51.69
C GLU D 150 -7.01 37.86 52.40
N PHE D 151 -6.07 38.42 51.66
CA PHE D 151 -4.86 38.90 52.32
C PHE D 151 -4.24 40.23 51.87
N ASP D 152 -3.33 40.67 52.73
CA ASP D 152 -2.61 41.94 52.66
C ASP D 152 -1.59 41.92 51.52
N GLN D 153 -1.00 43.07 51.22
CA GLN D 153 0.14 43.13 50.32
C GLN D 153 1.41 42.71 51.06
N LYS D 154 1.35 42.74 52.38
CA LYS D 154 2.46 42.29 53.20
C LYS D 154 2.52 40.77 53.16
N GLY D 155 1.37 40.15 52.94
CA GLY D 155 1.25 38.72 52.94
C GLY D 155 0.50 38.27 54.18
N THR D 156 -0.09 39.25 54.88
CA THR D 156 -0.82 38.97 56.11
C THR D 156 -2.30 38.72 55.84
N ALA D 157 -2.81 37.60 56.34
CA ALA D 157 -4.21 37.22 56.16
C ALA D 157 -5.11 38.25 56.83
N VAL D 158 -6.26 38.53 56.22
CA VAL D 158 -7.21 39.49 56.79
C VAL D 158 -8.62 38.90 56.97
N SER D 159 -8.88 37.78 56.33
CA SER D 159 -10.14 37.05 56.53
C SER D 159 -10.03 35.60 56.08
N LEU D 160 -10.76 34.73 56.77
CA LEU D 160 -10.81 33.31 56.42
C LEU D 160 -12.27 32.90 56.33
N GLU D 161 -12.67 32.44 55.15
CA GLU D 161 -14.08 32.10 54.93
C GLU D 161 -14.29 30.77 54.24
N GLU D 162 -14.99 29.87 54.92
CA GLU D 162 -15.32 28.54 54.39
C GLU D 162 -16.38 28.62 53.31
N LYS D 163 -15.98 28.33 52.08
CA LYS D 163 -16.89 28.32 50.93
C LYS D 163 -17.76 29.56 50.86
N PRO D 164 -17.12 30.75 50.81
CA PRO D 164 -17.88 32.00 50.88
C PRO D 164 -18.80 32.13 49.67
N LEU D 165 -20.03 32.59 49.89
CA LEU D 165 -20.92 32.85 48.79
C LEU D 165 -20.41 34.08 48.05
N GLN D 166 -19.80 34.99 48.79
CA GLN D 166 -19.20 36.20 48.22
C GLN D 166 -17.69 36.19 48.44
N PRO D 167 -16.98 35.29 47.74
CA PRO D 167 -15.54 35.08 47.95
C PRO D 167 -14.78 36.40 47.99
N LYS D 168 -13.98 36.60 49.03
CA LYS D 168 -13.24 37.85 49.20
C LYS D 168 -11.94 37.85 48.41
N SER D 169 -11.65 36.71 47.78
CA SER D 169 -10.38 36.53 47.06
C SER D 169 -10.44 35.25 46.25
N ASN D 170 -9.47 35.06 45.36
CA ASN D 170 -9.42 33.87 44.53
C ASN D 170 -8.46 32.83 45.06
N TYR D 171 -8.03 33.01 46.31
CA TYR D 171 -7.04 32.11 46.90
C TYR D 171 -7.61 31.09 47.89
N ALA D 172 -7.47 29.82 47.52
CA ALA D 172 -7.93 28.70 48.32
C ALA D 172 -6.85 28.31 49.29
N VAL D 173 -7.24 27.97 50.51
CA VAL D 173 -6.26 27.52 51.48
C VAL D 173 -5.99 26.04 51.25
N THR D 174 -4.72 25.72 51.01
CA THR D 174 -4.33 24.33 50.81
C THR D 174 -3.98 23.66 52.13
N GLY D 175 -3.73 22.35 52.06
CA GLY D 175 -3.45 21.57 53.25
C GLY D 175 -1.98 21.53 53.64
N LEU D 176 -1.30 22.67 53.49
CA LEU D 176 0.08 22.80 53.95
C LEU D 176 0.24 24.03 54.83
N TYR D 177 0.71 23.81 56.07
CA TYR D 177 0.76 24.87 57.07
C TYR D 177 2.08 24.87 57.83
N PHE D 178 2.54 26.07 58.22
CA PHE D 178 3.75 26.20 59.03
C PHE D 178 3.45 26.97 60.29
N TYR D 179 3.84 26.40 61.43
CA TYR D 179 3.53 27.00 62.71
C TYR D 179 4.80 27.21 63.51
N ASP D 180 4.77 28.17 64.42
CA ASP D 180 5.79 28.24 65.45
C ASP D 180 5.28 27.43 66.64
N ASN D 181 6.12 27.27 67.66
CA ASN D 181 5.79 26.39 68.77
C ASN D 181 4.51 26.76 69.54
N SER D 182 4.08 28.00 69.42
CA SER D 182 2.93 28.48 70.18
C SER D 182 1.64 27.78 69.78
N VAL D 183 1.69 26.99 68.71
CA VAL D 183 0.50 26.32 68.18
C VAL D 183 0.00 25.18 69.08
N VAL D 184 0.93 24.45 69.70
CA VAL D 184 0.56 23.36 70.60
C VAL D 184 -0.29 23.96 71.70
N GLU D 185 0.13 25.14 72.12
CA GLU D 185 -0.54 25.87 73.17
C GLU D 185 -1.95 26.28 72.77
N MET D 186 -2.08 26.84 71.57
CA MET D 186 -3.40 27.19 71.04
C MET D 186 -4.32 25.98 71.08
N ALA D 187 -3.82 24.86 70.55
CA ALA D 187 -4.63 23.65 70.38
C ALA D 187 -5.12 23.11 71.71
N LYS D 188 -4.23 23.07 72.70
CA LYS D 188 -4.61 22.65 74.04
C LYS D 188 -5.72 23.54 74.60
N ASN D 189 -5.60 24.84 74.38
CA ASN D 189 -6.56 25.80 74.91
C ASN D 189 -7.67 26.16 73.94
N LEU D 190 -7.90 25.29 72.96
CA LEU D 190 -8.94 25.55 71.99
C LEU D 190 -10.19 24.76 72.34
N LYS D 191 -11.34 25.25 71.89
CA LYS D 191 -12.58 24.56 72.12
C LYS D 191 -13.30 24.35 70.79
N GLU D 197 -15.63 19.96 67.40
CA GLU D 197 -14.29 19.45 67.18
C GLU D 197 -13.30 20.58 66.89
N LEU D 198 -12.06 20.39 67.32
CA LEU D 198 -10.99 21.37 67.13
C LEU D 198 -10.51 21.46 65.66
N GLU D 199 -10.66 22.65 65.06
CA GLU D 199 -10.41 22.82 63.62
C GLU D 199 -9.07 23.46 63.30
N ILE D 200 -8.48 23.07 62.16
CA ILE D 200 -7.29 23.74 61.70
C ILE D 200 -7.64 25.20 61.43
N THR D 201 -8.84 25.42 60.90
CA THR D 201 -9.31 26.76 60.57
C THR D 201 -9.38 27.70 61.78
N ASP D 202 -9.87 27.18 62.90
CA ASP D 202 -9.93 27.98 64.13
C ASP D 202 -8.54 28.45 64.51
N ILE D 203 -7.61 27.50 64.53
CA ILE D 203 -6.22 27.79 64.86
C ILE D 203 -5.64 28.89 63.97
N ASN D 204 -5.92 28.82 62.67
CA ASN D 204 -5.39 29.82 61.74
C ASN D 204 -6.01 31.19 61.96
N ARG D 205 -7.32 31.21 62.26
CA ARG D 205 -8.00 32.49 62.48
C ARG D 205 -7.40 33.19 63.69
N ILE D 206 -6.97 32.40 64.67
CA ILE D 206 -6.32 32.96 65.85
C ILE D 206 -5.04 33.70 65.49
N TYR D 207 -4.13 33.02 64.80
CA TYR D 207 -2.90 33.65 64.34
C TYR D 207 -3.17 34.93 63.56
N MET D 208 -4.21 34.88 62.74
CA MET D 208 -4.58 36.01 61.91
C MET D 208 -5.04 37.16 62.77
N GLU D 209 -5.85 36.85 63.78
CA GLU D 209 -6.36 37.86 64.71
C GLU D 209 -5.24 38.53 65.51
N GLN D 210 -4.12 37.83 65.63
CA GLN D 210 -2.92 38.38 66.27
C GLN D 210 -2.00 39.02 65.25
N GLY D 211 -2.38 38.95 63.98
CA GLY D 211 -1.58 39.54 62.91
C GLY D 211 -0.39 38.70 62.52
N ARG D 212 -0.22 37.55 63.16
CA ARG D 212 0.96 36.72 62.92
C ARG D 212 0.72 35.62 61.88
N LEU D 213 -0.27 35.80 61.02
CA LEU D 213 -0.54 34.80 59.97
C LEU D 213 -0.16 35.28 58.55
N SER D 214 0.87 34.65 57.99
CA SER D 214 1.32 34.97 56.64
C SER D 214 0.71 34.04 55.60
N VAL D 215 0.75 34.47 54.35
CA VAL D 215 0.19 33.68 53.28
C VAL D 215 1.21 33.47 52.18
N ALA D 216 1.63 32.21 52.00
CA ALA D 216 2.48 31.83 50.88
C ALA D 216 1.62 31.65 49.63
N MET D 217 1.96 32.38 48.59
CA MET D 217 1.13 32.45 47.40
C MET D 217 1.65 31.51 46.30
N MET D 218 0.84 30.53 45.92
CA MET D 218 1.18 29.65 44.79
C MET D 218 0.41 30.04 43.54
N GLY D 219 1.08 30.79 42.65
CA GLY D 219 0.45 31.29 41.44
C GLY D 219 0.72 30.41 40.23
N ARG D 220 0.78 31.02 39.05
CA ARG D 220 1.02 30.26 37.82
C ARG D 220 2.36 29.56 37.92
N GLY D 221 2.41 28.32 37.46
CA GLY D 221 3.60 27.50 37.58
C GLY D 221 3.41 26.38 38.60
N TYR D 222 2.49 26.59 39.55
CA TYR D 222 2.22 25.62 40.59
C TYR D 222 1.03 24.72 40.25
N ALA D 223 1.08 23.49 40.71
CA ALA D 223 -0.08 22.59 40.63
C ALA D 223 -0.45 22.13 42.01
N TRP D 224 -1.74 21.97 42.26
CA TRP D 224 -2.20 21.47 43.56
C TRP D 224 -3.45 20.58 43.37
N LEU D 225 -3.44 19.40 43.97
CA LEU D 225 -4.58 18.50 43.92
C LEU D 225 -4.99 17.99 45.30
N ASP D 226 -6.29 18.06 45.58
CA ASP D 226 -6.83 17.40 46.77
C ASP D 226 -7.45 16.11 46.25
N THR D 227 -6.67 15.05 46.37
CA THR D 227 -6.99 13.77 45.80
C THR D 227 -7.98 13.01 46.66
N GLY D 228 -9.26 13.30 46.50
CA GLY D 228 -10.26 12.74 47.37
C GLY D 228 -11.50 12.24 46.67
N THR D 229 -11.53 12.36 45.34
CA THR D 229 -12.64 11.86 44.53
C THR D 229 -12.12 11.01 43.37
N HIS D 230 -12.93 10.10 42.89
CA HIS D 230 -12.48 9.24 41.79
C HIS D 230 -11.90 10.04 40.64
N GLN D 231 -12.53 11.17 40.32
CA GLN D 231 -12.11 11.97 39.17
C GLN D 231 -10.74 12.60 39.44
N SER D 232 -10.53 13.13 40.63
CA SER D 232 -9.34 13.91 40.88
C SER D 232 -8.15 12.99 41.12
N LEU D 233 -8.43 11.77 41.56
CA LEU D 233 -7.42 10.74 41.70
C LEU D 233 -6.86 10.41 40.33
N ILE D 234 -7.75 10.21 39.36
CA ILE D 234 -7.30 9.82 38.04
C ILE D 234 -6.69 11.01 37.31
N GLU D 235 -7.08 12.23 37.67
CA GLU D 235 -6.46 13.41 37.07
C GLU D 235 -5.05 13.57 37.58
N ALA D 236 -4.86 13.24 38.86
CA ALA D 236 -3.55 13.39 39.50
C ALA D 236 -2.60 12.36 38.94
N SER D 237 -3.08 11.11 38.79
CA SER D 237 -2.28 10.03 38.24
C SER D 237 -1.80 10.42 36.85
N ASN D 238 -2.72 10.93 36.05
CA ASN D 238 -2.37 11.30 34.70
C ASN D 238 -1.41 12.45 34.64
N PHE D 239 -1.58 13.40 35.56
CA PHE D 239 -0.70 14.54 35.60
C PHE D 239 0.72 14.11 35.93
N ILE D 240 0.87 13.24 36.91
CA ILE D 240 2.18 12.74 37.30
C ILE D 240 2.79 11.89 36.17
N ALA D 241 2.02 10.96 35.62
CA ALA D 241 2.50 10.16 34.52
C ALA D 241 2.95 11.02 33.33
N THR D 242 2.20 12.06 33.02
CA THR D 242 2.53 12.90 31.87
C THR D 242 3.85 13.66 32.13
N ILE D 243 3.96 14.28 33.31
CA ILE D 243 5.14 15.10 33.63
C ILE D 243 6.39 14.25 33.61
N GLU D 244 6.28 13.06 34.18
CA GLU D 244 7.41 12.18 34.31
C GLU D 244 7.85 11.64 32.95
N GLU D 245 6.88 11.26 32.14
CA GLU D 245 7.19 10.69 30.83
C GLU D 245 7.68 11.73 29.84
N ARG D 246 7.10 12.91 29.85
CA ARG D 246 7.45 13.93 28.86
C ARG D 246 8.71 14.71 29.20
N GLN D 247 8.94 14.94 30.49
CA GLN D 247 10.05 15.77 30.96
C GLN D 247 11.16 14.99 31.67
N GLY D 248 11.00 13.69 31.79
CA GLY D 248 12.04 12.82 32.29
C GLY D 248 12.48 13.07 33.71
N LEU D 249 11.52 13.38 34.57
CA LEU D 249 11.89 13.57 35.95
C LEU D 249 10.81 12.94 36.81
N LYS D 250 11.14 12.56 38.03
CA LYS D 250 10.13 12.01 38.92
C LYS D 250 9.61 13.09 39.84
N VAL D 251 8.32 13.01 40.12
CA VAL D 251 7.66 13.92 41.03
C VAL D 251 7.48 13.24 42.39
N SER D 252 7.96 13.89 43.45
CA SER D 252 7.85 13.38 44.81
C SER D 252 8.36 11.95 44.94
N CYS D 253 9.55 11.72 44.41
CA CYS D 253 10.25 10.47 44.60
C CYS D 253 11.18 10.59 45.80
N PRO D 254 10.80 10.01 46.94
CA PRO D 254 11.54 10.20 48.18
C PRO D 254 13.00 9.76 48.07
N GLU D 255 13.27 8.69 47.32
CA GLU D 255 14.65 8.23 47.20
C GLU D 255 15.48 9.25 46.44
N GLU D 256 14.92 9.83 45.39
CA GLU D 256 15.60 10.90 44.66
C GLU D 256 15.84 12.14 45.52
N ILE D 257 14.84 12.52 46.31
CA ILE D 257 14.98 13.71 47.15
C ILE D 257 16.02 13.49 48.25
N ALA D 258 15.94 12.34 48.91
CA ALA D 258 16.90 12.01 49.97
C ALA D 258 18.33 12.01 49.42
N PHE D 259 18.49 11.59 48.17
CA PHE D 259 19.80 11.54 47.57
C PHE D 259 20.31 12.93 47.20
N ARG D 260 19.47 13.70 46.53
CA ARG D 260 19.88 15.04 46.06
C ARG D 260 20.06 16.04 47.19
N LYS D 261 19.40 15.82 48.33
CA LYS D 261 19.61 16.67 49.49
C LYS D 261 20.64 16.06 50.46
N ASN D 262 21.33 15.02 50.01
CA ASN D 262 22.36 14.33 50.79
C ASN D 262 21.93 13.71 52.13
N PHE D 263 20.66 13.27 52.22
CA PHE D 263 20.22 12.45 53.35
C PHE D 263 20.81 11.04 53.24
N ILE D 264 21.11 10.64 52.00
CA ILE D 264 21.65 9.31 51.72
C ILE D 264 22.64 9.38 50.55
N ASN D 265 23.50 8.37 50.43
CA ASN D 265 24.50 8.33 49.38
C ASN D 265 24.09 7.44 48.21
N ALA D 266 24.95 7.37 47.19
CA ALA D 266 24.65 6.62 45.97
C ALA D 266 24.49 5.12 46.22
N GLN D 267 25.19 4.62 47.24
CA GLN D 267 25.14 3.21 47.64
C GLN D 267 23.79 2.84 48.22
N GLN D 268 23.32 3.62 49.19
CA GLN D 268 22.01 3.41 49.79
C GLN D 268 20.95 3.45 48.72
N VAL D 269 21.16 4.32 47.72
CA VAL D 269 20.21 4.42 46.62
C VAL D 269 20.17 3.12 45.83
N ILE D 270 21.36 2.62 45.48
CA ILE D 270 21.46 1.37 44.74
C ILE D 270 20.78 0.19 45.45
N GLU D 271 20.97 0.09 46.77
CA GLU D 271 20.32 -0.97 47.54
C GLU D 271 18.78 -0.81 47.50
N LEU D 272 18.33 0.44 47.52
CA LEU D 272 16.91 0.72 47.51
C LEU D 272 16.33 0.49 46.12
N ALA D 273 17.17 0.65 45.10
CA ALA D 273 16.70 0.48 43.73
C ALA D 273 16.53 -1.00 43.41
N GLY D 274 17.12 -1.84 44.25
CA GLY D 274 17.07 -3.28 44.06
C GLY D 274 15.68 -3.86 43.86
N PRO D 275 14.82 -3.72 44.88
CA PRO D 275 13.41 -4.17 44.86
C PRO D 275 12.58 -3.54 43.75
N LEU D 276 13.02 -2.40 43.22
CA LEU D 276 12.23 -1.72 42.20
C LEU D 276 12.78 -1.91 40.79
N SER D 277 13.72 -2.85 40.67
CA SER D 277 14.45 -3.02 39.41
C SER D 277 13.61 -3.69 38.33
N LYS D 278 12.43 -4.17 38.70
CA LYS D 278 11.53 -4.78 37.71
C LYS D 278 10.68 -3.76 36.97
N ASN D 279 10.83 -2.49 37.33
CA ASN D 279 10.07 -1.44 36.65
C ASN D 279 10.92 -0.19 36.48
N ASP D 280 10.33 0.86 35.92
CA ASP D 280 11.11 2.06 35.60
C ASP D 280 11.53 2.88 36.82
N TYR D 281 10.84 2.65 37.93
CA TYR D 281 11.14 3.35 39.17
C TYR D 281 12.55 2.99 39.62
N GLY D 282 12.82 1.69 39.72
CA GLY D 282 14.15 1.22 40.06
C GLY D 282 15.20 1.71 39.08
N LYS D 283 14.87 1.63 37.78
CA LYS D 283 15.86 1.93 36.74
C LYS D 283 16.16 3.42 36.68
N TYR D 284 15.16 4.22 37.04
CA TYR D 284 15.34 5.66 37.17
C TYR D 284 16.39 5.94 38.26
N LEU D 285 16.19 5.37 39.44
CA LEU D 285 17.10 5.59 40.55
C LEU D 285 18.56 5.25 40.18
N LEU D 286 18.73 4.27 39.29
CA LEU D 286 20.06 3.87 38.88
C LEU D 286 20.69 4.86 37.92
N LYS D 287 19.92 5.33 36.94
CA LYS D 287 20.39 6.34 36.01
C LYS D 287 20.74 7.62 36.74
N MET D 288 19.91 7.96 37.72
CA MET D 288 20.14 9.12 38.57
C MET D 288 21.50 9.09 39.28
N VAL D 289 21.87 7.95 39.86
CA VAL D 289 23.14 7.87 40.61
C VAL D 289 24.39 7.75 39.73
N LYS D 290 24.28 7.99 38.43
CA LYS D 290 25.43 7.89 37.53
C LYS D 290 25.15 8.38 36.12
N LYS E 2 -5.50 33.08 -39.83
CA LYS E 2 -5.60 32.07 -38.77
C LYS E 2 -4.66 30.87 -38.96
N THR E 3 -4.28 30.27 -37.84
CA THR E 3 -3.23 29.27 -37.79
C THR E 3 -3.63 28.07 -36.93
N ARG E 4 -3.17 26.89 -37.32
CA ARG E 4 -3.58 25.68 -36.62
C ARG E 4 -2.75 25.48 -35.37
N LYS E 5 -3.42 25.38 -34.23
CA LYS E 5 -2.71 25.22 -32.97
C LYS E 5 -3.13 23.96 -32.23
N GLY E 6 -2.22 23.44 -31.41
CA GLY E 6 -2.50 22.25 -30.63
C GLY E 6 -1.87 22.42 -29.28
N ILE E 7 -2.33 21.63 -28.31
CA ILE E 7 -1.76 21.61 -26.98
C ILE E 7 -1.59 20.17 -26.56
N ILE E 8 -0.42 19.83 -26.03
CA ILE E 8 -0.18 18.47 -25.54
C ILE E 8 -0.13 18.48 -24.01
N LEU E 9 -0.96 17.66 -23.39
CA LEU E 9 -0.92 17.46 -21.95
C LEU E 9 0.07 16.34 -21.62
N ALA E 10 1.21 16.71 -21.05
CA ALA E 10 2.31 15.78 -20.94
C ALA E 10 2.91 15.79 -19.54
N GLY E 11 2.06 16.02 -18.55
CA GLY E 11 2.47 15.97 -17.15
C GLY E 11 1.85 14.77 -16.47
N GLY E 12 1.35 15.01 -15.26
CA GLY E 12 0.71 13.96 -14.49
C GLY E 12 1.70 13.16 -13.67
N SER E 13 1.20 12.20 -12.89
CA SER E 13 2.05 11.43 -11.98
C SER E 13 2.42 10.03 -12.45
N GLY E 14 1.60 9.47 -13.33
CA GLY E 14 1.89 8.14 -13.84
C GLY E 14 1.92 7.07 -12.76
N THR E 15 1.18 7.29 -11.67
CA THR E 15 1.16 6.37 -10.52
C THR E 15 0.89 4.87 -10.80
N ARG E 16 0.10 4.59 -11.82
CA ARG E 16 -0.17 3.21 -12.19
C ARG E 16 1.11 2.55 -12.72
N LEU E 17 2.06 3.39 -13.13
CA LEU E 17 3.29 2.94 -13.75
C LEU E 17 4.46 2.84 -12.78
N TYR E 18 4.27 3.25 -11.53
CA TYR E 18 5.29 3.03 -10.50
C TYR E 18 5.73 1.59 -10.51
N PRO E 19 7.05 1.34 -10.32
CA PRO E 19 8.10 2.33 -10.06
C PRO E 19 8.81 2.96 -11.27
N VAL E 20 8.40 2.67 -12.50
CA VAL E 20 9.12 3.22 -13.64
C VAL E 20 8.85 4.71 -13.90
N THR E 21 7.84 5.28 -13.26
CA THR E 21 7.56 6.70 -13.43
C THR E 21 7.93 7.50 -12.20
N MET E 22 8.64 6.87 -11.28
CA MET E 22 9.15 7.58 -10.11
C MET E 22 10.23 8.62 -10.44
N ALA E 23 11.10 8.33 -11.41
CA ALA E 23 12.08 9.35 -11.82
C ALA E 23 12.05 9.72 -13.30
N VAL E 24 11.07 9.18 -14.01
CA VAL E 24 10.92 9.43 -15.45
C VAL E 24 9.47 9.77 -15.79
N SER E 25 9.23 10.92 -16.39
CA SER E 25 7.89 11.23 -16.85
C SER E 25 7.33 10.11 -17.73
N LYS E 26 6.04 9.80 -17.54
CA LYS E 26 5.35 8.81 -18.38
C LYS E 26 5.56 9.08 -19.87
N GLN E 27 5.46 10.35 -20.26
CA GLN E 27 5.54 10.75 -21.65
C GLN E 27 6.95 10.74 -22.21
N LEU E 28 7.93 10.36 -21.40
CA LEU E 28 9.31 10.19 -21.90
C LEU E 28 9.74 8.72 -21.99
N LEU E 29 8.88 7.82 -21.53
CA LEU E 29 9.08 6.39 -21.62
C LEU E 29 9.03 5.95 -23.07
N PRO E 30 9.81 4.93 -23.42
CA PRO E 30 9.84 4.49 -24.81
C PRO E 30 8.62 3.64 -25.16
N ILE E 31 8.01 3.94 -26.30
CA ILE E 31 7.11 3.00 -26.95
C ILE E 31 7.91 2.50 -28.14
N TYR E 32 8.43 1.29 -27.99
CA TYR E 32 9.46 0.77 -28.89
C TYR E 32 10.69 1.68 -28.98
N ASP E 33 10.86 2.38 -30.10
CA ASP E 33 12.05 3.19 -30.29
C ASP E 33 11.87 4.70 -30.22
N LYS E 34 10.74 5.17 -29.70
CA LYS E 34 10.54 6.62 -29.54
C LYS E 34 10.01 6.93 -28.15
N PRO E 35 10.35 8.10 -27.62
CA PRO E 35 9.69 8.57 -26.38
C PRO E 35 8.19 8.65 -26.64
N MET E 36 7.38 8.26 -25.67
CA MET E 36 5.95 8.31 -25.79
C MET E 36 5.43 9.59 -26.48
N ILE E 37 5.98 10.74 -26.11
CA ILE E 37 5.42 12.01 -26.59
C ILE E 37 5.54 12.22 -28.10
N TYR E 38 6.43 11.48 -28.75
CA TYR E 38 6.54 11.50 -30.21
C TYR E 38 5.20 11.17 -30.87
N TYR E 39 4.43 10.29 -30.22
CA TYR E 39 3.19 9.79 -30.79
C TYR E 39 2.05 10.85 -30.85
N PRO E 40 1.62 11.39 -29.70
CA PRO E 40 0.64 12.48 -29.80
C PRO E 40 1.17 13.64 -30.60
N LEU E 41 2.48 13.86 -30.55
CA LEU E 41 3.05 14.98 -31.28
C LEU E 41 2.91 14.80 -32.79
N SER E 42 3.15 13.57 -33.26
CA SER E 42 3.02 13.25 -34.68
C SER E 42 1.57 13.41 -35.06
N THR E 43 0.70 12.98 -34.17
CA THR E 43 -0.71 13.07 -34.46
C THR E 43 -1.08 14.51 -34.78
N LEU E 44 -0.63 15.48 -33.99
CA LEU E 44 -0.88 16.88 -34.30
C LEU E 44 -0.25 17.31 -35.62
N MET E 45 0.94 16.80 -35.90
CA MET E 45 1.66 17.18 -37.11
C MET E 45 0.87 16.72 -38.32
N LEU E 46 0.33 15.50 -38.24
CA LEU E 46 -0.47 14.93 -39.33
C LEU E 46 -1.76 15.72 -39.65
N ALA E 47 -2.21 16.54 -38.70
CA ALA E 47 -3.35 17.40 -38.91
C ALA E 47 -2.87 18.76 -39.35
N GLY E 48 -1.58 18.87 -39.64
CA GLY E 48 -1.03 20.12 -40.15
C GLY E 48 -0.81 21.15 -39.06
N ILE E 49 -0.85 20.71 -37.81
CA ILE E 49 -0.63 21.62 -36.70
C ILE E 49 0.87 21.76 -36.45
N ARG E 50 1.38 22.98 -36.59
CA ARG E 50 2.81 23.20 -36.45
C ARG E 50 3.15 24.10 -35.29
N ASP E 51 2.12 24.64 -34.63
CA ASP E 51 2.33 25.45 -33.43
C ASP E 51 1.68 24.76 -32.24
N ILE E 52 2.52 24.30 -31.32
CA ILE E 52 2.10 23.37 -30.30
C ILE E 52 2.62 23.80 -28.94
N LEU E 53 1.74 23.78 -27.97
CA LEU E 53 2.10 24.09 -26.58
C LEU E 53 2.15 22.80 -25.83
N ILE E 54 3.26 22.57 -25.13
CA ILE E 54 3.43 21.38 -24.33
C ILE E 54 3.38 21.74 -22.87
N ILE E 55 2.47 21.10 -22.14
CA ILE E 55 2.25 21.41 -20.73
C ILE E 55 2.71 20.23 -19.91
N SER E 56 3.67 20.46 -19.02
CA SER E 56 4.19 19.38 -18.22
C SER E 56 4.49 19.83 -16.80
N THR E 57 5.00 18.91 -16.00
CA THR E 57 5.28 19.16 -14.61
C THR E 57 6.52 20.01 -14.47
N PRO E 58 6.75 20.59 -13.29
CA PRO E 58 7.91 21.46 -13.13
C PRO E 58 9.24 20.72 -13.29
N GLN E 59 9.36 19.48 -12.82
CA GLN E 59 10.65 18.75 -12.88
C GLN E 59 10.96 18.22 -14.27
N ASP E 60 9.93 17.85 -15.02
CA ASP E 60 10.11 17.15 -16.30
C ASP E 60 9.95 18.07 -17.52
N THR E 61 9.40 19.25 -17.37
CA THR E 61 9.33 20.19 -18.48
C THR E 61 10.70 20.45 -19.12
N PRO E 62 11.76 20.63 -18.33
CA PRO E 62 13.07 20.84 -18.95
C PRO E 62 13.58 19.61 -19.72
N ARG E 63 13.21 18.40 -19.30
CA ARG E 63 13.58 17.19 -20.04
C ARG E 63 12.91 17.13 -21.42
N PHE E 64 11.65 17.55 -21.51
CA PHE E 64 10.96 17.66 -22.80
C PHE E 64 11.64 18.71 -23.68
N GLN E 65 12.11 19.78 -23.08
CA GLN E 65 12.81 20.81 -23.83
C GLN E 65 14.18 20.30 -24.28
N GLN E 66 14.84 19.50 -23.45
CA GLN E 66 16.10 18.90 -23.81
C GLN E 66 15.90 17.98 -25.02
N LEU E 67 14.81 17.24 -25.00
CA LEU E 67 14.51 16.31 -26.08
C LEU E 67 14.03 16.98 -27.38
N LEU E 68 13.16 17.98 -27.25
CA LEU E 68 12.43 18.54 -28.40
C LEU E 68 12.91 19.91 -28.82
N GLY E 69 13.60 20.61 -27.92
CA GLY E 69 14.06 21.95 -28.22
C GLY E 69 12.84 22.77 -28.56
N ASP E 70 12.97 23.68 -29.51
CA ASP E 70 11.83 24.50 -29.87
C ASP E 70 11.11 23.94 -31.09
N GLY E 71 11.45 22.69 -31.44
CA GLY E 71 10.85 22.02 -32.58
C GLY E 71 11.17 22.62 -33.95
N SER E 72 12.03 23.63 -33.99
CA SER E 72 12.35 24.27 -35.26
C SER E 72 13.02 23.28 -36.19
N GLN E 73 13.67 22.26 -35.63
CA GLN E 73 14.38 21.27 -36.42
C GLN E 73 13.41 20.46 -37.27
N TRP E 74 12.13 20.56 -36.93
CA TRP E 74 11.11 19.77 -37.60
C TRP E 74 10.11 20.67 -38.28
N GLY E 75 10.46 21.94 -38.40
CA GLY E 75 9.55 22.91 -38.98
C GLY E 75 8.41 23.31 -38.05
N LEU E 76 8.55 23.02 -36.77
CA LEU E 76 7.52 23.34 -35.80
C LEU E 76 7.92 24.52 -34.93
N ASN E 77 6.97 24.99 -34.15
CA ASN E 77 7.22 25.98 -33.12
C ASN E 77 6.67 25.41 -31.84
N LEU E 78 7.53 24.90 -30.97
CA LEU E 78 7.09 24.31 -29.72
C LEU E 78 7.26 25.32 -28.61
N GLN E 79 6.29 25.34 -27.69
CA GLN E 79 6.35 26.25 -26.55
C GLN E 79 5.99 25.43 -25.34
N TYR E 80 6.43 25.88 -24.17
CA TYR E 80 6.25 25.09 -22.97
C TYR E 80 5.61 25.87 -21.82
N LYS E 81 4.91 25.15 -20.95
CA LYS E 81 4.26 25.79 -19.82
C LYS E 81 4.12 24.74 -18.72
N VAL E 82 4.25 25.15 -17.47
CA VAL E 82 4.22 24.23 -16.35
C VAL E 82 2.84 24.13 -15.72
N SER E 83 2.37 22.91 -15.46
CA SER E 83 1.05 22.73 -14.87
C SER E 83 1.09 23.20 -13.43
N PRO E 84 0.10 24.02 -13.06
CA PRO E 84 0.00 24.60 -11.73
C PRO E 84 -0.74 23.70 -10.77
N SER E 85 -1.68 22.92 -11.30
CA SER E 85 -2.53 22.06 -10.49
C SER E 85 -2.38 20.61 -10.91
N PRO E 86 -2.38 19.69 -9.94
CA PRO E 86 -2.34 18.25 -10.16
C PRO E 86 -3.41 17.76 -11.12
N ASP E 87 -4.59 18.37 -11.05
CA ASP E 87 -5.70 17.97 -11.90
C ASP E 87 -6.35 19.20 -12.53
N GLY E 88 -7.51 18.98 -13.14
CA GLY E 88 -8.18 20.05 -13.82
C GLY E 88 -7.60 20.20 -15.21
N LEU E 89 -7.90 19.23 -16.06
CA LEU E 89 -7.30 19.21 -17.39
C LEU E 89 -7.78 20.35 -18.28
N ALA E 90 -9.04 20.74 -18.13
CA ALA E 90 -9.54 21.87 -18.90
C ALA E 90 -8.77 23.14 -18.57
N GLN E 91 -8.03 23.13 -17.47
CA GLN E 91 -7.17 24.26 -17.12
C GLN E 91 -6.19 24.56 -18.23
N ALA E 92 -6.07 23.64 -19.18
CA ALA E 92 -5.14 23.79 -20.29
C ALA E 92 -5.47 25.01 -21.13
N PHE E 93 -6.75 25.28 -21.30
CA PHE E 93 -7.19 26.42 -22.11
C PHE E 93 -6.97 27.74 -21.39
N ILE E 94 -6.92 27.68 -20.06
CA ILE E 94 -6.64 28.87 -19.28
C ILE E 94 -5.16 29.17 -19.29
N ILE E 95 -4.36 28.14 -19.02
CA ILE E 95 -2.92 28.23 -19.10
C ILE E 95 -2.45 28.77 -20.47
N GLY E 96 -3.08 28.28 -21.53
CA GLY E 96 -2.66 28.66 -22.87
C GLY E 96 -3.54 29.69 -23.53
N GLU E 97 -4.25 30.50 -22.74
CA GLU E 97 -5.13 31.50 -23.32
C GLU E 97 -4.36 32.37 -24.29
N GLU E 98 -3.14 32.73 -23.91
CA GLU E 98 -2.32 33.59 -24.74
C GLU E 98 -1.76 32.86 -25.95
N PHE E 99 -1.26 31.65 -25.75
CA PHE E 99 -0.80 30.85 -26.86
C PHE E 99 -1.89 30.76 -27.92
N ILE E 100 -3.11 30.49 -27.47
CA ILE E 100 -4.24 30.23 -28.36
C ILE E 100 -4.66 31.47 -29.14
N GLY E 101 -4.62 32.62 -28.48
CA GLY E 101 -4.99 33.87 -29.11
C GLY E 101 -6.41 33.81 -29.59
N HIS E 102 -6.60 34.10 -30.87
CA HIS E 102 -7.92 34.09 -31.48
C HIS E 102 -8.20 32.83 -32.30
N ASP E 103 -7.26 31.89 -32.30
CA ASP E 103 -7.35 30.73 -33.20
C ASP E 103 -8.13 29.58 -32.61
N ASP E 104 -8.47 28.61 -33.45
CA ASP E 104 -9.03 27.36 -32.98
C ASP E 104 -7.89 26.55 -32.39
N CYS E 105 -8.23 25.56 -31.57
CA CYS E 105 -7.20 24.77 -30.91
C CYS E 105 -7.54 23.29 -30.83
N ALA E 106 -6.51 22.45 -30.91
CA ALA E 106 -6.64 21.01 -30.68
C ALA E 106 -6.02 20.66 -29.35
N LEU E 107 -6.50 19.61 -28.71
CA LEU E 107 -5.90 19.15 -27.48
C LEU E 107 -5.75 17.65 -27.59
N VAL E 108 -4.55 17.15 -27.29
CA VAL E 108 -4.30 15.72 -27.27
C VAL E 108 -3.61 15.36 -25.96
N LEU E 109 -3.94 14.22 -25.39
CA LEU E 109 -3.32 13.78 -24.16
C LEU E 109 -1.97 13.10 -24.43
N GLY E 110 -0.97 13.37 -23.58
CA GLY E 110 0.36 12.83 -23.78
C GLY E 110 0.51 11.32 -23.90
N ASP E 111 -0.42 10.55 -23.34
CA ASP E 111 -0.30 9.09 -23.34
C ASP E 111 -1.16 8.38 -24.41
N ASN E 112 -1.67 9.14 -25.38
CA ASN E 112 -2.57 8.59 -26.40
C ASN E 112 -1.89 8.30 -27.71
N ILE E 113 -2.02 7.06 -28.13
CA ILE E 113 -1.39 6.61 -29.35
C ILE E 113 -2.44 6.28 -30.41
N PHE E 114 -2.47 7.06 -31.48
CA PHE E 114 -3.44 6.86 -32.58
C PHE E 114 -2.74 6.35 -33.83
N TYR E 115 -3.32 5.32 -34.45
CA TYR E 115 -2.82 4.77 -35.70
C TYR E 115 -3.95 4.52 -36.67
N GLY E 116 -3.77 4.90 -37.92
CA GLY E 116 -4.80 4.65 -38.91
C GLY E 116 -4.55 5.41 -40.20
N HIS E 117 -4.54 4.67 -41.32
CA HIS E 117 -4.30 5.25 -42.64
C HIS E 117 -5.15 6.49 -42.84
N ASP E 118 -6.44 6.38 -42.53
CA ASP E 118 -7.37 7.48 -42.81
C ASP E 118 -7.45 8.58 -41.75
N LEU E 119 -6.61 8.51 -40.73
CA LEU E 119 -6.72 9.45 -39.62
C LEU E 119 -6.64 10.93 -40.02
N PRO E 120 -5.70 11.28 -40.90
CA PRO E 120 -5.62 12.69 -41.34
C PRO E 120 -6.89 13.21 -42.01
N LYS E 121 -7.55 12.40 -42.84
CA LYS E 121 -8.82 12.80 -43.42
C LYS E 121 -9.81 13.14 -42.30
N LEU E 122 -9.92 12.27 -41.29
CA LEU E 122 -10.77 12.54 -40.12
C LEU E 122 -10.44 13.87 -39.49
N MET E 123 -9.16 14.15 -39.32
CA MET E 123 -8.75 15.35 -38.63
C MET E 123 -8.94 16.60 -39.48
N GLU E 124 -8.79 16.48 -40.80
CA GLU E 124 -8.97 17.61 -41.69
C GLU E 124 -10.42 18.06 -41.65
N ALA E 125 -11.31 17.09 -41.56
CA ALA E 125 -12.72 17.37 -41.40
C ALA E 125 -13.00 18.12 -40.08
N ALA E 126 -12.42 17.66 -38.98
CA ALA E 126 -12.64 18.29 -37.68
C ALA E 126 -12.11 19.71 -37.61
N VAL E 127 -10.99 19.95 -38.31
CA VAL E 127 -10.34 21.26 -38.40
C VAL E 127 -11.19 22.21 -39.22
N ASN E 128 -11.82 21.68 -40.26
CA ASN E 128 -12.65 22.48 -41.15
C ASN E 128 -14.01 22.85 -40.55
N LYS E 129 -14.62 21.94 -39.78
CA LYS E 129 -15.82 22.29 -39.01
C LYS E 129 -15.55 23.63 -38.35
N GLU E 130 -16.52 24.53 -38.39
CA GLU E 130 -16.23 25.90 -37.99
C GLU E 130 -16.90 26.38 -36.73
N SER E 131 -18.04 25.82 -36.38
CA SER E 131 -18.60 26.05 -35.07
C SER E 131 -18.49 24.79 -34.25
N GLY E 132 -18.07 24.93 -33.00
CA GLY E 132 -18.12 23.81 -32.08
C GLY E 132 -16.86 22.99 -32.01
N ALA E 133 -17.05 21.72 -31.72
CA ALA E 133 -15.97 20.86 -31.32
C ALA E 133 -16.16 19.50 -31.93
N THR E 134 -15.04 18.80 -32.14
CA THR E 134 -15.07 17.44 -32.61
C THR E 134 -14.35 16.54 -31.60
N VAL E 135 -15.03 15.58 -30.99
CA VAL E 135 -14.33 14.58 -30.18
C VAL E 135 -14.04 13.34 -31.00
N PHE E 136 -13.09 12.53 -30.56
CA PHE E 136 -12.71 11.35 -31.33
C PHE E 136 -13.05 10.10 -30.55
N ALA E 137 -13.84 9.26 -31.18
CA ALA E 137 -14.40 8.11 -30.51
C ALA E 137 -13.90 6.83 -31.14
N TYR E 138 -13.77 5.81 -30.31
CA TYR E 138 -13.18 4.56 -30.71
C TYR E 138 -14.03 3.38 -30.28
N HIS E 139 -14.35 2.51 -31.24
CA HIS E 139 -15.17 1.38 -30.91
C HIS E 139 -14.42 0.45 -29.96
N VAL E 140 -15.07 0.14 -28.84
CA VAL E 140 -14.53 -0.82 -27.89
C VAL E 140 -15.52 -1.95 -27.58
N ASN E 141 -15.04 -3.05 -27.03
CA ASN E 141 -15.91 -4.17 -26.64
C ASN E 141 -16.44 -4.00 -25.22
N ASP E 142 -15.82 -3.07 -24.49
CA ASP E 142 -16.14 -2.86 -23.08
C ASP E 142 -16.40 -1.39 -22.75
N PRO E 143 -17.40 -0.79 -23.43
CA PRO E 143 -17.68 0.64 -23.24
C PRO E 143 -17.69 1.03 -21.76
N GLU E 144 -18.21 0.14 -20.92
CA GLU E 144 -18.40 0.42 -19.48
C GLU E 144 -17.13 0.92 -18.80
N ARG E 145 -15.99 0.71 -19.46
CA ARG E 145 -14.70 0.97 -18.85
C ARG E 145 -14.18 2.39 -19.09
N TYR E 146 -14.67 3.03 -20.16
CA TYR E 146 -14.21 4.36 -20.55
C TYR E 146 -15.32 5.39 -20.40
N GLY E 147 -15.03 6.62 -20.82
CA GLY E 147 -16.06 7.65 -20.97
C GLY E 147 -16.78 7.38 -22.28
N VAL E 148 -18.10 7.32 -22.26
CA VAL E 148 -18.87 6.88 -23.42
C VAL E 148 -19.70 7.98 -24.08
N VAL E 149 -19.61 8.06 -25.40
CA VAL E 149 -20.39 9.03 -26.14
C VAL E 149 -21.40 8.32 -27.00
N GLU E 150 -22.67 8.69 -26.82
CA GLU E 150 -23.74 8.17 -27.66
C GLU E 150 -24.09 9.26 -28.67
N PHE E 151 -24.23 8.91 -29.94
CA PHE E 151 -24.39 9.97 -30.93
C PHE E 151 -25.36 9.76 -32.08
N ASP E 152 -25.62 10.87 -32.76
CA ASP E 152 -26.56 11.03 -33.85
C ASP E 152 -26.04 10.37 -35.11
N GLN E 153 -26.88 10.27 -36.14
CA GLN E 153 -26.44 9.87 -37.48
C GLN E 153 -25.79 11.04 -38.20
N LYS E 154 -26.03 12.24 -37.70
CA LYS E 154 -25.37 13.43 -38.22
C LYS E 154 -23.90 13.45 -37.75
N GLY E 155 -23.65 12.83 -36.60
CA GLY E 155 -22.35 12.84 -35.98
C GLY E 155 -22.39 13.71 -34.75
N THR E 156 -23.59 14.08 -34.33
CA THR E 156 -23.74 14.97 -33.18
C THR E 156 -23.93 14.17 -31.90
N ALA E 157 -23.13 14.49 -30.90
CA ALA E 157 -23.19 13.81 -29.62
C ALA E 157 -24.54 14.06 -28.96
N VAL E 158 -25.09 13.06 -28.28
CA VAL E 158 -26.35 13.19 -27.58
C VAL E 158 -26.28 12.86 -26.07
N SER E 159 -25.20 12.21 -25.65
CA SER E 159 -24.94 11.98 -24.24
C SER E 159 -23.49 11.62 -24.00
N LEU E 160 -22.98 12.02 -22.84
CA LEU E 160 -21.64 11.72 -22.41
C LEU E 160 -21.68 11.10 -21.03
N GLU E 161 -21.19 9.88 -20.91
CA GLU E 161 -21.29 9.15 -19.64
C GLU E 161 -19.97 8.49 -19.23
N GLU E 162 -19.47 8.88 -18.06
CA GLU E 162 -18.27 8.30 -17.46
C GLU E 162 -18.50 6.88 -16.95
N LYS E 163 -17.91 5.90 -17.61
CA LYS E 163 -18.03 4.51 -17.19
C LYS E 163 -19.49 4.12 -16.89
N PRO E 164 -20.36 4.24 -17.90
CA PRO E 164 -21.78 3.96 -17.66
C PRO E 164 -22.00 2.50 -17.31
N LEU E 165 -22.84 2.24 -16.32
CA LEU E 165 -23.19 0.87 -16.01
C LEU E 165 -24.05 0.34 -17.15
N GLN E 166 -24.84 1.23 -17.75
CA GLN E 166 -25.69 0.90 -18.88
C GLN E 166 -25.23 1.68 -20.11
N PRO E 167 -24.06 1.33 -20.65
CA PRO E 167 -23.44 2.06 -21.76
C PRO E 167 -24.45 2.34 -22.87
N LYS E 168 -24.57 3.60 -23.28
CA LYS E 168 -25.53 3.99 -24.31
C LYS E 168 -24.97 3.75 -25.71
N SER E 169 -23.72 3.33 -25.77
CA SER E 169 -23.00 3.14 -27.03
C SER E 169 -21.70 2.38 -26.79
N ASN E 170 -21.10 1.88 -27.88
CA ASN E 170 -19.84 1.17 -27.81
C ASN E 170 -18.64 2.08 -28.11
N TYR E 171 -18.88 3.38 -28.12
CA TYR E 171 -17.83 4.33 -28.47
C TYR E 171 -17.21 5.06 -27.29
N ALA E 172 -15.92 4.81 -27.09
CA ALA E 172 -15.15 5.44 -26.01
C ALA E 172 -14.60 6.77 -26.51
N VAL E 173 -14.58 7.77 -25.66
CA VAL E 173 -14.02 9.05 -26.04
C VAL E 173 -12.51 9.01 -25.78
N THR E 174 -11.77 9.27 -26.84
CA THR E 174 -10.32 9.25 -26.77
C THR E 174 -9.81 10.62 -26.43
N GLY E 175 -8.50 10.72 -26.22
CA GLY E 175 -7.89 11.95 -25.75
C GLY E 175 -7.44 12.86 -26.87
N LEU E 176 -8.26 12.95 -27.91
CA LEU E 176 -8.00 13.87 -29.01
C LEU E 176 -9.23 14.69 -29.26
N TYR E 177 -9.07 16.01 -29.21
CA TYR E 177 -10.21 16.94 -29.27
C TYR E 177 -9.92 18.12 -30.17
N PHE E 178 -10.94 18.61 -30.87
CA PHE E 178 -10.80 19.80 -31.69
C PHE E 178 -11.82 20.84 -31.28
N TYR E 179 -11.34 22.05 -31.02
CA TYR E 179 -12.19 23.10 -30.53
C TYR E 179 -12.11 24.32 -31.44
N ASP E 180 -13.17 25.12 -31.45
CA ASP E 180 -13.09 26.46 -32.00
C ASP E 180 -12.70 27.39 -30.86
N ASN E 181 -12.43 28.64 -31.17
CA ASN E 181 -11.88 29.58 -30.19
C ASN E 181 -12.74 29.79 -28.96
N SER E 182 -14.02 29.45 -29.05
CA SER E 182 -14.95 29.72 -27.97
C SER E 182 -14.66 28.87 -26.74
N VAL E 183 -13.71 27.95 -26.87
CA VAL E 183 -13.36 27.04 -25.77
C VAL E 183 -12.61 27.74 -24.62
N VAL E 184 -11.78 28.71 -24.95
CA VAL E 184 -11.00 29.43 -23.96
C VAL E 184 -11.99 30.08 -23.05
N GLU E 185 -13.04 30.61 -23.68
CA GLU E 185 -14.10 31.30 -22.99
C GLU E 185 -14.87 30.37 -22.05
N MET E 186 -15.22 29.17 -22.53
CA MET E 186 -15.90 28.19 -21.69
C MET E 186 -15.07 27.90 -20.47
N ALA E 187 -13.78 27.66 -20.69
CA ALA E 187 -12.88 27.23 -19.63
C ALA E 187 -12.73 28.29 -18.56
N LYS E 188 -12.56 29.54 -18.98
CA LYS E 188 -12.48 30.66 -18.03
C LYS E 188 -13.76 30.74 -17.18
N ASN E 189 -14.92 30.55 -17.82
CA ASN E 189 -16.21 30.64 -17.15
C ASN E 189 -16.73 29.31 -16.64
N LEU E 190 -15.85 28.34 -16.47
CA LEU E 190 -16.27 27.03 -16.02
C LEU E 190 -15.99 26.91 -14.53
N LYS E 191 -16.74 26.06 -13.86
CA LYS E 191 -16.55 25.85 -12.43
C LYS E 191 -16.37 24.36 -12.16
N PRO E 192 -15.58 24.04 -11.14
CA PRO E 192 -15.16 22.66 -10.86
C PRO E 192 -16.32 21.66 -10.90
N SER E 193 -16.01 20.43 -11.26
CA SER E 193 -16.97 19.33 -11.22
C SER E 193 -17.12 18.85 -9.77
N ALA E 194 -17.57 17.62 -9.59
CA ALA E 194 -17.73 17.10 -8.23
C ALA E 194 -16.38 16.71 -7.62
N ARG E 195 -15.29 16.84 -8.36
CA ARG E 195 -13.97 16.50 -7.82
C ARG E 195 -13.03 17.70 -7.74
N GLY E 196 -13.61 18.90 -7.86
CA GLY E 196 -12.94 20.14 -7.48
C GLY E 196 -12.19 20.87 -8.56
N GLU E 197 -12.36 20.41 -9.79
CA GLU E 197 -11.42 20.76 -10.84
C GLU E 197 -12.13 20.83 -12.18
N LEU E 198 -11.60 21.64 -13.09
CA LEU E 198 -12.20 21.90 -14.39
C LEU E 198 -11.92 20.73 -15.33
N GLU E 199 -12.99 20.09 -15.82
CA GLU E 199 -12.87 18.84 -16.59
C GLU E 199 -12.98 19.02 -18.10
N ILE E 200 -12.26 18.20 -18.86
CA ILE E 200 -12.42 18.23 -20.30
C ILE E 200 -13.83 17.78 -20.62
N THR E 201 -14.34 16.82 -19.84
CA THR E 201 -15.68 16.30 -20.03
C THR E 201 -16.76 17.38 -19.89
N ASP E 202 -16.64 18.23 -18.88
CA ASP E 202 -17.60 19.32 -18.67
C ASP E 202 -17.65 20.16 -19.93
N ILE E 203 -16.47 20.53 -20.42
CA ILE E 203 -16.35 21.37 -21.59
C ILE E 203 -17.05 20.76 -22.80
N ASN E 204 -16.88 19.46 -22.98
CA ASN E 204 -17.51 18.77 -24.09
C ASN E 204 -19.02 18.69 -23.96
N ARG E 205 -19.49 18.50 -22.73
CA ARG E 205 -20.93 18.40 -22.50
C ARG E 205 -21.58 19.71 -22.88
N ILE E 206 -20.87 20.81 -22.63
CA ILE E 206 -21.38 22.12 -22.98
C ILE E 206 -21.61 22.24 -24.48
N TYR E 207 -20.59 21.94 -25.27
CA TYR E 207 -20.70 21.99 -26.72
C TYR E 207 -21.85 21.14 -27.20
N MET E 208 -22.01 19.99 -26.56
CA MET E 208 -23.05 19.05 -26.92
C MET E 208 -24.43 19.65 -26.61
N GLU E 209 -24.55 20.28 -25.44
CA GLU E 209 -25.81 20.91 -25.03
C GLU E 209 -26.21 22.03 -26.00
N GLN E 210 -25.21 22.60 -26.69
CA GLN E 210 -25.44 23.62 -27.69
C GLN E 210 -25.59 23.01 -29.07
N GLY E 211 -25.46 21.69 -29.14
CA GLY E 211 -25.56 20.97 -30.40
C GLY E 211 -24.35 21.11 -31.30
N ARG E 212 -23.32 21.78 -30.81
CA ARG E 212 -22.16 22.04 -31.62
C ARG E 212 -21.05 21.04 -31.40
N LEU E 213 -21.37 19.85 -30.90
CA LEU E 213 -20.36 18.82 -30.68
C LEU E 213 -20.49 17.66 -31.66
N SER E 214 -19.50 17.54 -32.55
CA SER E 214 -19.43 16.43 -33.50
C SER E 214 -18.59 15.26 -32.99
N VAL E 215 -18.75 14.11 -33.61
CA VAL E 215 -18.02 12.91 -33.20
C VAL E 215 -17.31 12.26 -34.37
N ALA E 216 -15.98 12.30 -34.37
CA ALA E 216 -15.21 11.60 -35.37
C ALA E 216 -15.13 10.13 -34.98
N MET E 217 -15.52 9.27 -35.89
CA MET E 217 -15.66 7.86 -35.59
C MET E 217 -14.44 7.07 -36.07
N MET E 218 -13.75 6.41 -35.14
CA MET E 218 -12.63 5.53 -35.50
C MET E 218 -13.05 4.07 -35.42
N GLY E 219 -13.38 3.49 -36.56
CA GLY E 219 -13.84 2.11 -36.59
C GLY E 219 -12.74 1.11 -36.94
N ARG E 220 -13.12 -0.01 -37.54
CA ARG E 220 -12.12 -0.98 -37.89
C ARG E 220 -11.08 -0.35 -38.83
N GLY E 221 -9.82 -0.73 -38.65
CA GLY E 221 -8.72 -0.11 -39.37
C GLY E 221 -7.87 0.75 -38.45
N TYR E 222 -8.50 1.26 -37.40
CA TYR E 222 -7.84 2.16 -36.44
C TYR E 222 -7.36 1.43 -35.21
N ALA E 223 -6.24 1.91 -34.67
CA ALA E 223 -5.75 1.43 -33.37
C ALA E 223 -5.69 2.60 -32.40
N TRP E 224 -6.00 2.33 -31.14
CA TRP E 224 -5.87 3.36 -30.10
C TRP E 224 -5.40 2.78 -28.76
N LEU E 225 -4.33 3.33 -28.21
CA LEU E 225 -3.83 2.90 -26.89
C LEU E 225 -3.75 4.05 -25.88
N ASP E 226 -4.23 3.80 -24.66
CA ASP E 226 -4.01 4.71 -23.55
C ASP E 226 -2.89 4.07 -22.73
N THR E 227 -1.68 4.57 -22.94
CA THR E 227 -0.51 3.87 -22.47
C THR E 227 -0.22 4.29 -21.07
N GLY E 228 -0.81 3.59 -20.10
CA GLY E 228 -0.78 4.09 -18.75
C GLY E 228 -0.63 3.02 -17.71
N THR E 229 -0.56 1.78 -18.19
CA THR E 229 -0.30 0.64 -17.32
C THR E 229 0.86 -0.19 -17.87
N HIS E 230 1.49 -0.99 -17.03
CA HIS E 230 2.63 -1.76 -17.48
C HIS E 230 2.28 -2.67 -18.65
N GLN E 231 1.13 -3.32 -18.55
CA GLN E 231 0.65 -4.17 -19.62
C GLN E 231 0.43 -3.42 -20.94
N SER E 232 -0.15 -2.23 -20.88
CA SER E 232 -0.56 -1.57 -22.12
C SER E 232 0.65 -0.94 -22.77
N LEU E 233 1.58 -0.52 -21.93
CA LEU E 233 2.88 0.00 -22.39
C LEU E 233 3.59 -1.06 -23.24
N ILE E 234 3.61 -2.29 -22.75
CA ILE E 234 4.33 -3.30 -23.46
C ILE E 234 3.54 -3.80 -24.69
N GLU E 235 2.22 -3.69 -24.64
CA GLU E 235 1.41 -4.03 -25.80
C GLU E 235 1.61 -3.02 -26.90
N ALA E 236 1.75 -1.76 -26.50
CA ALA E 236 1.94 -0.68 -27.46
C ALA E 236 3.30 -0.81 -28.13
N SER E 237 4.34 -1.04 -27.32
CA SER E 237 5.69 -1.24 -27.84
C SER E 237 5.71 -2.37 -28.86
N ASN E 238 5.18 -3.52 -28.48
CA ASN E 238 5.04 -4.63 -29.40
C ASN E 238 4.24 -4.34 -30.67
N PHE E 239 3.19 -3.54 -30.54
CA PHE E 239 2.38 -3.23 -31.70
C PHE E 239 3.21 -2.39 -32.66
N ILE E 240 3.84 -1.34 -32.14
CA ILE E 240 4.68 -0.50 -32.99
C ILE E 240 5.79 -1.29 -33.63
N ALA E 241 6.45 -2.15 -32.84
CA ALA E 241 7.61 -2.87 -33.36
C ALA E 241 7.18 -3.83 -34.45
N THR E 242 6.04 -4.49 -34.25
CA THR E 242 5.52 -5.41 -35.24
C THR E 242 5.18 -4.70 -36.55
N ILE E 243 4.45 -3.59 -36.47
CA ILE E 243 4.03 -2.88 -37.67
C ILE E 243 5.22 -2.41 -38.47
N GLU E 244 6.19 -1.86 -37.76
CA GLU E 244 7.35 -1.27 -38.41
C GLU E 244 8.23 -2.35 -39.08
N GLU E 245 8.40 -3.46 -38.39
CA GLU E 245 9.24 -4.54 -38.91
C GLU E 245 8.59 -5.30 -40.03
N ARG E 246 7.29 -5.54 -39.93
CA ARG E 246 6.61 -6.38 -40.91
C ARG E 246 6.25 -5.61 -42.17
N GLN E 247 5.91 -4.34 -42.00
CA GLN E 247 5.37 -3.53 -43.08
C GLN E 247 6.32 -2.43 -43.55
N GLY E 248 7.50 -2.36 -42.96
CA GLY E 248 8.50 -1.44 -43.47
C GLY E 248 8.20 0.05 -43.39
N LEU E 249 7.46 0.49 -42.38
CA LEU E 249 7.18 1.90 -42.27
C LEU E 249 7.35 2.30 -40.83
N LYS E 250 7.59 3.57 -40.58
CA LYS E 250 7.64 4.04 -39.20
C LYS E 250 6.30 4.67 -38.76
N VAL E 251 5.93 4.38 -37.53
CA VAL E 251 4.72 4.96 -36.95
C VAL E 251 5.07 6.16 -36.07
N SER E 252 4.50 7.31 -36.39
CA SER E 252 4.72 8.51 -35.58
C SER E 252 6.18 8.90 -35.49
N CYS E 253 6.85 8.90 -36.64
CA CYS E 253 8.21 9.38 -36.77
C CYS E 253 8.17 10.83 -37.23
N PRO E 254 8.42 11.76 -36.29
CA PRO E 254 8.31 13.19 -36.59
C PRO E 254 9.24 13.66 -37.72
N GLU E 255 10.42 13.09 -37.84
CA GLU E 255 11.29 13.50 -38.93
C GLU E 255 10.69 13.08 -40.27
N GLU E 256 10.13 11.88 -40.32
CA GLU E 256 9.49 11.42 -41.54
C GLU E 256 8.28 12.29 -41.88
N ILE E 257 7.49 12.63 -40.88
CA ILE E 257 6.26 13.39 -41.13
C ILE E 257 6.61 14.81 -41.60
N ALA E 258 7.61 15.41 -40.95
CA ALA E 258 8.06 16.75 -41.28
C ALA E 258 8.58 16.78 -42.70
N PHE E 259 9.19 15.68 -43.13
CA PHE E 259 9.76 15.65 -44.45
C PHE E 259 8.67 15.45 -45.50
N ARG E 260 7.77 14.51 -45.25
CA ARG E 260 6.75 14.17 -46.24
C ARG E 260 5.68 15.25 -46.35
N LYS E 261 5.54 16.11 -45.34
CA LYS E 261 4.61 17.23 -45.45
C LYS E 261 5.34 18.52 -45.82
N ASN E 262 6.63 18.39 -46.15
CA ASN E 262 7.46 19.52 -46.56
C ASN E 262 7.68 20.62 -45.50
N PHE E 263 7.72 20.24 -44.23
CA PHE E 263 8.15 21.17 -43.18
C PHE E 263 9.67 21.32 -43.25
N ILE E 264 10.33 20.28 -43.76
CA ILE E 264 11.78 20.27 -43.86
C ILE E 264 12.22 19.55 -45.13
N ASN E 265 13.46 19.81 -45.57
CA ASN E 265 13.97 19.20 -46.79
C ASN E 265 14.88 18.01 -46.53
N ALA E 266 15.37 17.38 -47.60
CA ALA E 266 16.16 16.16 -47.47
C ALA E 266 17.48 16.37 -46.75
N GLN E 267 18.00 17.60 -46.81
CA GLN E 267 19.24 17.97 -46.14
C GLN E 267 19.06 18.02 -44.63
N GLN E 268 18.02 18.72 -44.18
CA GLN E 268 17.72 18.77 -42.76
C GLN E 268 17.50 17.37 -42.24
N VAL E 269 16.90 16.51 -43.06
CA VAL E 269 16.71 15.13 -42.66
C VAL E 269 18.05 14.45 -42.44
N ILE E 270 18.95 14.60 -43.41
CA ILE E 270 20.28 13.99 -43.31
C ILE E 270 21.04 14.44 -42.07
N GLU E 271 20.95 15.72 -41.73
CA GLU E 271 21.64 16.21 -40.52
C GLU E 271 21.03 15.62 -39.27
N LEU E 272 19.71 15.44 -39.30
CA LEU E 272 18.97 14.86 -38.17
C LEU E 272 19.24 13.36 -38.02
N ALA E 273 19.42 12.68 -39.15
CA ALA E 273 19.70 11.25 -39.14
C ALA E 273 21.10 10.96 -38.58
N GLY E 274 21.93 11.99 -38.46
CA GLY E 274 23.31 11.83 -38.04
C GLY E 274 23.45 11.13 -36.71
N PRO E 275 22.86 11.71 -35.68
CA PRO E 275 22.97 11.14 -34.35
C PRO E 275 22.41 9.72 -34.35
N LEU E 276 21.37 9.50 -35.13
CA LEU E 276 20.64 8.25 -35.04
C LEU E 276 21.22 7.19 -35.97
N SER E 277 22.43 7.43 -36.45
CA SER E 277 23.01 6.53 -37.46
C SER E 277 23.52 5.23 -36.86
N LYS E 278 23.51 5.11 -35.54
CA LYS E 278 23.97 3.90 -34.88
C LYS E 278 22.86 2.86 -34.75
N ASN E 279 21.65 3.21 -35.17
CA ASN E 279 20.55 2.27 -35.14
C ASN E 279 19.72 2.38 -36.40
N ASP E 280 18.63 1.62 -36.47
CA ASP E 280 17.82 1.58 -37.69
C ASP E 280 16.98 2.84 -37.91
N TYR E 281 16.78 3.60 -36.85
CA TYR E 281 16.04 4.84 -36.93
C TYR E 281 16.76 5.80 -37.88
N GLY E 282 18.03 6.05 -37.62
CA GLY E 282 18.81 6.91 -38.48
C GLY E 282 18.86 6.38 -39.91
N LYS E 283 18.99 5.07 -40.05
CA LYS E 283 19.18 4.43 -41.34
C LYS E 283 17.91 4.45 -42.15
N TYR E 284 16.78 4.35 -41.45
CA TYR E 284 15.49 4.52 -42.09
C TYR E 284 15.38 5.92 -42.70
N LEU E 285 15.64 6.94 -41.91
CA LEU E 285 15.57 8.32 -42.41
C LEU E 285 16.39 8.51 -43.68
N LEU E 286 17.52 7.82 -43.77
CA LEU E 286 18.40 7.93 -44.94
C LEU E 286 17.81 7.26 -46.18
N LYS E 287 17.30 6.04 -46.03
CA LYS E 287 16.65 5.34 -47.13
C LYS E 287 15.43 6.13 -47.61
N MET E 288 14.73 6.73 -46.66
CA MET E 288 13.57 7.55 -46.99
C MET E 288 13.92 8.69 -47.93
N VAL E 289 15.01 9.42 -47.64
CA VAL E 289 15.36 10.58 -48.46
C VAL E 289 16.01 10.24 -49.82
N LYS E 290 15.94 8.99 -50.25
CA LYS E 290 16.55 8.62 -51.53
C LYS E 290 16.21 7.20 -51.95
N LYS F 2 36.04 -7.67 4.74
CA LYS F 2 35.32 -7.31 5.96
C LYS F 2 33.85 -7.04 5.66
N THR F 3 33.49 -7.06 4.37
CA THR F 3 32.13 -6.82 3.95
C THR F 3 32.01 -6.91 2.43
N ARG F 4 30.88 -7.41 1.97
CA ARG F 4 30.67 -7.58 0.54
C ARG F 4 30.31 -6.26 -0.13
N LYS F 5 31.09 -5.87 -1.12
CA LYS F 5 30.84 -4.63 -1.83
C LYS F 5 30.67 -4.84 -3.33
N GLY F 6 29.87 -3.97 -3.94
CA GLY F 6 29.62 -4.03 -5.37
C GLY F 6 29.61 -2.61 -5.91
N ILE F 7 29.84 -2.49 -7.21
CA ILE F 7 29.78 -1.22 -7.90
C ILE F 7 28.95 -1.39 -9.16
N ILE F 8 27.99 -0.49 -9.39
CA ILE F 8 27.16 -0.53 -10.59
C ILE F 8 27.53 0.59 -11.55
N LEU F 9 27.93 0.22 -12.77
CA LEU F 9 28.24 1.22 -13.79
C LEU F 9 26.96 1.59 -14.51
N ALA F 10 26.46 2.79 -14.24
CA ALA F 10 25.12 3.16 -14.64
C ALA F 10 25.05 4.51 -15.34
N GLY F 11 26.11 4.85 -16.05
CA GLY F 11 26.10 6.05 -16.85
C GLY F 11 26.14 5.70 -18.34
N GLY F 12 27.02 6.36 -19.09
CA GLY F 12 27.14 6.13 -20.51
C GLY F 12 26.16 6.97 -21.31
N SER F 13 26.23 6.86 -22.63
CA SER F 13 25.41 7.70 -23.50
C SER F 13 24.19 7.03 -24.13
N GLY F 14 24.22 5.71 -24.19
CA GLY F 14 23.14 4.95 -24.80
C GLY F 14 22.83 5.36 -26.24
N THR F 15 23.83 5.80 -26.99
CA THR F 15 23.64 6.27 -28.36
C THR F 15 22.90 5.31 -29.31
N ARG F 16 23.06 4.00 -29.11
CA ARG F 16 22.33 3.03 -29.93
C ARG F 16 20.83 3.13 -29.69
N LEU F 17 20.46 3.72 -28.55
CA LEU F 17 19.07 3.81 -28.12
C LEU F 17 18.40 5.16 -28.42
N TYR F 18 19.15 6.10 -28.97
CA TYR F 18 18.55 7.33 -29.48
C TYR F 18 17.37 6.98 -30.38
N PRO F 19 16.28 7.76 -30.28
CA PRO F 19 16.18 8.97 -29.44
C PRO F 19 15.68 8.73 -28.01
N VAL F 20 15.39 7.50 -27.59
CA VAL F 20 14.82 7.32 -26.26
C VAL F 20 15.81 7.55 -25.11
N THR F 21 17.10 7.64 -25.40
CA THR F 21 18.07 7.92 -24.35
C THR F 21 18.58 9.33 -24.47
N MET F 22 17.93 10.16 -25.26
CA MET F 22 18.30 11.57 -25.35
C MET F 22 18.01 12.38 -24.06
N ALA F 23 16.92 12.09 -23.36
CA ALA F 23 16.65 12.74 -22.09
C ALA F 23 16.40 11.78 -20.91
N VAL F 24 16.60 10.50 -21.15
CA VAL F 24 16.47 9.48 -20.11
C VAL F 24 17.67 8.54 -20.12
N SER F 25 18.34 8.40 -18.97
CA SER F 25 19.40 7.43 -18.85
C SER F 25 18.93 6.06 -19.26
N LYS F 26 19.77 5.35 -20.01
CA LYS F 26 19.46 3.97 -20.41
C LYS F 26 19.04 3.12 -19.21
N GLN F 27 19.72 3.33 -18.08
CA GLN F 27 19.54 2.49 -16.91
C GLN F 27 18.28 2.86 -16.15
N LEU F 28 17.57 3.87 -16.63
CA LEU F 28 16.28 4.22 -16.03
C LEU F 28 15.08 3.79 -16.89
N LEU F 29 15.37 3.28 -18.08
CA LEU F 29 14.36 2.76 -18.97
C LEU F 29 13.71 1.52 -18.39
N PRO F 30 12.40 1.34 -18.67
CA PRO F 30 11.73 0.16 -18.12
C PRO F 30 12.06 -1.12 -18.90
N ILE F 31 12.39 -2.15 -18.14
CA ILE F 31 12.35 -3.50 -18.65
C ILE F 31 11.10 -4.08 -18.02
N TYR F 32 10.03 -4.13 -18.81
CA TYR F 32 8.69 -4.42 -18.29
C TYR F 32 8.26 -3.43 -17.17
N ASP F 33 8.18 -3.90 -15.94
CA ASP F 33 7.65 -3.04 -14.88
C ASP F 33 8.67 -2.48 -13.90
N LYS F 34 9.95 -2.59 -14.21
CA LYS F 34 10.99 -2.00 -13.36
C LYS F 34 11.98 -1.17 -14.18
N PRO F 35 12.54 -0.11 -13.57
CA PRO F 35 13.69 0.55 -14.19
C PRO F 35 14.86 -0.45 -14.47
N MET F 36 15.55 -0.31 -15.59
CA MET F 36 16.63 -1.23 -15.97
C MET F 36 17.52 -1.53 -14.75
N ILE F 37 17.87 -0.50 -13.99
CA ILE F 37 18.85 -0.65 -12.91
C ILE F 37 18.44 -1.58 -11.79
N TYR F 38 17.14 -1.86 -11.66
CA TYR F 38 16.67 -2.83 -10.67
C TYR F 38 17.31 -4.20 -10.89
N TYR F 39 17.60 -4.52 -12.14
CA TYR F 39 18.10 -5.84 -12.52
C TYR F 39 19.56 -6.10 -12.07
N PRO F 40 20.54 -5.27 -12.52
CA PRO F 40 21.90 -5.49 -11.98
C PRO F 40 21.90 -5.33 -10.46
N LEU F 41 21.04 -4.46 -9.94
CA LEU F 41 21.02 -4.21 -8.51
C LEU F 41 20.56 -5.45 -7.75
N SER F 42 19.52 -6.11 -8.23
CA SER F 42 19.08 -7.36 -7.64
C SER F 42 20.16 -8.41 -7.72
N THR F 43 20.87 -8.41 -8.82
CA THR F 43 21.90 -9.39 -9.02
C THR F 43 22.95 -9.31 -7.88
N LEU F 44 23.42 -8.11 -7.58
CA LEU F 44 24.27 -7.89 -6.43
C LEU F 44 23.61 -8.32 -5.11
N MET F 45 22.32 -8.05 -4.95
CA MET F 45 21.66 -8.36 -3.69
C MET F 45 21.64 -9.86 -3.47
N LEU F 46 21.42 -10.59 -4.57
CA LEU F 46 21.36 -12.05 -4.53
C LEU F 46 22.71 -12.69 -4.16
N ALA F 47 23.78 -11.93 -4.31
CA ALA F 47 25.09 -12.37 -3.90
C ALA F 47 25.38 -11.90 -2.48
N GLY F 48 24.37 -11.32 -1.84
CA GLY F 48 24.49 -10.85 -0.47
C GLY F 48 25.28 -9.57 -0.36
N ILE F 49 25.38 -8.84 -1.46
CA ILE F 49 26.07 -7.57 -1.46
C ILE F 49 25.07 -6.47 -1.07
N ARG F 50 25.34 -5.79 0.03
CA ARG F 50 24.43 -4.81 0.59
C ARG F 50 25.03 -3.42 0.57
N ASP F 51 26.31 -3.33 0.26
CA ASP F 51 26.97 -2.04 0.13
C ASP F 51 27.39 -1.81 -1.30
N ILE F 52 26.74 -0.85 -1.94
CA ILE F 52 26.83 -0.72 -3.37
C ILE F 52 27.07 0.72 -3.78
N LEU F 53 28.05 0.91 -4.65
CA LEU F 53 28.36 2.21 -5.21
C LEU F 53 27.77 2.29 -6.61
N ILE F 54 27.05 3.35 -6.89
CA ILE F 54 26.43 3.53 -8.19
C ILE F 54 27.09 4.71 -8.87
N ILE F 55 27.65 4.45 -10.05
CA ILE F 55 28.42 5.47 -10.75
C ILE F 55 27.61 5.86 -11.95
N SER F 56 27.28 7.14 -12.07
CA SER F 56 26.51 7.61 -13.20
C SER F 56 26.96 8.98 -13.71
N THR F 57 26.25 9.49 -14.70
CA THR F 57 26.59 10.75 -15.33
C THR F 57 26.17 11.88 -14.45
N PRO F 58 26.65 13.08 -14.75
CA PRO F 58 26.31 14.21 -13.88
C PRO F 58 24.81 14.55 -13.92
N GLN F 59 24.16 14.49 -15.07
CA GLN F 59 22.75 14.89 -15.14
C GLN F 59 21.78 13.84 -14.57
N ASP F 60 22.13 12.57 -14.67
CA ASP F 60 21.24 11.48 -14.28
C ASP F 60 21.51 10.87 -12.92
N THR F 61 22.66 11.16 -12.32
CA THR F 61 22.95 10.66 -10.97
C THR F 61 21.86 11.05 -9.97
N PRO F 62 21.41 12.31 -10.00
CA PRO F 62 20.33 12.69 -9.10
C PRO F 62 19.03 11.94 -9.35
N ARG F 63 18.74 11.54 -10.59
CA ARG F 63 17.53 10.77 -10.86
C ARG F 63 17.62 9.37 -10.21
N PHE F 64 18.78 8.74 -10.31
CA PHE F 64 18.96 7.49 -9.59
C PHE F 64 18.77 7.66 -8.10
N GLN F 65 19.18 8.82 -7.57
CA GLN F 65 19.07 9.07 -6.15
C GLN F 65 17.59 9.27 -5.79
N GLN F 66 16.87 9.91 -6.71
CA GLN F 66 15.44 10.14 -6.55
C GLN F 66 14.73 8.80 -6.51
N LEU F 67 15.19 7.89 -7.34
CA LEU F 67 14.55 6.59 -7.45
C LEU F 67 14.89 5.66 -6.32
N LEU F 68 16.15 5.70 -5.88
CA LEU F 68 16.69 4.66 -5.01
C LEU F 68 16.98 5.17 -3.60
N GLY F 69 17.11 6.48 -3.46
CA GLY F 69 17.50 7.04 -2.18
C GLY F 69 18.81 6.41 -1.74
N ASP F 70 18.96 6.13 -0.47
CA ASP F 70 20.19 5.56 0.02
C ASP F 70 20.05 4.07 0.18
N GLY F 71 18.97 3.52 -0.39
CA GLY F 71 18.73 2.10 -0.35
C GLY F 71 18.42 1.53 1.03
N SER F 72 18.36 2.39 2.04
CA SER F 72 18.06 1.91 3.39
C SER F 72 16.71 1.21 3.48
N GLN F 73 15.79 1.58 2.59
CA GLN F 73 14.44 1.01 2.58
C GLN F 73 14.49 -0.47 2.23
N TRP F 74 15.62 -0.90 1.69
CA TRP F 74 15.76 -2.28 1.25
C TRP F 74 16.83 -3.00 2.05
N GLY F 75 17.30 -2.36 3.12
CA GLY F 75 18.37 -2.93 3.93
C GLY F 75 19.76 -2.75 3.29
N LEU F 76 19.86 -1.85 2.34
CA LEU F 76 21.10 -1.63 1.63
C LEU F 76 21.71 -0.31 2.04
N ASN F 77 22.94 -0.10 1.57
CA ASN F 77 23.63 1.17 1.74
C ASN F 77 24.06 1.54 0.35
N LEU F 78 23.39 2.50 -0.26
CA LEU F 78 23.74 2.92 -1.60
C LEU F 78 24.50 4.22 -1.55
N GLN F 79 25.51 4.35 -2.40
CA GLN F 79 26.33 5.56 -2.43
C GLN F 79 26.55 5.88 -3.88
N TYR F 80 26.84 7.13 -4.18
CA TYR F 80 26.84 7.56 -5.55
C TYR F 80 28.10 8.34 -5.92
N LYS F 81 28.50 8.27 -7.18
CA LYS F 81 29.67 8.99 -7.63
C LYS F 81 29.52 9.28 -9.12
N VAL F 82 29.96 10.46 -9.55
CA VAL F 82 29.77 10.87 -10.93
C VAL F 82 30.96 10.49 -11.81
N SER F 83 30.70 9.95 -12.99
CA SER F 83 31.79 9.55 -13.87
C SER F 83 32.46 10.79 -14.42
N PRO F 84 33.79 10.81 -14.37
CA PRO F 84 34.60 11.94 -14.82
C PRO F 84 34.94 11.84 -16.31
N SER F 85 35.02 10.63 -16.82
CA SER F 85 35.44 10.40 -18.20
C SER F 85 34.36 9.60 -18.90
N PRO F 86 34.12 9.92 -20.19
CA PRO F 86 33.20 9.22 -21.07
C PRO F 86 33.47 7.72 -21.14
N ASP F 87 34.75 7.36 -21.10
CA ASP F 87 35.13 5.95 -21.18
C ASP F 87 36.14 5.61 -20.10
N GLY F 88 36.75 4.43 -20.22
CA GLY F 88 37.68 3.95 -19.23
C GLY F 88 36.91 3.34 -18.08
N LEU F 89 36.32 2.18 -18.32
CA LEU F 89 35.46 1.55 -17.33
C LEU F 89 36.22 1.09 -16.09
N ALA F 90 37.46 0.64 -16.26
CA ALA F 90 38.24 0.23 -15.09
C ALA F 90 38.49 1.41 -14.16
N GLN F 91 38.23 2.62 -14.63
CA GLN F 91 38.34 3.81 -13.79
C GLN F 91 37.42 3.70 -12.58
N ALA F 92 36.49 2.73 -12.62
CA ALA F 92 35.56 2.51 -11.52
C ALA F 92 36.29 2.23 -10.24
N PHE F 93 37.36 1.46 -10.33
CA PHE F 93 38.07 1.08 -9.14
C PHE F 93 38.89 2.24 -8.57
N ILE F 94 39.21 3.19 -9.42
CA ILE F 94 39.95 4.36 -8.98
C ILE F 94 38.97 5.32 -8.31
N ILE F 95 37.84 5.54 -8.97
CA ILE F 95 36.75 6.37 -8.46
C ILE F 95 36.28 5.87 -7.07
N GLY F 96 36.17 4.56 -6.93
CA GLY F 96 35.71 3.98 -5.67
C GLY F 96 36.79 3.40 -4.79
N GLU F 97 38.02 3.91 -4.90
CA GLU F 97 39.11 3.37 -4.11
C GLU F 97 38.73 3.46 -2.64
N GLU F 98 38.14 4.58 -2.26
CA GLU F 98 37.73 4.80 -0.88
C GLU F 98 36.53 3.96 -0.46
N PHE F 99 35.54 3.87 -1.34
CA PHE F 99 34.39 3.04 -1.08
C PHE F 99 34.87 1.62 -0.81
N ILE F 100 35.78 1.14 -1.65
CA ILE F 100 36.21 -0.24 -1.60
C ILE F 100 37.02 -0.57 -0.37
N GLY F 101 37.86 0.38 0.03
CA GLY F 101 38.68 0.23 1.22
C GLY F 101 39.57 -0.98 1.09
N HIS F 102 39.49 -1.88 2.06
CA HIS F 102 40.32 -3.07 2.05
C HIS F 102 39.56 -4.31 1.59
N ASP F 103 38.31 -4.14 1.18
CA ASP F 103 37.46 -5.29 0.90
C ASP F 103 37.56 -5.76 -0.54
N ASP F 104 37.02 -6.96 -0.78
CA ASP F 104 36.88 -7.44 -2.16
C ASP F 104 35.70 -6.70 -2.78
N CYS F 105 35.66 -6.64 -4.10
CA CYS F 105 34.61 -5.92 -4.80
C CYS F 105 34.02 -6.67 -5.99
N ALA F 106 32.74 -6.50 -6.25
CA ALA F 106 32.12 -6.97 -7.49
C ALA F 106 31.77 -5.78 -8.36
N LEU F 107 31.73 -5.99 -9.67
CA LEU F 107 31.36 -4.94 -10.61
C LEU F 107 30.34 -5.50 -11.57
N VAL F 108 29.27 -4.77 -11.79
CA VAL F 108 28.27 -5.22 -12.73
C VAL F 108 27.89 -4.03 -13.58
N LEU F 109 27.63 -4.29 -14.86
CA LEU F 109 27.29 -3.21 -15.77
C LEU F 109 25.80 -2.91 -15.63
N GLY F 110 25.42 -1.65 -15.75
CA GLY F 110 24.04 -1.22 -15.58
C GLY F 110 23.04 -1.85 -16.54
N ASP F 111 23.46 -2.21 -17.75
CA ASP F 111 22.55 -2.74 -18.75
C ASP F 111 22.49 -4.27 -18.84
N ASN F 112 22.99 -4.96 -17.80
CA ASN F 112 23.10 -6.42 -17.85
C ASN F 112 22.03 -7.10 -17.06
N ILE F 113 21.29 -7.97 -17.74
CA ILE F 113 20.18 -8.65 -17.11
C ILE F 113 20.48 -10.14 -16.98
N PHE F 114 20.62 -10.63 -15.74
CA PHE F 114 20.96 -12.02 -15.47
C PHE F 114 19.78 -12.74 -14.85
N TYR F 115 19.49 -13.95 -15.32
CA TYR F 115 18.41 -14.79 -14.79
C TYR F 115 18.83 -16.25 -14.74
N GLY F 116 18.55 -16.91 -13.62
CA GLY F 116 18.90 -18.30 -13.47
C GLY F 116 18.76 -18.75 -12.04
N HIS F 117 18.02 -19.86 -11.85
CA HIS F 117 17.78 -20.42 -10.54
C HIS F 117 19.09 -20.56 -9.77
N ASP F 118 20.10 -21.09 -10.43
CA ASP F 118 21.36 -21.43 -9.75
C ASP F 118 22.37 -20.28 -9.67
N LEU F 119 21.98 -19.09 -10.11
CA LEU F 119 22.91 -17.98 -10.16
C LEU F 119 23.58 -17.67 -8.82
N PRO F 120 22.79 -17.60 -7.72
CA PRO F 120 23.41 -17.33 -6.41
C PRO F 120 24.48 -18.33 -5.99
N LYS F 121 24.27 -19.61 -6.22
CA LYS F 121 25.31 -20.61 -5.96
C LYS F 121 26.59 -20.23 -6.70
N LEU F 122 26.44 -19.89 -7.98
CA LEU F 122 27.56 -19.47 -8.81
C LEU F 122 28.29 -18.29 -8.18
N MET F 123 27.53 -17.33 -7.69
CA MET F 123 28.13 -16.11 -7.14
C MET F 123 28.75 -16.34 -5.76
N GLU F 124 28.18 -17.25 -4.98
CA GLU F 124 28.72 -17.56 -3.66
C GLU F 124 30.11 -18.16 -3.83
N ALA F 125 30.26 -18.99 -4.85
CA ALA F 125 31.54 -19.57 -5.17
C ALA F 125 32.57 -18.49 -5.53
N ALA F 126 32.17 -17.53 -6.35
CA ALA F 126 33.08 -16.48 -6.78
C ALA F 126 33.50 -15.56 -5.63
N VAL F 127 32.56 -15.32 -4.71
CA VAL F 127 32.80 -14.50 -3.53
C VAL F 127 33.77 -15.20 -2.58
N ASN F 128 33.63 -16.52 -2.48
CA ASN F 128 34.47 -17.32 -1.60
C ASN F 128 35.90 -17.52 -2.12
N LYS F 129 36.05 -17.66 -3.43
CA LYS F 129 37.38 -17.66 -4.04
C LYS F 129 38.16 -16.51 -3.42
N GLU F 130 39.36 -16.80 -2.91
CA GLU F 130 40.14 -15.83 -2.15
C GLU F 130 41.15 -14.99 -2.94
N SER F 131 41.95 -15.64 -3.79
CA SER F 131 42.89 -14.91 -4.63
C SER F 131 42.31 -14.76 -6.04
N GLY F 132 42.43 -13.56 -6.58
CA GLY F 132 42.10 -13.34 -7.97
C GLY F 132 40.68 -12.89 -8.25
N ALA F 133 40.17 -13.33 -9.39
CA ALA F 133 38.97 -12.77 -9.95
C ALA F 133 38.14 -13.85 -10.60
N THR F 134 36.83 -13.63 -10.67
CA THR F 134 35.94 -14.56 -11.34
C THR F 134 35.16 -13.78 -12.39
N VAL F 135 35.29 -14.10 -13.67
CA VAL F 135 34.42 -13.50 -14.69
C VAL F 135 33.26 -14.42 -14.98
N PHE F 136 32.19 -13.86 -15.53
CA PHE F 136 31.00 -14.64 -15.78
C PHE F 136 30.78 -14.79 -17.27
N ALA F 137 30.69 -16.03 -17.70
CA ALA F 137 30.68 -16.37 -19.12
C ALA F 137 29.41 -17.06 -19.51
N TYR F 138 28.94 -16.76 -20.71
CA TYR F 138 27.64 -17.19 -21.18
C TYR F 138 27.78 -17.83 -22.54
N HIS F 139 27.24 -19.03 -22.68
CA HIS F 139 27.29 -19.71 -23.97
C HIS F 139 26.45 -18.96 -25.02
N VAL F 140 27.08 -18.62 -26.13
CA VAL F 140 26.39 -17.99 -27.26
C VAL F 140 26.62 -18.79 -28.54
N ASN F 141 25.77 -18.55 -29.54
CA ASN F 141 25.93 -19.22 -30.83
C ASN F 141 26.84 -18.43 -31.75
N ASP F 142 27.12 -17.19 -31.36
CA ASP F 142 27.90 -16.29 -32.21
C ASP F 142 29.05 -15.61 -31.45
N PRO F 143 29.97 -16.42 -30.90
CA PRO F 143 31.07 -15.89 -30.08
C PRO F 143 31.74 -14.70 -30.72
N GLU F 144 31.84 -14.72 -32.04
CA GLU F 144 32.57 -13.69 -32.79
C GLU F 144 32.08 -12.29 -32.50
N ARG F 145 30.90 -12.20 -31.88
CA ARG F 145 30.22 -10.93 -31.68
C ARG F 145 30.57 -10.25 -30.37
N TYR F 146 31.03 -11.04 -29.40
CA TYR F 146 31.31 -10.56 -28.05
C TYR F 146 32.79 -10.66 -27.73
N GLY F 147 33.14 -10.35 -26.50
CA GLY F 147 34.48 -10.61 -26.01
C GLY F 147 34.49 -12.04 -25.54
N VAL F 148 35.49 -12.80 -25.97
CA VAL F 148 35.47 -14.26 -25.79
C VAL F 148 36.54 -14.76 -24.83
N VAL F 149 36.12 -15.64 -23.93
CA VAL F 149 37.04 -16.25 -22.99
C VAL F 149 37.18 -17.74 -23.27
N GLU F 150 38.40 -18.18 -23.49
CA GLU F 150 38.69 -19.59 -23.66
C GLU F 150 39.28 -20.06 -22.36
N PHE F 151 38.79 -21.18 -21.84
CA PHE F 151 39.24 -21.57 -20.51
C PHE F 151 39.52 -23.06 -20.22
N ASP F 152 40.19 -23.23 -19.09
CA ASP F 152 40.68 -24.50 -18.55
C ASP F 152 39.53 -25.38 -18.08
N GLN F 153 39.83 -26.64 -17.75
CA GLN F 153 38.86 -27.49 -17.08
C GLN F 153 38.79 -27.15 -15.60
N LYS F 154 39.83 -26.46 -15.12
CA LYS F 154 39.87 -26.01 -13.73
C LYS F 154 38.92 -24.84 -13.56
N GLY F 155 38.69 -24.13 -14.67
CA GLY F 155 37.88 -22.93 -14.68
C GLY F 155 38.77 -21.72 -14.83
N THR F 156 40.03 -21.95 -15.18
CA THR F 156 41.00 -20.87 -15.31
C THR F 156 41.07 -20.38 -16.74
N ALA F 157 40.91 -19.06 -16.90
CA ALA F 157 40.96 -18.43 -18.22
C ALA F 157 42.33 -18.63 -18.84
N VAL F 158 42.37 -18.87 -20.16
CA VAL F 158 43.63 -19.03 -20.88
C VAL F 158 43.81 -18.05 -22.04
N SER F 159 42.71 -17.41 -22.46
CA SER F 159 42.80 -16.34 -23.44
C SER F 159 41.58 -15.44 -23.38
N LEU F 160 41.76 -14.18 -23.71
CA LEU F 160 40.71 -13.20 -23.79
C LEU F 160 40.76 -12.48 -25.14
N GLU F 161 39.72 -12.60 -25.94
CA GLU F 161 39.75 -12.01 -27.28
C GLU F 161 38.47 -11.22 -27.64
N GLU F 162 38.65 -9.94 -27.95
CA GLU F 162 37.56 -9.06 -28.36
C GLU F 162 37.10 -9.39 -29.76
N LYS F 163 35.87 -9.91 -29.87
CA LYS F 163 35.29 -10.22 -31.16
C LYS F 163 36.25 -10.99 -32.08
N PRO F 164 36.73 -12.15 -31.61
CA PRO F 164 37.73 -12.89 -32.39
C PRO F 164 37.16 -13.34 -33.71
N LEU F 165 37.94 -13.23 -34.78
CA LEU F 165 37.51 -13.75 -36.07
C LEU F 165 37.53 -15.28 -36.01
N GLN F 166 38.47 -15.80 -35.21
CA GLN F 166 38.60 -17.23 -34.99
C GLN F 166 38.34 -17.53 -33.51
N PRO F 167 37.08 -17.41 -33.07
CA PRO F 167 36.70 -17.57 -31.67
C PRO F 167 37.31 -18.82 -31.06
N LYS F 168 37.98 -18.69 -29.93
CA LYS F 168 38.64 -19.82 -29.30
C LYS F 168 37.66 -20.61 -28.44
N SER F 169 36.43 -20.11 -28.33
CA SER F 169 35.44 -20.71 -27.47
C SER F 169 34.07 -20.13 -27.78
N ASN F 170 33.02 -20.75 -27.26
CA ASN F 170 31.68 -20.23 -27.44
C ASN F 170 31.19 -19.39 -26.24
N TYR F 171 32.12 -19.03 -25.36
CA TYR F 171 31.73 -18.32 -24.15
C TYR F 171 32.01 -16.83 -24.19
N ALA F 172 30.95 -16.03 -24.11
CA ALA F 172 31.04 -14.58 -24.10
C ALA F 172 31.27 -14.13 -22.67
N VAL F 173 32.08 -13.10 -22.50
CA VAL F 173 32.26 -12.52 -21.17
C VAL F 173 31.15 -11.52 -20.89
N THR F 174 30.41 -11.76 -19.81
CA THR F 174 29.30 -10.90 -19.43
C THR F 174 29.78 -9.78 -18.54
N GLY F 175 28.88 -8.85 -18.22
CA GLY F 175 29.21 -7.66 -17.44
C GLY F 175 29.04 -7.86 -15.96
N LEU F 176 29.42 -9.03 -15.46
CA LEU F 176 29.47 -9.33 -14.04
C LEU F 176 30.82 -9.92 -13.61
N TYR F 177 31.46 -9.24 -12.65
CA TYR F 177 32.86 -9.54 -12.30
C TYR F 177 33.11 -9.54 -10.79
N PHE F 178 33.92 -10.47 -10.32
CA PHE F 178 34.28 -10.50 -8.91
C PHE F 178 35.79 -10.38 -8.75
N TYR F 179 36.21 -9.46 -7.89
CA TYR F 179 37.62 -9.17 -7.72
C TYR F 179 37.99 -9.32 -6.25
N ASP F 180 39.25 -9.58 -6.00
CA ASP F 180 39.79 -9.40 -4.65
C ASP F 180 40.35 -7.99 -4.59
N ASN F 181 40.75 -7.56 -3.39
CA ASN F 181 41.16 -6.18 -3.17
C ASN F 181 42.31 -5.71 -4.04
N SER F 182 43.07 -6.65 -4.60
CA SER F 182 44.25 -6.28 -5.38
C SER F 182 43.89 -5.56 -6.66
N VAL F 183 42.60 -5.50 -6.98
CA VAL F 183 42.16 -4.86 -8.22
C VAL F 183 42.35 -3.34 -8.21
N VAL F 184 42.17 -2.73 -7.05
CA VAL F 184 42.23 -1.27 -6.94
C VAL F 184 43.63 -0.90 -7.34
N GLU F 185 44.53 -1.76 -6.89
CA GLU F 185 45.94 -1.57 -7.13
C GLU F 185 46.25 -1.67 -8.61
N MET F 186 45.74 -2.72 -9.26
CA MET F 186 45.91 -2.88 -10.71
C MET F 186 45.46 -1.64 -11.45
N ALA F 187 44.27 -1.17 -11.13
CA ALA F 187 43.65 -0.05 -11.81
C ALA F 187 44.48 1.23 -11.66
N LYS F 188 44.96 1.49 -10.44
CA LYS F 188 45.80 2.65 -10.21
C LYS F 188 47.07 2.55 -11.04
N ASN F 189 47.64 1.36 -11.14
CA ASN F 189 48.89 1.17 -11.89
C ASN F 189 48.68 0.71 -13.31
N LEU F 190 47.51 0.98 -13.86
CA LEU F 190 47.23 0.55 -15.21
C LEU F 190 47.38 1.73 -16.14
N LYS F 191 47.67 1.44 -17.41
CA LYS F 191 47.77 2.48 -18.41
C LYS F 191 46.83 2.19 -19.56
N PRO F 192 46.33 3.24 -20.20
CA PRO F 192 45.31 3.14 -21.25
C PRO F 192 45.63 2.05 -22.28
N SER F 193 44.57 1.46 -22.84
CA SER F 193 44.68 0.53 -23.96
C SER F 193 44.96 1.27 -25.27
N ALA F 194 44.61 0.67 -26.41
CA ALA F 194 44.81 1.32 -27.70
C ALA F 194 43.75 2.39 -27.98
N ARG F 195 42.78 2.53 -27.09
CA ARG F 195 41.74 3.55 -27.22
C ARG F 195 41.73 4.62 -26.11
N GLY F 196 42.84 4.70 -25.37
CA GLY F 196 43.14 5.85 -24.52
C GLY F 196 42.69 5.79 -23.07
N GLU F 197 42.21 4.63 -22.68
CA GLU F 197 41.39 4.52 -21.50
C GLU F 197 41.57 3.18 -20.84
N LEU F 198 41.41 3.17 -19.53
CA LEU F 198 41.63 1.98 -18.72
C LEU F 198 40.46 1.00 -18.87
N GLU F 199 40.75 -0.21 -19.34
CA GLU F 199 39.70 -1.17 -19.71
C GLU F 199 39.48 -2.24 -18.67
N ILE F 200 38.23 -2.69 -18.56
CA ILE F 200 37.94 -3.85 -17.73
C ILE F 200 38.68 -5.06 -18.26
N THR F 201 38.75 -5.17 -19.58
CA THR F 201 39.43 -6.27 -20.23
C THR F 201 40.92 -6.35 -19.90
N ASP F 202 41.59 -5.21 -19.86
CA ASP F 202 43.01 -5.18 -19.50
C ASP F 202 43.18 -5.79 -18.12
N ILE F 203 42.32 -5.34 -17.21
CA ILE F 203 42.37 -5.77 -15.82
C ILE F 203 42.22 -7.27 -15.69
N ASN F 204 41.28 -7.81 -16.47
CA ASN F 204 41.04 -9.25 -16.44
C ASN F 204 42.20 -10.06 -17.04
N ARG F 205 42.81 -9.53 -18.10
CA ARG F 205 43.92 -10.22 -18.75
C ARG F 205 45.08 -10.32 -17.76
N ILE F 206 45.23 -9.31 -16.90
CA ILE F 206 46.28 -9.33 -15.90
C ILE F 206 46.08 -10.50 -14.95
N TYR F 207 44.89 -10.60 -14.37
CA TYR F 207 44.59 -11.69 -13.44
C TYR F 207 44.85 -13.04 -14.10
N MET F 208 44.52 -13.11 -15.38
CA MET F 208 44.65 -14.35 -16.14
C MET F 208 46.13 -14.68 -16.30
N GLU F 209 46.93 -13.66 -16.59
CA GLU F 209 48.37 -13.82 -16.77
C GLU F 209 49.04 -14.28 -15.49
N GLN F 210 48.40 -14.01 -14.36
CA GLN F 210 48.89 -14.46 -13.06
C GLN F 210 48.26 -15.80 -12.69
N GLY F 211 47.37 -16.29 -13.55
CA GLY F 211 46.67 -17.53 -13.29
C GLY F 211 45.54 -17.42 -12.26
N ARG F 212 45.29 -16.21 -11.79
CA ARG F 212 44.29 -16.04 -10.76
C ARG F 212 42.92 -15.65 -11.29
N LEU F 213 42.66 -15.96 -12.56
CA LEU F 213 41.36 -15.63 -13.15
C LEU F 213 40.48 -16.86 -13.40
N SER F 214 39.39 -16.98 -12.64
CA SER F 214 38.43 -18.07 -12.80
C SER F 214 37.28 -17.67 -13.71
N VAL F 215 36.54 -18.67 -14.18
CA VAL F 215 35.43 -18.43 -15.07
C VAL F 215 34.19 -19.15 -14.58
N ALA F 216 33.19 -18.36 -14.19
CA ALA F 216 31.88 -18.89 -13.83
C ALA F 216 31.09 -19.14 -15.10
N MET F 217 30.63 -20.37 -15.25
CA MET F 217 30.00 -20.80 -16.48
C MET F 217 28.47 -20.77 -16.36
N MET F 218 27.83 -19.94 -17.17
CA MET F 218 26.38 -19.92 -17.26
C MET F 218 25.88 -20.69 -18.49
N GLY F 219 25.48 -21.94 -18.27
CA GLY F 219 25.01 -22.77 -19.37
C GLY F 219 23.50 -22.79 -19.56
N ARG F 220 22.99 -23.88 -20.11
CA ARG F 220 21.55 -23.93 -20.33
C ARG F 220 20.86 -23.77 -18.98
N GLY F 221 19.75 -23.03 -18.99
CA GLY F 221 19.04 -22.70 -17.77
C GLY F 221 19.15 -21.21 -17.47
N TYR F 222 20.23 -20.61 -17.95
CA TYR F 222 20.53 -19.20 -17.71
C TYR F 222 20.11 -18.32 -18.86
N ALA F 223 19.67 -17.12 -18.54
CA ALA F 223 19.38 -16.11 -19.54
C ALA F 223 20.32 -14.93 -19.29
N TRP F 224 20.74 -14.27 -20.36
CA TRP F 224 21.52 -13.04 -20.24
C TRP F 224 21.19 -12.05 -21.35
N LEU F 225 20.92 -10.79 -21.01
CA LEU F 225 20.66 -9.75 -22.02
C LEU F 225 21.53 -8.50 -21.81
N ASP F 226 22.14 -8.00 -22.88
CA ASP F 226 22.82 -6.72 -22.82
C ASP F 226 21.84 -5.75 -23.50
N THR F 227 21.12 -5.03 -22.65
CA THR F 227 19.98 -4.25 -23.08
C THR F 227 20.44 -2.90 -23.55
N GLY F 228 20.77 -2.79 -24.83
CA GLY F 228 21.40 -1.57 -25.32
C GLY F 228 20.96 -1.21 -26.71
N THR F 229 20.08 -2.03 -27.29
CA THR F 229 19.44 -1.72 -28.57
C THR F 229 17.91 -1.79 -28.48
N HIS F 230 17.22 -1.12 -29.39
CA HIS F 230 15.77 -1.12 -29.34
C HIS F 230 15.19 -2.54 -29.36
N GLN F 231 15.77 -3.39 -30.19
CA GLN F 231 15.30 -4.76 -30.30
C GLN F 231 15.49 -5.53 -28.99
N SER F 232 16.66 -5.42 -28.38
CA SER F 232 16.97 -6.24 -27.23
C SER F 232 16.23 -5.73 -25.98
N LEU F 233 16.08 -4.41 -25.89
CA LEU F 233 15.19 -3.82 -24.90
C LEU F 233 13.77 -4.44 -24.93
N ILE F 234 13.18 -4.54 -26.12
CA ILE F 234 11.84 -5.08 -26.18
C ILE F 234 11.80 -6.60 -25.99
N GLU F 235 12.89 -7.27 -26.36
CA GLU F 235 13.00 -8.70 -26.08
C GLU F 235 13.11 -8.97 -24.58
N ALA F 236 13.83 -8.09 -23.88
CA ALA F 236 14.03 -8.28 -22.46
C ALA F 236 12.71 -8.02 -21.76
N SER F 237 12.03 -6.94 -22.13
CA SER F 237 10.73 -6.63 -21.55
C SER F 237 9.79 -7.81 -21.71
N ASN F 238 9.72 -8.35 -22.92
CA ASN F 238 8.85 -9.49 -23.18
C ASN F 238 9.22 -10.74 -22.40
N PHE F 239 10.52 -10.92 -22.22
CA PHE F 239 10.98 -12.09 -21.50
C PHE F 239 10.55 -11.99 -20.04
N ILE F 240 10.77 -10.83 -19.43
CA ILE F 240 10.37 -10.62 -18.05
C ILE F 240 8.86 -10.75 -17.91
N ALA F 241 8.13 -10.10 -18.79
CA ALA F 241 6.66 -10.15 -18.70
C ALA F 241 6.13 -11.56 -18.79
N THR F 242 6.71 -12.34 -19.70
CA THR F 242 6.28 -13.70 -19.91
C THR F 242 6.54 -14.58 -18.68
N ILE F 243 7.75 -14.53 -18.16
CA ILE F 243 8.14 -15.36 -17.03
C ILE F 243 7.29 -15.06 -15.82
N GLU F 244 7.10 -13.76 -15.59
CA GLU F 244 6.37 -13.32 -14.42
C GLU F 244 4.90 -13.75 -14.53
N GLU F 245 4.31 -13.56 -15.70
CA GLU F 245 2.90 -13.88 -15.90
C GLU F 245 2.63 -15.39 -15.95
N ARG F 246 3.50 -16.16 -16.59
CA ARG F 246 3.28 -17.59 -16.75
C ARG F 246 3.62 -18.40 -15.50
N GLN F 247 4.66 -17.97 -14.78
CA GLN F 247 5.19 -18.74 -13.66
C GLN F 247 4.96 -18.10 -12.30
N GLY F 248 4.33 -16.93 -12.29
CA GLY F 248 3.91 -16.32 -11.05
C GLY F 248 5.00 -15.87 -10.10
N LEU F 249 6.12 -15.43 -10.64
CA LEU F 249 7.16 -14.94 -9.78
C LEU F 249 7.70 -13.65 -10.36
N LYS F 250 8.29 -12.81 -9.53
CA LYS F 250 8.91 -11.59 -10.04
C LYS F 250 10.40 -11.81 -10.26
N VAL F 251 10.92 -11.20 -11.31
CA VAL F 251 12.32 -11.28 -11.62
C VAL F 251 12.99 -9.99 -11.19
N SER F 252 14.06 -10.10 -10.39
CA SER F 252 14.82 -8.94 -9.92
C SER F 252 13.92 -7.88 -9.29
N CYS F 253 13.03 -8.34 -8.42
CA CYS F 253 12.27 -7.45 -7.58
C CYS F 253 13.04 -7.23 -6.27
N PRO F 254 13.66 -6.04 -6.11
CA PRO F 254 14.44 -5.73 -4.91
C PRO F 254 13.69 -5.86 -3.59
N GLU F 255 12.42 -5.47 -3.54
CA GLU F 255 11.65 -5.60 -2.30
C GLU F 255 11.49 -7.09 -1.93
N GLU F 256 11.20 -7.92 -2.93
CA GLU F 256 11.07 -9.35 -2.68
C GLU F 256 12.38 -9.95 -2.22
N ILE F 257 13.48 -9.53 -2.84
CA ILE F 257 14.78 -10.10 -2.49
C ILE F 257 15.17 -9.66 -1.07
N ALA F 258 14.96 -8.39 -0.78
CA ALA F 258 15.25 -7.84 0.55
C ALA F 258 14.45 -8.55 1.62
N PHE F 259 13.26 -8.96 1.26
CA PHE F 259 12.42 -9.61 2.25
C PHE F 259 12.81 -11.06 2.44
N ARG F 260 13.05 -11.77 1.34
CA ARG F 260 13.34 -13.19 1.41
C ARG F 260 14.73 -13.47 1.98
N LYS F 261 15.65 -12.51 1.84
CA LYS F 261 16.98 -12.63 2.44
C LYS F 261 17.07 -11.97 3.83
N ASN F 262 15.91 -11.57 4.36
CA ASN F 262 15.82 -10.92 5.66
C ASN F 262 16.60 -9.62 5.84
N PHE F 263 16.72 -8.81 4.79
CA PHE F 263 17.20 -7.43 4.91
C PHE F 263 16.08 -6.56 5.50
N ILE F 264 14.83 -6.98 5.32
CA ILE F 264 13.69 -6.21 5.79
C ILE F 264 12.58 -7.17 6.20
N ASN F 265 11.65 -6.69 7.03
CA ASN F 265 10.57 -7.54 7.53
C ASN F 265 9.27 -7.28 6.79
N ALA F 266 8.22 -7.99 7.18
CA ALA F 266 6.95 -7.96 6.44
C ALA F 266 6.29 -6.59 6.50
N GLN F 267 6.58 -5.84 7.57
CA GLN F 267 6.03 -4.51 7.78
C GLN F 267 6.65 -3.51 6.82
N GLN F 268 7.96 -3.51 6.73
CA GLN F 268 8.63 -2.60 5.81
C GLN F 268 8.16 -2.89 4.40
N VAL F 269 7.84 -4.15 4.11
CA VAL F 269 7.34 -4.52 2.80
C VAL F 269 5.97 -3.88 2.58
N ILE F 270 5.08 -4.03 3.56
CA ILE F 270 3.77 -3.46 3.46
C ILE F 270 3.82 -1.95 3.23
N GLU F 271 4.71 -1.25 3.92
CA GLU F 271 4.81 0.19 3.70
C GLU F 271 5.31 0.52 2.30
N LEU F 272 6.20 -0.32 1.78
CA LEU F 272 6.78 -0.14 0.45
C LEU F 272 5.80 -0.50 -0.67
N ALA F 273 4.98 -1.51 -0.42
CA ALA F 273 3.88 -1.87 -1.32
C ALA F 273 2.81 -0.78 -1.45
N GLY F 274 2.79 0.18 -0.52
CA GLY F 274 1.78 1.22 -0.49
C GLY F 274 1.62 2.00 -1.79
N PRO F 275 2.71 2.64 -2.21
CA PRO F 275 2.66 3.44 -3.43
C PRO F 275 2.31 2.56 -4.61
N LEU F 276 2.78 1.31 -4.60
CA LEU F 276 2.62 0.46 -5.79
C LEU F 276 1.28 -0.28 -5.78
N SER F 277 0.36 0.13 -4.94
CA SER F 277 -0.86 -0.61 -4.75
C SER F 277 -1.84 -0.40 -5.91
N LYS F 278 -1.58 0.55 -6.80
CA LYS F 278 -2.44 0.74 -7.98
C LYS F 278 -2.09 -0.19 -9.14
N ASN F 279 -1.08 -1.06 -8.97
CA ASN F 279 -0.75 -2.05 -10.00
C ASN F 279 -0.40 -3.39 -9.38
N ASP F 280 -0.02 -4.34 -10.22
CA ASP F 280 0.18 -5.69 -9.71
C ASP F 280 1.46 -5.83 -8.92
N TYR F 281 2.39 -4.89 -9.11
CA TYR F 281 3.65 -4.91 -8.39
C TYR F 281 3.37 -4.81 -6.89
N GLY F 282 2.66 -3.77 -6.49
CA GLY F 282 2.28 -3.63 -5.09
C GLY F 282 1.49 -4.82 -4.61
N LYS F 283 0.57 -5.33 -5.42
CA LYS F 283 -0.31 -6.41 -4.99
C LYS F 283 0.43 -7.72 -4.83
N TYR F 284 1.47 -7.90 -5.65
CA TYR F 284 2.36 -9.04 -5.52
C TYR F 284 3.09 -9.02 -4.17
N LEU F 285 3.74 -7.90 -3.86
CA LEU F 285 4.39 -7.74 -2.58
C LEU F 285 3.50 -8.09 -1.39
N LEU F 286 2.20 -7.79 -1.49
CA LEU F 286 1.27 -8.08 -0.40
C LEU F 286 0.94 -9.56 -0.27
N LYS F 287 0.67 -10.21 -1.41
CA LYS F 287 0.46 -11.66 -1.43
C LYS F 287 1.70 -12.40 -0.93
N MET F 288 2.87 -11.89 -1.29
CA MET F 288 4.12 -12.47 -0.84
C MET F 288 4.24 -12.49 0.70
N VAL F 289 3.94 -11.37 1.34
CA VAL F 289 4.02 -11.27 2.79
C VAL F 289 2.85 -11.99 3.45
N LYS F 290 2.42 -13.09 2.85
CA LYS F 290 1.31 -13.88 3.38
C LYS F 290 1.49 -15.36 3.09
N LYS G 2 -12.89 -14.56 -71.53
CA LYS G 2 -11.76 -14.98 -70.72
C LYS G 2 -12.01 -14.79 -69.21
N THR G 3 -11.33 -15.63 -68.42
CA THR G 3 -11.60 -15.76 -67.00
C THR G 3 -10.30 -15.79 -66.21
N ARG G 4 -10.35 -15.25 -65.00
CA ARG G 4 -9.16 -15.13 -64.18
C ARG G 4 -8.87 -16.44 -63.48
N LYS G 5 -7.68 -16.96 -63.71
CA LYS G 5 -7.32 -18.21 -63.07
C LYS G 5 -6.06 -18.08 -62.22
N GLY G 6 -5.98 -18.93 -61.20
CA GLY G 6 -4.83 -19.00 -60.31
C GLY G 6 -4.49 -20.44 -60.01
N ILE G 7 -3.26 -20.65 -59.54
CA ILE G 7 -2.80 -21.96 -59.11
C ILE G 7 -2.05 -21.80 -57.81
N ILE G 8 -2.40 -22.59 -56.82
CA ILE G 8 -1.68 -22.58 -55.54
C ILE G 8 -0.82 -23.82 -55.37
N LEU G 9 0.48 -23.61 -55.21
CA LEU G 9 1.43 -24.68 -54.92
C LEU G 9 1.46 -24.97 -53.41
N ALA G 10 0.84 -26.09 -53.03
CA ALA G 10 0.55 -26.35 -51.63
C ALA G 10 0.98 -27.74 -51.19
N GLY G 11 2.10 -28.19 -51.73
CA GLY G 11 2.66 -29.48 -51.35
C GLY G 11 4.01 -29.29 -50.70
N GLY G 12 4.98 -30.09 -51.15
CA GLY G 12 6.33 -30.00 -50.61
C GLY G 12 6.50 -30.78 -49.32
N SER G 13 7.69 -30.72 -48.74
CA SER G 13 8.03 -31.55 -47.58
C SER G 13 8.09 -30.78 -46.27
N GLY G 14 8.40 -29.48 -46.35
CA GLY G 14 8.43 -28.66 -45.15
C GLY G 14 9.52 -29.10 -44.19
N THR G 15 10.59 -29.72 -44.72
CA THR G 15 11.61 -30.29 -43.86
C THR G 15 12.18 -29.34 -42.80
N ARG G 16 12.19 -28.04 -43.07
CA ARG G 16 12.77 -27.09 -42.12
C ARG G 16 11.88 -26.97 -40.88
N LEU G 17 10.66 -27.45 -41.02
CA LEU G 17 9.65 -27.35 -39.98
C LEU G 17 9.47 -28.65 -39.20
N TYR G 18 10.20 -29.70 -39.57
CA TYR G 18 10.23 -30.92 -38.76
C TYR G 18 10.48 -30.51 -37.32
N PRO G 19 9.83 -31.19 -36.36
CA PRO G 19 8.92 -32.31 -36.58
C PRO G 19 7.42 -31.97 -36.78
N VAL G 20 7.06 -30.69 -36.84
CA VAL G 20 5.63 -30.37 -36.93
C VAL G 20 5.02 -30.63 -38.32
N THR G 21 5.86 -30.84 -39.33
CA THR G 21 5.34 -31.12 -40.66
C THR G 21 5.48 -32.59 -40.99
N MET G 22 5.82 -33.40 -39.99
CA MET G 22 5.95 -34.83 -40.23
C MET G 22 4.62 -35.50 -40.55
N ALA G 23 3.55 -35.05 -39.90
CA ALA G 23 2.23 -35.61 -40.22
C ALA G 23 1.18 -34.53 -40.58
N VAL G 24 1.62 -33.29 -40.71
CA VAL G 24 0.75 -32.22 -41.13
C VAL G 24 1.39 -31.40 -42.24
N SER G 25 0.72 -31.32 -43.39
CA SER G 25 1.20 -30.41 -44.43
C SER G 25 1.53 -29.00 -43.88
N LYS G 26 2.63 -28.42 -44.35
CA LYS G 26 2.99 -27.06 -43.95
C LYS G 26 1.81 -26.10 -44.16
N GLN G 27 1.13 -26.26 -45.29
CA GLN G 27 0.09 -25.33 -45.69
C GLN G 27 -1.23 -25.54 -44.94
N LEU G 28 -1.23 -26.47 -43.99
CA LEU G 28 -2.40 -26.68 -43.13
C LEU G 28 -2.11 -26.24 -41.72
N LEU G 29 -0.86 -25.85 -41.46
CA LEU G 29 -0.48 -25.29 -40.18
C LEU G 29 -1.20 -23.95 -39.93
N PRO G 30 -1.54 -23.66 -38.66
CA PRO G 30 -2.20 -22.39 -38.37
C PRO G 30 -1.24 -21.19 -38.36
N ILE G 31 -1.64 -20.15 -39.07
CA ILE G 31 -1.05 -18.84 -38.84
C ILE G 31 -2.11 -18.12 -38.05
N TYR G 32 -1.89 -18.02 -36.74
CA TYR G 32 -2.89 -17.53 -35.80
C TYR G 32 -4.18 -18.36 -35.81
N ASP G 33 -5.26 -17.82 -36.37
CA ASP G 33 -6.51 -18.57 -36.41
C ASP G 33 -6.96 -19.16 -37.75
N LYS G 34 -6.05 -19.26 -38.72
CA LYS G 34 -6.43 -19.83 -40.01
C LYS G 34 -5.35 -20.79 -40.49
N PRO G 35 -5.76 -21.84 -41.24
CA PRO G 35 -4.76 -22.68 -41.90
C PRO G 35 -3.93 -21.81 -42.84
N MET G 36 -2.63 -22.08 -42.92
CA MET G 36 -1.74 -21.30 -43.77
C MET G 36 -2.38 -20.99 -45.14
N ILE G 37 -3.00 -21.99 -45.74
CA ILE G 37 -3.44 -21.85 -47.13
C ILE G 37 -4.54 -20.82 -47.35
N TYR G 38 -5.22 -20.42 -46.28
CA TYR G 38 -6.19 -19.35 -46.37
C TYR G 38 -5.54 -18.09 -46.92
N TYR G 39 -4.26 -17.88 -46.59
CA TYR G 39 -3.58 -16.63 -46.93
C TYR G 39 -3.29 -16.46 -48.43
N PRO G 40 -2.52 -17.39 -49.03
CA PRO G 40 -2.36 -17.30 -50.50
C PRO G 40 -3.68 -17.39 -51.26
N LEU G 41 -4.64 -18.12 -50.70
CA LEU G 41 -5.96 -18.25 -51.30
C LEU G 41 -6.74 -16.94 -51.29
N SER G 42 -6.65 -16.20 -50.19
CA SER G 42 -7.28 -14.88 -50.11
C SER G 42 -6.61 -13.94 -51.09
N THR G 43 -5.29 -14.05 -51.17
CA THR G 43 -4.54 -13.19 -52.08
C THR G 43 -5.07 -13.32 -53.53
N LEU G 44 -5.33 -14.56 -53.97
CA LEU G 44 -5.94 -14.75 -55.28
C LEU G 44 -7.35 -14.18 -55.34
N MET G 45 -8.09 -14.32 -54.25
CA MET G 45 -9.47 -13.84 -54.25
C MET G 45 -9.48 -12.32 -54.42
N LEU G 46 -8.54 -11.65 -53.76
CA LEU G 46 -8.46 -10.19 -53.80
C LEU G 46 -8.11 -9.66 -55.20
N ALA G 47 -7.56 -10.54 -56.05
CA ALA G 47 -7.27 -10.15 -57.42
C ALA G 47 -8.43 -10.57 -58.33
N GLY G 48 -9.54 -10.94 -57.70
CA GLY G 48 -10.74 -11.35 -58.42
C GLY G 48 -10.63 -12.71 -59.08
N ILE G 49 -9.66 -13.51 -58.63
CA ILE G 49 -9.50 -14.86 -59.17
C ILE G 49 -10.39 -15.81 -58.41
N ARG G 50 -11.32 -16.43 -59.13
CA ARG G 50 -12.33 -17.29 -58.50
C ARG G 50 -12.18 -18.74 -58.96
N ASP G 51 -11.32 -18.96 -59.93
CA ASP G 51 -11.08 -20.30 -60.41
C ASP G 51 -9.65 -20.68 -60.12
N ILE G 52 -9.49 -21.61 -59.18
CA ILE G 52 -8.19 -21.87 -58.59
C ILE G 52 -7.89 -23.35 -58.55
N LEU G 53 -6.67 -23.68 -58.97
CA LEU G 53 -6.18 -25.04 -58.92
C LEU G 53 -5.23 -25.14 -57.74
N ILE G 54 -5.47 -26.13 -56.91
CA ILE G 54 -4.62 -26.40 -55.77
C ILE G 54 -3.83 -27.69 -56.03
N ILE G 55 -2.51 -27.56 -56.03
CA ILE G 55 -1.63 -28.70 -56.28
C ILE G 55 -0.96 -29.10 -54.96
N SER G 56 -1.18 -30.35 -54.54
CA SER G 56 -0.58 -30.82 -53.30
C SER G 56 -0.07 -32.25 -53.41
N THR G 57 0.45 -32.76 -52.30
CA THR G 57 1.06 -34.10 -52.27
C THR G 57 -0.06 -35.13 -52.22
N PRO G 58 0.28 -36.40 -52.48
CA PRO G 58 -0.77 -37.43 -52.52
C PRO G 58 -1.49 -37.60 -51.16
N GLN G 59 -0.75 -37.56 -50.05
CA GLN G 59 -1.36 -37.81 -48.74
C GLN G 59 -2.19 -36.67 -48.22
N ASP G 60 -1.78 -35.44 -48.54
CA ASP G 60 -2.40 -34.23 -47.97
C ASP G 60 -3.46 -33.57 -48.86
N THR G 61 -3.49 -33.93 -50.15
CA THR G 61 -4.49 -33.36 -51.04
C THR G 61 -5.92 -33.58 -50.53
N PRO G 62 -6.22 -34.78 -50.01
CA PRO G 62 -7.57 -35.00 -49.49
C PRO G 62 -7.86 -34.15 -48.25
N ARG G 63 -6.84 -33.79 -47.47
CA ARG G 63 -7.06 -32.95 -46.31
C ARG G 63 -7.47 -31.53 -46.72
N PHE G 64 -6.84 -31.03 -47.79
CA PHE G 64 -7.21 -29.72 -48.36
C PHE G 64 -8.64 -29.74 -48.89
N GLN G 65 -9.04 -30.87 -49.45
CA GLN G 65 -10.40 -31.03 -49.97
C GLN G 65 -11.39 -31.10 -48.82
N GLN G 66 -11.01 -31.80 -47.75
CA GLN G 66 -11.82 -31.85 -46.54
C GLN G 66 -11.99 -30.43 -45.98
N LEU G 67 -10.93 -29.63 -46.01
CA LEU G 67 -10.98 -28.26 -45.48
C LEU G 67 -11.73 -27.27 -46.35
N LEU G 68 -11.52 -27.37 -47.67
CA LEU G 68 -11.95 -26.35 -48.61
C LEU G 68 -13.13 -26.77 -49.49
N GLY G 69 -13.33 -28.08 -49.61
CA GLY G 69 -14.38 -28.58 -50.48
C GLY G 69 -14.08 -28.09 -51.88
N ASP G 70 -15.11 -27.72 -52.62
CA ASP G 70 -14.91 -27.22 -53.98
C ASP G 70 -14.96 -25.69 -53.98
N GLY G 71 -14.96 -25.11 -52.79
CA GLY G 71 -14.90 -23.66 -52.65
C GLY G 71 -16.20 -22.96 -53.04
N SER G 72 -17.20 -23.73 -53.45
CA SER G 72 -18.48 -23.13 -53.85
C SER G 72 -19.11 -22.33 -52.73
N GLN G 73 -18.72 -22.63 -51.48
CA GLN G 73 -19.28 -21.97 -50.31
C GLN G 73 -18.80 -20.55 -50.25
N TRP G 74 -17.79 -20.25 -51.05
CA TRP G 74 -17.18 -18.94 -51.04
C TRP G 74 -17.32 -18.26 -52.39
N GLY G 75 -18.15 -18.83 -53.27
CA GLY G 75 -18.29 -18.33 -54.62
C GLY G 75 -17.13 -18.71 -55.54
N LEU G 76 -16.33 -19.67 -55.10
CA LEU G 76 -15.17 -20.06 -55.86
C LEU G 76 -15.40 -21.40 -56.56
N ASN G 77 -14.43 -21.76 -57.40
CA ASN G 77 -14.40 -23.07 -58.02
C ASN G 77 -13.00 -23.59 -57.76
N LEU G 78 -12.87 -24.50 -56.81
CA LEU G 78 -11.55 -25.06 -56.48
C LEU G 78 -11.42 -26.42 -57.13
N GLN G 79 -10.24 -26.67 -57.68
CA GLN G 79 -9.96 -27.95 -58.29
C GLN G 79 -8.62 -28.43 -57.74
N TYR G 80 -8.37 -29.73 -57.84
CA TYR G 80 -7.20 -30.29 -57.17
C TYR G 80 -6.39 -31.22 -58.07
N LYS G 81 -5.09 -31.26 -57.81
CA LYS G 81 -4.19 -32.07 -58.61
C LYS G 81 -2.98 -32.43 -57.76
N VAL G 82 -2.51 -33.67 -57.91
CA VAL G 82 -1.43 -34.18 -57.07
C VAL G 82 -0.08 -33.99 -57.77
N SER G 83 0.90 -33.48 -57.04
CA SER G 83 2.23 -33.26 -57.60
C SER G 83 2.89 -34.60 -57.86
N PRO G 84 3.45 -34.76 -59.07
CA PRO G 84 4.08 -36.00 -59.52
C PRO G 84 5.56 -36.04 -59.13
N SER G 85 6.17 -34.86 -59.04
CA SER G 85 7.60 -34.78 -58.77
C SER G 85 7.84 -33.93 -57.52
N PRO G 86 8.83 -34.34 -56.71
CA PRO G 86 9.25 -33.62 -55.51
C PRO G 86 9.61 -32.15 -55.80
N ASP G 87 10.20 -31.91 -56.97
CA ASP G 87 10.60 -30.55 -57.34
C ASP G 87 10.16 -30.22 -58.76
N GLY G 88 10.67 -29.12 -59.29
CA GLY G 88 10.25 -28.67 -60.61
C GLY G 88 8.92 -27.93 -60.48
N LEU G 89 8.99 -26.74 -59.88
CA LEU G 89 7.77 -25.97 -59.63
C LEU G 89 7.09 -25.49 -60.91
N ALA G 90 7.86 -25.16 -61.93
CA ALA G 90 7.28 -24.75 -63.21
C ALA G 90 6.39 -25.86 -63.77
N GLN G 91 6.59 -27.08 -63.27
CA GLN G 91 5.76 -28.22 -63.68
C GLN G 91 4.26 -27.91 -63.44
N ALA G 92 3.99 -26.88 -62.67
CA ALA G 92 2.61 -26.49 -62.37
C ALA G 92 1.81 -26.20 -63.63
N PHE G 93 2.47 -25.55 -64.59
CA PHE G 93 1.81 -25.14 -65.82
C PHE G 93 1.58 -26.32 -66.76
N ILE G 94 2.39 -27.36 -66.60
CA ILE G 94 2.18 -28.58 -67.36
C ILE G 94 1.04 -29.40 -66.75
N ILE G 95 1.11 -29.61 -65.43
CA ILE G 95 0.03 -30.24 -64.66
C ILE G 95 -1.33 -29.59 -64.93
N GLY G 96 -1.37 -28.26 -64.88
CA GLY G 96 -2.60 -27.51 -65.10
C GLY G 96 -2.86 -27.01 -66.52
N GLU G 97 -2.21 -27.61 -67.52
CA GLU G 97 -2.40 -27.14 -68.89
C GLU G 97 -3.87 -27.09 -69.24
N GLU G 98 -4.61 -28.12 -68.84
CA GLU G 98 -6.03 -28.21 -69.12
C GLU G 98 -6.81 -27.21 -68.27
N PHE G 99 -6.48 -27.12 -67.00
CA PHE G 99 -7.15 -26.16 -66.14
C PHE G 99 -7.04 -24.76 -66.74
N ILE G 100 -5.84 -24.44 -67.21
CA ILE G 100 -5.54 -23.09 -67.68
C ILE G 100 -6.24 -22.78 -69.00
N GLY G 101 -6.29 -23.78 -69.88
CA GLY G 101 -6.97 -23.62 -71.16
C GLY G 101 -6.30 -22.52 -71.96
N HIS G 102 -7.10 -21.54 -72.39
CA HIS G 102 -6.59 -20.41 -73.18
C HIS G 102 -6.42 -19.15 -72.36
N ASP G 103 -6.66 -19.23 -71.05
CA ASP G 103 -6.64 -18.02 -70.22
C ASP G 103 -5.26 -17.67 -69.68
N ASP G 104 -5.17 -16.47 -69.11
CA ASP G 104 -3.96 -16.07 -68.42
C ASP G 104 -4.04 -16.76 -67.07
N CYS G 105 -2.90 -16.85 -66.37
CA CYS G 105 -2.84 -17.55 -65.09
C CYS G 105 -1.95 -16.84 -64.07
N ALA G 106 -2.33 -16.91 -62.80
CA ALA G 106 -1.47 -16.47 -61.69
C ALA G 106 -0.97 -17.69 -60.93
N LEU G 107 0.20 -17.57 -60.32
CA LEU G 107 0.73 -18.65 -59.51
C LEU G 107 1.17 -18.07 -58.20
N VAL G 108 0.77 -18.68 -57.10
CA VAL G 108 1.19 -18.24 -55.77
C VAL G 108 1.61 -19.44 -54.96
N LEU G 109 2.68 -19.28 -54.18
CA LEU G 109 3.23 -20.37 -53.39
C LEU G 109 2.42 -20.51 -52.11
N GLY G 110 2.21 -21.74 -51.69
CA GLY G 110 1.40 -22.02 -50.51
C GLY G 110 1.84 -21.37 -49.22
N ASP G 111 3.13 -21.07 -49.09
CA ASP G 111 3.69 -20.55 -47.82
C ASP G 111 3.86 -19.02 -47.77
N ASN G 112 3.31 -18.34 -48.78
CA ASN G 112 3.49 -16.90 -48.92
C ASN G 112 2.36 -16.07 -48.35
N ILE G 113 2.71 -15.20 -47.41
CA ILE G 113 1.73 -14.36 -46.79
C ILE G 113 1.94 -12.91 -47.19
N PHE G 114 0.98 -12.36 -47.92
CA PHE G 114 1.06 -10.98 -48.39
C PHE G 114 0.05 -10.13 -47.67
N TYR G 115 0.46 -8.94 -47.21
CA TYR G 115 -0.42 -7.97 -46.60
C TYR G 115 -0.13 -6.58 -47.16
N GLY G 116 -1.18 -5.81 -47.45
CA GLY G 116 -1.00 -4.43 -47.88
C GLY G 116 -2.27 -3.82 -48.42
N HIS G 117 -2.63 -2.65 -47.90
CA HIS G 117 -3.86 -1.96 -48.29
C HIS G 117 -3.95 -1.88 -49.82
N ASP G 118 -2.86 -1.51 -50.45
CA ASP G 118 -2.86 -1.25 -51.89
C ASP G 118 -2.57 -2.47 -52.73
N LEU G 119 -2.49 -3.65 -52.13
CA LEU G 119 -2.13 -4.86 -52.87
C LEU G 119 -3.05 -5.16 -54.07
N PRO G 120 -4.37 -5.04 -53.89
CA PRO G 120 -5.29 -5.28 -55.03
C PRO G 120 -5.06 -4.38 -56.24
N LYS G 121 -4.82 -3.08 -56.02
CA LYS G 121 -4.48 -2.17 -57.12
C LYS G 121 -3.27 -2.71 -57.88
N LEU G 122 -2.26 -3.15 -57.13
CA LEU G 122 -1.04 -3.73 -57.72
C LEU G 122 -1.37 -4.94 -58.59
N MET G 123 -2.28 -5.78 -58.11
CA MET G 123 -2.63 -7.02 -58.80
C MET G 123 -3.55 -6.76 -60.00
N GLU G 124 -4.42 -5.75 -59.89
CA GLU G 124 -5.29 -5.39 -61.00
C GLU G 124 -4.44 -4.93 -62.19
N ALA G 125 -3.38 -4.19 -61.90
CA ALA G 125 -2.45 -3.75 -62.93
C ALA G 125 -1.77 -4.94 -63.61
N ALA G 126 -1.33 -5.91 -62.81
CA ALA G 126 -0.66 -7.08 -63.36
C ALA G 126 -1.59 -7.95 -64.21
N VAL G 127 -2.85 -8.03 -63.80
CA VAL G 127 -3.87 -8.77 -64.54
C VAL G 127 -4.17 -8.12 -65.89
N ALA G 133 4.51 -11.09 -68.35
CA ALA G 133 4.45 -11.55 -66.96
C ALA G 133 4.78 -10.43 -65.97
N THR G 134 4.19 -10.52 -64.78
CA THR G 134 4.48 -9.59 -63.71
C THR G 134 4.94 -10.41 -62.51
N VAL G 135 6.15 -10.13 -62.05
CA VAL G 135 6.66 -10.72 -60.83
C VAL G 135 6.45 -9.73 -59.68
N PHE G 136 6.39 -10.24 -58.45
CA PHE G 136 6.19 -9.36 -57.31
C PHE G 136 7.42 -9.29 -56.42
N ALA G 137 7.91 -8.07 -56.23
CA ALA G 137 9.16 -7.86 -55.53
C ALA G 137 8.98 -7.11 -54.23
N TYR G 138 9.82 -7.45 -53.26
CA TYR G 138 9.68 -6.93 -51.92
C TYR G 138 11.01 -6.41 -51.41
N HIS G 139 11.02 -5.15 -50.98
CA HIS G 139 12.24 -4.55 -50.47
C HIS G 139 12.70 -5.27 -49.20
N VAL G 140 13.95 -5.72 -49.21
CA VAL G 140 14.57 -6.38 -48.06
C VAL G 140 15.90 -5.72 -47.72
N ASN G 141 16.35 -5.92 -46.48
CA ASN G 141 17.65 -5.39 -46.05
C ASN G 141 18.80 -6.33 -46.39
N ASP G 142 18.44 -7.55 -46.77
CA ASP G 142 19.44 -8.59 -47.00
C ASP G 142 19.21 -9.32 -48.33
N PRO G 143 19.22 -8.56 -49.44
CA PRO G 143 18.92 -9.13 -50.76
C PRO G 143 19.71 -10.42 -51.00
N GLU G 144 20.93 -10.50 -50.48
CA GLU G 144 21.81 -11.65 -50.72
C GLU G 144 21.16 -12.98 -50.34
N ARG G 145 20.08 -12.91 -49.58
CA ARG G 145 19.45 -14.10 -49.01
C ARG G 145 18.38 -14.73 -49.91
N TYR G 146 17.80 -13.91 -50.79
CA TYR G 146 16.70 -14.33 -51.65
C TYR G 146 17.11 -14.36 -53.12
N GLY G 147 16.16 -14.65 -54.00
CA GLY G 147 16.31 -14.44 -55.43
C GLY G 147 16.05 -12.96 -55.74
N VAL G 148 16.98 -12.32 -56.43
CA VAL G 148 16.97 -10.86 -56.56
C VAL G 148 16.69 -10.40 -57.96
N VAL G 149 15.79 -9.44 -58.07
CA VAL G 149 15.45 -8.87 -59.37
C VAL G 149 15.92 -7.41 -59.43
N GLU G 150 16.73 -7.11 -60.44
CA GLU G 150 17.17 -5.76 -60.70
C GLU G 150 16.34 -5.23 -61.87
N PHE G 151 15.78 -4.04 -61.73
CA PHE G 151 14.84 -3.60 -62.76
C PHE G 151 14.90 -2.14 -63.21
N ASP G 152 14.22 -1.93 -64.33
CA ASP G 152 14.10 -0.68 -65.06
C ASP G 152 13.25 0.34 -64.30
N GLN G 153 13.21 1.59 -64.78
CA GLN G 153 12.27 2.59 -64.28
C GLN G 153 10.90 2.37 -64.90
N LYS G 154 10.86 1.63 -66.00
CA LYS G 154 9.61 1.26 -66.66
C LYS G 154 8.90 0.20 -65.82
N GLY G 155 9.69 -0.59 -65.09
CA GLY G 155 9.18 -1.71 -64.32
C GLY G 155 9.63 -3.01 -64.96
N THR G 156 10.53 -2.91 -65.94
CA THR G 156 10.97 -4.09 -66.67
C THR G 156 12.23 -4.70 -66.04
N ALA G 157 12.15 -5.98 -65.74
CA ALA G 157 13.27 -6.70 -65.12
C ALA G 157 14.46 -6.68 -66.05
N VAL G 158 15.66 -6.56 -65.49
CA VAL G 158 16.90 -6.58 -66.30
C VAL G 158 17.89 -7.66 -65.88
N SER G 159 17.69 -8.24 -64.71
CA SER G 159 18.50 -9.37 -64.26
C SER G 159 17.81 -10.13 -63.12
N LEU G 160 18.01 -11.44 -63.12
CA LEU G 160 17.49 -12.31 -62.06
C LEU G 160 18.65 -13.10 -61.46
N GLU G 161 18.89 -12.94 -60.16
CA GLU G 161 20.03 -13.61 -59.54
C GLU G 161 19.68 -14.30 -58.23
N GLU G 162 19.91 -15.60 -58.17
CA GLU G 162 19.67 -16.42 -56.97
C GLU G 162 20.73 -16.17 -55.90
N LYS G 163 20.33 -15.53 -54.80
CA LYS G 163 21.24 -15.25 -53.69
C LYS G 163 22.57 -14.64 -54.15
N PRO G 164 22.50 -13.48 -54.83
CA PRO G 164 23.72 -12.90 -55.42
C PRO G 164 24.68 -12.50 -54.32
N LEU G 165 25.96 -12.78 -54.51
CA LEU G 165 26.95 -12.32 -53.56
C LEU G 165 27.08 -10.81 -53.70
N GLN G 166 26.86 -10.32 -54.93
CA GLN G 166 26.87 -8.88 -55.23
C GLN G 166 25.50 -8.44 -55.68
N PRO G 167 24.52 -8.43 -54.76
CA PRO G 167 23.12 -8.13 -55.09
C PRO G 167 23.01 -6.90 -55.98
N LYS G 168 22.29 -7.01 -57.09
CA LYS G 168 22.15 -5.91 -58.03
C LYS G 168 21.02 -4.95 -57.61
N SER G 169 20.31 -5.33 -56.55
CA SER G 169 19.15 -4.58 -56.10
C SER G 169 18.72 -5.07 -54.71
N ASN G 170 17.85 -4.32 -54.06
CA ASN G 170 17.34 -4.70 -52.74
C ASN G 170 15.98 -5.38 -52.83
N TYR G 171 15.58 -5.77 -54.04
CA TYR G 171 14.26 -6.36 -54.22
C TYR G 171 14.27 -7.87 -54.37
N ALA G 172 13.66 -8.54 -53.41
CA ALA G 172 13.53 -9.99 -53.43
C ALA G 172 12.31 -10.38 -54.23
N VAL G 173 12.43 -11.47 -55.00
CA VAL G 173 11.28 -11.97 -55.76
C VAL G 173 10.39 -12.83 -54.88
N THR G 174 9.14 -12.42 -54.72
CA THR G 174 8.22 -13.16 -53.87
C THR G 174 7.53 -14.25 -54.66
N GLY G 175 6.73 -15.05 -53.95
CA GLY G 175 6.07 -16.20 -54.54
C GLY G 175 4.71 -15.90 -55.14
N LEU G 176 4.59 -14.73 -55.78
CA LEU G 176 3.35 -14.33 -56.47
C LEU G 176 3.67 -13.85 -57.88
N TYR G 177 3.07 -14.51 -58.87
CA TYR G 177 3.41 -14.30 -60.28
C TYR G 177 2.18 -14.21 -61.16
N PHE G 178 2.24 -13.40 -62.21
CA PHE G 178 1.13 -13.29 -63.16
C PHE G 178 1.63 -13.51 -64.56
N TYR G 179 0.98 -14.42 -65.26
CA TYR G 179 1.46 -14.82 -66.55
C TYR G 179 0.36 -14.64 -67.56
N ASP G 180 0.73 -14.48 -68.83
CA ASP G 180 -0.25 -14.57 -69.90
C ASP G 180 -0.19 -16.03 -70.38
N ASN G 181 -1.14 -16.39 -71.25
CA ASN G 181 -1.27 -17.80 -71.64
C ASN G 181 -0.02 -18.45 -72.25
N SER G 182 0.92 -17.63 -72.71
CA SER G 182 2.11 -18.16 -73.38
C SER G 182 3.01 -18.94 -72.42
N VAL G 183 2.68 -18.90 -71.13
CA VAL G 183 3.50 -19.57 -70.11
C VAL G 183 3.41 -21.11 -70.19
N VAL G 184 2.21 -21.63 -70.48
CA VAL G 184 2.01 -23.06 -70.58
C VAL G 184 2.96 -23.57 -71.62
N GLU G 185 3.08 -22.77 -72.67
CA GLU G 185 3.91 -23.10 -73.81
C GLU G 185 5.38 -23.13 -73.43
N MET G 186 5.82 -22.11 -72.68
CA MET G 186 7.20 -22.05 -72.19
C MET G 186 7.52 -23.30 -71.38
N ALA G 187 6.65 -23.63 -70.44
CA ALA G 187 6.84 -24.74 -69.52
C ALA G 187 6.95 -26.08 -70.24
N LYS G 188 6.06 -26.32 -71.22
CA LYS G 188 6.12 -27.53 -72.03
C LYS G 188 7.47 -27.62 -72.75
N ASN G 189 7.92 -26.50 -73.31
CA ASN G 189 9.16 -26.46 -74.08
C ASN G 189 10.39 -26.09 -73.24
N LEU G 190 10.31 -26.30 -71.94
CA LEU G 190 11.42 -25.95 -71.09
C LEU G 190 12.17 -27.21 -70.74
N LYS G 191 13.45 -27.05 -70.43
CA LYS G 191 14.26 -28.18 -70.00
C LYS G 191 14.87 -27.88 -68.64
N PRO G 192 15.11 -28.93 -67.85
CA PRO G 192 15.61 -28.80 -66.48
C PRO G 192 16.77 -27.81 -66.32
N SER G 193 16.85 -27.16 -65.16
CA SER G 193 17.98 -26.32 -64.80
C SER G 193 19.20 -27.20 -64.41
N ALA G 194 20.10 -26.64 -63.61
CA ALA G 194 21.27 -27.39 -63.15
C ALA G 194 20.93 -28.37 -62.03
N ARG G 195 19.67 -28.35 -61.58
CA ARG G 195 19.22 -29.28 -60.54
C ARG G 195 18.14 -30.26 -61.00
N GLY G 196 17.99 -30.39 -62.33
CA GLY G 196 17.27 -31.49 -62.95
C GLY G 196 15.78 -31.28 -63.22
N GLU G 197 15.33 -30.05 -62.98
CA GLU G 197 13.92 -29.77 -62.80
C GLU G 197 13.56 -28.40 -63.36
N LEU G 198 12.32 -28.29 -63.84
CA LEU G 198 11.86 -27.05 -64.47
C LEU G 198 11.56 -25.99 -63.41
N GLU G 199 12.22 -24.83 -63.51
CA GLU G 199 12.18 -23.82 -62.45
C GLU G 199 11.26 -22.65 -62.78
N ILE G 200 10.65 -22.07 -61.74
CA ILE G 200 9.88 -20.85 -61.95
C ILE G 200 10.82 -19.77 -62.42
N THR G 201 12.05 -19.80 -61.90
CA THR G 201 13.04 -18.80 -62.23
C THR G 201 13.43 -18.82 -63.70
N ASP G 202 13.59 -20.02 -64.26
CA ASP G 202 13.91 -20.15 -65.68
C ASP G 202 12.85 -19.46 -66.51
N ILE G 203 11.59 -19.77 -66.18
CA ILE G 203 10.45 -19.24 -66.90
C ILE G 203 10.46 -17.72 -66.88
N ASN G 204 10.77 -17.15 -65.73
CA ASN G 204 10.78 -15.70 -65.57
C ASN G 204 11.90 -15.06 -66.36
N ARG G 205 13.05 -15.72 -66.40
CA ARG G 205 14.20 -15.20 -67.11
C ARG G 205 13.87 -15.13 -68.60
N ILE G 206 13.08 -16.08 -69.07
CA ILE G 206 12.65 -16.09 -70.46
C ILE G 206 11.82 -14.84 -70.80
N TYR G 207 10.77 -14.58 -70.02
CA TYR G 207 9.95 -13.40 -70.23
C TYR G 207 10.80 -12.15 -70.24
N MET G 208 11.76 -12.10 -69.32
CA MET G 208 12.65 -10.96 -69.17
C MET G 208 13.51 -10.79 -70.41
N GLU G 209 14.04 -11.91 -70.91
CA GLU G 209 14.86 -11.89 -72.12
C GLU G 209 14.08 -11.41 -73.34
N GLN G 210 12.76 -11.54 -73.28
CA GLN G 210 11.89 -11.04 -74.34
C GLN G 210 11.40 -9.64 -74.00
N GLY G 211 11.79 -9.14 -72.84
CA GLY G 211 11.42 -7.80 -72.41
C GLY G 211 10.01 -7.72 -71.89
N ARG G 212 9.32 -8.85 -71.84
CA ARG G 212 7.92 -8.85 -71.42
C ARG G 212 7.72 -9.16 -69.93
N LEU G 213 8.74 -8.91 -69.12
CA LEU G 213 8.64 -9.18 -67.70
C LEU G 213 8.61 -7.90 -66.87
N SER G 214 7.45 -7.63 -66.27
CA SER G 214 7.30 -6.46 -65.41
C SER G 214 7.53 -6.81 -63.94
N VAL G 215 7.70 -5.77 -63.13
CA VAL G 215 7.97 -5.97 -61.71
C VAL G 215 7.04 -5.11 -60.89
N ALA G 216 6.14 -5.77 -60.16
CA ALA G 216 5.30 -5.09 -59.20
C ALA G 216 6.11 -4.84 -57.93
N MET G 217 6.18 -3.59 -57.52
CA MET G 217 7.01 -3.20 -56.39
C MET G 217 6.19 -3.07 -55.09
N MET G 218 6.56 -3.86 -54.08
CA MET G 218 5.94 -3.75 -52.76
C MET G 218 6.89 -3.05 -51.80
N GLY G 219 6.67 -1.75 -51.60
CA GLY G 219 7.51 -0.97 -50.71
C GLY G 219 6.96 -0.81 -49.32
N ARG G 220 7.33 0.27 -48.65
CA ARG G 220 6.87 0.45 -47.29
C ARG G 220 5.33 0.44 -47.28
N GLY G 221 4.76 -0.13 -46.24
CA GLY G 221 3.32 -0.36 -46.17
C GLY G 221 2.97 -1.82 -46.36
N TYR G 222 3.80 -2.54 -47.11
CA TYR G 222 3.57 -3.96 -47.38
C TYR G 222 4.30 -4.89 -46.42
N ALA G 223 3.68 -6.04 -46.16
CA ALA G 223 4.29 -7.08 -45.36
C ALA G 223 4.37 -8.34 -46.19
N TRP G 224 5.44 -9.11 -46.04
CA TRP G 224 5.59 -10.38 -46.76
C TRP G 224 6.36 -11.41 -45.94
N LEU G 225 5.77 -12.59 -45.73
CA LEU G 225 6.44 -13.66 -45.00
C LEU G 225 6.51 -14.96 -45.79
N ASP G 226 7.69 -15.59 -45.83
CA ASP G 226 7.82 -16.97 -46.32
C ASP G 226 7.84 -17.85 -45.07
N THR G 227 6.67 -18.38 -44.76
CA THR G 227 6.47 -19.11 -43.54
C THR G 227 6.95 -20.53 -43.68
N GLY G 228 8.25 -20.74 -43.44
CA GLY G 228 8.83 -22.03 -43.70
C GLY G 228 9.76 -22.50 -42.61
N THR G 229 9.94 -21.67 -41.58
CA THR G 229 10.79 -22.01 -40.44
C THR G 229 10.04 -21.77 -39.14
N HIS G 230 10.46 -22.41 -38.06
CA HIS G 230 9.74 -22.28 -36.81
C HIS G 230 9.65 -20.83 -36.39
N GLN G 231 10.73 -20.09 -36.60
CA GLN G 231 10.77 -18.69 -36.16
C GLN G 231 9.80 -17.86 -36.97
N SER G 232 9.78 -18.07 -38.29
CA SER G 232 9.00 -17.19 -39.13
C SER G 232 7.51 -17.49 -39.01
N LEU G 233 7.19 -18.74 -38.68
CA LEU G 233 5.82 -19.19 -38.46
C LEU G 233 5.26 -18.46 -37.26
N ILE G 234 6.02 -18.45 -36.19
CA ILE G 234 5.55 -17.78 -34.99
C ILE G 234 5.57 -16.25 -35.12
N GLU G 235 6.44 -15.71 -35.95
CA GLU G 235 6.42 -14.28 -36.24
C GLU G 235 5.17 -13.92 -37.03
N ALA G 236 4.76 -14.79 -37.95
CA ALA G 236 3.61 -14.52 -38.81
C ALA G 236 2.35 -14.58 -37.93
N SER G 237 2.24 -15.62 -37.11
CA SER G 237 1.11 -15.77 -36.22
C SER G 237 0.95 -14.52 -35.36
N ASN G 238 2.06 -14.07 -34.79
CA ASN G 238 2.01 -12.87 -33.94
C ASN G 238 1.63 -11.63 -34.70
N PHE G 239 2.10 -11.53 -35.94
CA PHE G 239 1.79 -10.37 -36.78
C PHE G 239 0.29 -10.34 -37.05
N ILE G 240 -0.24 -11.48 -37.48
CA ILE G 240 -1.67 -11.55 -37.74
C ILE G 240 -2.48 -11.27 -36.46
N ALA G 241 -2.11 -11.90 -35.36
CA ALA G 241 -2.85 -11.68 -34.12
C ALA G 241 -2.83 -10.23 -33.69
N THR G 242 -1.67 -9.60 -33.83
CA THR G 242 -1.53 -8.20 -33.43
C THR G 242 -2.40 -7.28 -34.30
N ILE G 243 -2.31 -7.42 -35.62
CA ILE G 243 -3.07 -6.56 -36.53
C ILE G 243 -4.56 -6.70 -36.28
N GLU G 244 -5.03 -7.94 -36.17
CA GLU G 244 -6.45 -8.21 -35.99
C GLU G 244 -6.95 -7.65 -34.67
N GLU G 245 -6.16 -7.85 -33.61
CA GLU G 245 -6.58 -7.41 -32.29
C GLU G 245 -6.52 -5.90 -32.10
N ARG G 246 -5.50 -5.27 -32.63
CA ARG G 246 -5.31 -3.85 -32.39
C ARG G 246 -6.13 -2.97 -33.32
N GLN G 247 -6.37 -3.46 -34.53
CA GLN G 247 -7.01 -2.66 -35.58
C GLN G 247 -8.41 -3.13 -35.96
N GLY G 248 -8.86 -4.21 -35.32
CA GLY G 248 -10.20 -4.73 -35.53
C GLY G 248 -10.57 -5.24 -36.93
N LEU G 249 -9.63 -5.85 -37.62
CA LEU G 249 -9.96 -6.35 -38.95
C LEU G 249 -9.32 -7.71 -39.09
N LYS G 250 -9.88 -8.55 -39.95
CA LYS G 250 -9.27 -9.85 -40.18
C LYS G 250 -8.39 -9.79 -41.41
N VAL G 251 -7.28 -10.52 -41.35
CA VAL G 251 -6.36 -10.61 -42.47
C VAL G 251 -6.61 -11.93 -43.21
N SER G 252 -6.85 -11.85 -44.51
CA SER G 252 -7.02 -13.04 -45.33
C SER G 252 -8.11 -13.96 -44.79
N CYS G 253 -9.24 -13.35 -44.47
CA CYS G 253 -10.43 -14.10 -44.09
C CYS G 253 -11.30 -14.32 -45.34
N PRO G 254 -11.28 -15.55 -45.87
CA PRO G 254 -11.96 -15.81 -47.15
C PRO G 254 -13.46 -15.52 -47.11
N GLU G 255 -14.11 -15.77 -45.98
CA GLU G 255 -15.53 -15.50 -45.88
C GLU G 255 -15.78 -14.01 -46.00
N GLU G 256 -14.96 -13.20 -45.33
CA GLU G 256 -15.08 -11.75 -45.40
C GLU G 256 -14.81 -11.25 -46.83
N ILE G 257 -13.81 -11.82 -47.48
CA ILE G 257 -13.46 -11.37 -48.82
C ILE G 257 -14.54 -11.72 -49.82
N ALA G 258 -15.03 -12.96 -49.72
CA ALA G 258 -16.12 -13.40 -50.57
C ALA G 258 -17.35 -12.52 -50.37
N PHE G 259 -17.56 -12.06 -49.15
CA PHE G 259 -18.75 -11.27 -48.89
C PHE G 259 -18.61 -9.85 -49.43
N ARG G 260 -17.46 -9.24 -49.15
CA ARG G 260 -17.23 -7.85 -49.55
C ARG G 260 -17.06 -7.68 -51.06
N LYS G 261 -16.64 -8.75 -51.75
CA LYS G 261 -16.54 -8.69 -53.22
C LYS G 261 -17.78 -9.26 -53.87
N ASN G 262 -18.83 -9.48 -53.06
CA ASN G 262 -20.11 -10.03 -53.52
C ASN G 262 -20.08 -11.40 -54.21
N PHE G 263 -19.13 -12.26 -53.82
CA PHE G 263 -19.16 -13.68 -54.23
C PHE G 263 -20.28 -14.42 -53.49
N ILE G 264 -20.67 -13.89 -52.33
CA ILE G 264 -21.70 -14.50 -51.51
C ILE G 264 -22.50 -13.41 -50.78
N ASN G 265 -23.69 -13.75 -50.32
CA ASN G 265 -24.53 -12.78 -49.60
C ASN G 265 -24.47 -12.94 -48.08
N ALA G 266 -25.22 -12.08 -47.38
CA ALA G 266 -25.16 -12.06 -45.91
C ALA G 266 -25.65 -13.36 -45.29
N GLN G 267 -26.55 -14.03 -46.00
CA GLN G 267 -27.14 -15.29 -45.55
C GLN G 267 -26.12 -16.41 -45.56
N GLN G 268 -25.43 -16.56 -46.69
CA GLN G 268 -24.40 -17.58 -46.82
C GLN G 268 -23.35 -17.34 -45.75
N VAL G 269 -23.10 -16.08 -45.44
CA VAL G 269 -22.12 -15.77 -44.39
C VAL G 269 -22.62 -16.28 -43.05
N ILE G 270 -23.88 -16.01 -42.73
CA ILE G 270 -24.46 -16.46 -41.48
C ILE G 270 -24.44 -17.97 -41.30
N GLU G 271 -24.70 -18.71 -42.37
CA GLU G 271 -24.62 -20.18 -42.32
C GLU G 271 -23.18 -20.63 -42.10
N LEU G 272 -22.23 -19.93 -42.70
CA LEU G 272 -20.80 -20.27 -42.56
C LEU G 272 -20.28 -19.89 -41.16
N ALA G 273 -20.88 -18.84 -40.58
CA ALA G 273 -20.48 -18.37 -39.25
C ALA G 273 -20.94 -19.34 -38.17
N GLY G 274 -21.89 -20.20 -38.51
CA GLY G 274 -22.44 -21.18 -37.58
C GLY G 274 -21.41 -22.06 -36.86
N PRO G 275 -20.64 -22.85 -37.63
CA PRO G 275 -19.56 -23.70 -37.11
C PRO G 275 -18.47 -22.96 -36.36
N LEU G 276 -18.33 -21.66 -36.57
CA LEU G 276 -17.23 -20.90 -35.95
C LEU G 276 -17.74 -20.03 -34.81
N SER G 277 -18.98 -20.26 -34.39
CA SER G 277 -19.62 -19.39 -33.40
C SER G 277 -19.06 -19.59 -31.99
N LYS G 278 -18.23 -20.61 -31.81
CA LYS G 278 -17.63 -20.88 -30.50
C LYS G 278 -16.37 -20.04 -30.27
N ASN G 279 -15.98 -19.26 -31.27
CA ASN G 279 -14.81 -18.39 -31.14
C ASN G 279 -15.06 -17.05 -31.80
N ASP G 280 -14.03 -16.21 -31.82
CA ASP G 280 -14.18 -14.84 -32.33
C ASP G 280 -14.28 -14.77 -33.85
N TYR G 281 -13.82 -15.83 -34.51
CA TYR G 281 -13.89 -15.89 -35.97
C TYR G 281 -15.35 -15.86 -36.40
N GLY G 282 -16.16 -16.76 -35.84
CA GLY G 282 -17.59 -16.79 -36.14
C GLY G 282 -18.24 -15.48 -35.78
N LYS G 283 -17.86 -14.95 -34.63
CA LYS G 283 -18.53 -13.76 -34.11
C LYS G 283 -18.19 -12.52 -34.92
N TYR G 284 -16.99 -12.52 -35.48
CA TYR G 284 -16.55 -11.45 -36.37
C TYR G 284 -17.43 -11.45 -37.62
N LEU G 285 -17.55 -12.61 -38.27
CA LEU G 285 -18.39 -12.73 -39.46
C LEU G 285 -19.82 -12.20 -39.22
N LEU G 286 -20.33 -12.38 -38.01
CA LEU G 286 -21.67 -11.89 -37.68
C LEU G 286 -21.75 -10.38 -37.53
N LYS G 287 -20.78 -9.80 -36.83
CA LYS G 287 -20.73 -8.34 -36.71
C LYS G 287 -20.52 -7.69 -38.08
N MET G 288 -19.70 -8.31 -38.90
CA MET G 288 -19.48 -7.83 -40.26
C MET G 288 -20.78 -7.70 -41.08
N VAL G 289 -21.64 -8.72 -41.02
CA VAL G 289 -22.87 -8.72 -41.84
C VAL G 289 -23.99 -7.83 -41.29
N LYS G 290 -23.69 -6.97 -40.33
CA LYS G 290 -24.71 -6.10 -39.76
C LYS G 290 -24.15 -5.05 -38.80
N LYS H 2 5.05 -54.60 -10.78
CA LYS H 2 4.17 -53.51 -11.25
C LYS H 2 4.92 -52.43 -12.03
N THR H 3 4.18 -51.79 -12.93
CA THR H 3 4.74 -50.92 -13.95
C THR H 3 3.93 -49.64 -14.07
N ARG H 4 4.61 -48.55 -14.37
CA ARG H 4 3.97 -47.24 -14.44
C ARG H 4 3.28 -47.06 -15.78
N LYS H 5 1.98 -46.78 -15.71
CA LYS H 5 1.21 -46.60 -16.93
C LYS H 5 0.52 -45.23 -16.99
N GLY H 6 0.34 -44.76 -18.22
CA GLY H 6 -0.37 -43.51 -18.45
C GLY H 6 -1.29 -43.65 -19.65
N ILE H 7 -2.27 -42.76 -19.72
CA ILE H 7 -3.19 -42.68 -20.85
C ILE H 7 -3.31 -41.23 -21.29
N ILE H 8 -3.14 -40.98 -22.58
CA ILE H 8 -3.32 -39.62 -23.12
C ILE H 8 -4.61 -39.52 -23.91
N LEU H 9 -5.49 -38.62 -23.49
CA LEU H 9 -6.72 -38.32 -24.22
C LEU H 9 -6.43 -37.28 -25.30
N ALA H 10 -6.38 -37.74 -26.54
CA ALA H 10 -5.90 -36.94 -27.65
C ALA H 10 -6.85 -36.91 -28.85
N GLY H 11 -8.15 -36.93 -28.56
CA GLY H 11 -9.14 -36.85 -29.60
C GLY H 11 -9.92 -35.56 -29.46
N GLY H 12 -11.23 -35.67 -29.62
CA GLY H 12 -12.10 -34.52 -29.45
C GLY H 12 -12.26 -33.76 -30.76
N SER H 13 -13.04 -32.69 -30.72
CA SER H 13 -13.37 -31.93 -31.93
C SER H 13 -12.64 -30.60 -32.09
N GLY H 14 -12.22 -30.00 -30.96
CA GLY H 14 -11.49 -28.75 -30.99
C GLY H 14 -12.27 -27.61 -31.63
N THR H 15 -13.60 -27.68 -31.50
CA THR H 15 -14.50 -26.72 -32.14
C THR H 15 -14.17 -25.26 -31.86
N ARG H 16 -13.58 -24.98 -30.71
CA ARG H 16 -13.22 -23.60 -30.36
C ARG H 16 -12.08 -23.09 -31.24
N LEU H 17 -11.40 -24.03 -31.87
CA LEU H 17 -10.24 -23.73 -32.68
C LEU H 17 -10.55 -23.71 -34.19
N TYR H 18 -11.81 -23.96 -34.56
CA TYR H 18 -12.20 -23.84 -35.96
C TYR H 18 -11.80 -22.46 -36.46
N PRO H 19 -11.32 -22.37 -37.72
CA PRO H 19 -11.24 -23.47 -38.69
C PRO H 19 -9.92 -24.25 -38.70
N VAL H 20 -8.99 -23.97 -37.79
CA VAL H 20 -7.70 -24.67 -37.87
C VAL H 20 -7.76 -26.14 -37.44
N THR H 21 -8.84 -26.55 -36.76
CA THR H 21 -8.96 -27.94 -36.35
C THR H 21 -9.96 -28.69 -37.22
N MET H 22 -10.35 -28.07 -38.33
CA MET H 22 -11.24 -28.75 -39.28
C MET H 22 -10.58 -29.94 -39.99
N ALA H 23 -9.29 -29.86 -40.32
CA ALA H 23 -8.63 -31.00 -40.92
C ALA H 23 -7.36 -31.44 -40.17
N VAL H 24 -7.11 -30.81 -39.03
CA VAL H 24 -5.96 -31.14 -38.18
C VAL H 24 -6.39 -31.32 -36.73
N SER H 25 -6.13 -32.51 -36.17
CA SER H 25 -6.40 -32.71 -34.75
C SER H 25 -5.72 -31.62 -33.91
N LYS H 26 -6.45 -31.09 -32.93
CA LYS H 26 -5.91 -30.11 -31.99
C LYS H 26 -4.53 -30.54 -31.46
N GLN H 27 -4.42 -31.81 -31.09
CA GLN H 27 -3.23 -32.33 -30.43
C GLN H 27 -2.06 -32.52 -31.39
N LEU H 28 -2.25 -32.15 -32.66
CA LEU H 28 -1.16 -32.18 -33.63
C LEU H 28 -0.75 -30.78 -34.03
N LEU H 29 -1.45 -29.77 -33.53
CA LEU H 29 -1.08 -28.40 -33.79
C LEU H 29 0.24 -28.07 -33.11
N PRO H 30 1.04 -27.20 -33.73
CA PRO H 30 2.31 -26.86 -33.10
C PRO H 30 2.16 -25.88 -31.95
N ILE H 31 2.79 -26.21 -30.83
CA ILE H 31 3.08 -25.22 -29.79
C ILE H 31 4.53 -24.87 -29.98
N TYR H 32 4.79 -23.73 -30.63
CA TYR H 32 6.13 -23.39 -31.09
C TYR H 32 6.71 -24.45 -32.06
N ASP H 33 7.67 -25.26 -31.61
CA ASP H 33 8.33 -26.21 -32.54
C ASP H 33 8.01 -27.67 -32.31
N LYS H 34 6.97 -27.96 -31.54
CA LYS H 34 6.58 -29.35 -31.34
C LYS H 34 5.07 -29.52 -31.49
N PRO H 35 4.65 -30.69 -31.98
CA PRO H 35 3.21 -30.98 -31.95
C PRO H 35 2.68 -30.87 -30.50
N MET H 36 1.47 -30.38 -30.33
CA MET H 36 0.91 -30.26 -28.99
C MET H 36 1.17 -31.49 -28.12
N ILE H 37 0.94 -32.66 -28.69
CA ILE H 37 0.96 -33.90 -27.91
C ILE H 37 2.31 -34.24 -27.29
N TYR H 38 3.38 -33.65 -27.82
CA TYR H 38 4.69 -33.80 -27.21
C TYR H 38 4.67 -33.35 -25.75
N TYR H 39 3.82 -32.38 -25.43
CA TYR H 39 3.83 -31.79 -24.11
C TYR H 39 3.25 -32.70 -23.02
N PRO H 40 1.98 -33.11 -23.16
CA PRO H 40 1.47 -34.08 -22.18
C PRO H 40 2.30 -35.36 -22.15
N LEU H 41 2.85 -35.74 -23.30
CA LEU H 41 3.62 -36.97 -23.41
C LEU H 41 4.94 -36.90 -22.63
N SER H 42 5.65 -35.78 -22.75
CA SER H 42 6.81 -35.50 -21.91
C SER H 42 6.42 -35.53 -20.44
N THR H 43 5.29 -34.92 -20.10
CA THR H 43 4.89 -34.85 -18.72
C THR H 43 4.82 -36.27 -18.13
N LEU H 44 4.23 -37.22 -18.86
CA LEU H 44 4.22 -38.61 -18.42
C LEU H 44 5.63 -39.20 -18.32
N MET H 45 6.49 -38.87 -19.28
CA MET H 45 7.83 -39.41 -19.28
C MET H 45 8.59 -38.95 -18.03
N LEU H 46 8.40 -37.69 -17.65
CA LEU H 46 9.06 -37.13 -16.49
C LEU H 46 8.65 -37.80 -15.18
N ALA H 47 7.49 -38.45 -15.20
CA ALA H 47 7.03 -39.21 -14.04
C ALA H 47 7.51 -40.64 -14.13
N GLY H 48 8.37 -40.93 -15.11
CA GLY H 48 8.91 -42.26 -15.29
C GLY H 48 7.95 -43.24 -15.96
N ILE H 49 6.88 -42.70 -16.55
CA ILE H 49 5.87 -43.53 -17.24
C ILE H 49 6.30 -43.81 -18.67
N ARG H 50 6.64 -45.07 -18.93
CA ARG H 50 7.12 -45.48 -20.26
C ARG H 50 6.11 -46.28 -21.07
N ASP H 51 5.00 -46.66 -20.43
CA ASP H 51 3.96 -47.41 -21.14
C ASP H 51 2.71 -46.58 -21.19
N ILE H 52 2.36 -46.13 -22.40
CA ILE H 52 1.36 -45.10 -22.57
C ILE H 52 0.36 -45.47 -23.64
N LEU H 53 -0.91 -45.27 -23.32
CA LEU H 53 -1.99 -45.52 -24.25
C LEU H 53 -2.47 -44.18 -24.76
N ILE H 54 -2.53 -44.05 -26.08
CA ILE H 54 -3.02 -42.83 -26.68
C ILE H 54 -4.40 -43.08 -27.30
N ILE H 55 -5.38 -42.31 -26.85
CA ILE H 55 -6.74 -42.49 -27.34
C ILE H 55 -7.09 -41.31 -28.22
N SER H 56 -7.41 -41.60 -29.48
CA SER H 56 -7.78 -40.53 -30.41
C SER H 56 -8.96 -40.90 -31.31
N THR H 57 -9.32 -39.97 -32.19
CA THR H 57 -10.46 -40.12 -33.09
C THR H 57 -10.09 -41.08 -34.20
N PRO H 58 -11.10 -41.57 -34.94
CA PRO H 58 -10.80 -42.54 -35.99
C PRO H 58 -9.91 -41.98 -37.11
N GLN H 59 -10.15 -40.73 -37.53
CA GLN H 59 -9.41 -40.18 -38.65
C GLN H 59 -7.98 -39.80 -38.30
N ASP H 60 -7.78 -39.31 -37.08
CA ASP H 60 -6.49 -38.77 -36.65
C ASP H 60 -5.57 -39.75 -35.92
N THR H 61 -6.10 -40.89 -35.47
CA THR H 61 -5.28 -41.85 -34.75
C THR H 61 -4.08 -42.31 -35.59
N PRO H 62 -4.30 -42.55 -36.90
CA PRO H 62 -3.16 -42.94 -37.75
C PRO H 62 -2.14 -41.84 -37.91
N ARG H 63 -2.57 -40.58 -37.84
CA ARG H 63 -1.60 -39.48 -37.89
C ARG H 63 -0.66 -39.50 -36.68
N PHE H 64 -1.22 -39.79 -35.51
CA PHE H 64 -0.41 -39.86 -34.28
C PHE H 64 0.57 -41.01 -34.38
N GLN H 65 0.13 -42.08 -35.04
CA GLN H 65 0.97 -43.25 -35.22
C GLN H 65 2.08 -42.92 -36.21
N GLN H 66 1.75 -42.15 -37.25
CA GLN H 66 2.74 -41.71 -38.21
C GLN H 66 3.77 -40.86 -37.50
N LEU H 67 3.31 -40.02 -36.56
CA LEU H 67 4.23 -39.13 -35.86
C LEU H 67 5.09 -39.84 -34.82
N LEU H 68 4.46 -40.73 -34.05
CA LEU H 68 5.07 -41.26 -32.84
C LEU H 68 5.53 -42.71 -32.98
N GLY H 69 4.96 -43.41 -33.96
CA GLY H 69 5.29 -44.82 -34.14
C GLY H 69 4.90 -45.53 -32.86
N ASP H 70 5.70 -46.51 -32.46
CA ASP H 70 5.41 -47.23 -31.22
C ASP H 70 6.25 -46.68 -30.06
N GLY H 71 6.85 -45.52 -30.28
CA GLY H 71 7.61 -44.86 -29.25
C GLY H 71 8.88 -45.57 -28.82
N SER H 72 9.19 -46.70 -29.46
CA SER H 72 10.39 -47.45 -29.12
C SER H 72 11.67 -46.65 -29.36
N GLN H 73 11.55 -45.62 -30.21
CA GLN H 73 12.69 -44.76 -30.54
C GLN H 73 13.07 -43.90 -29.34
N TRP H 74 12.16 -43.85 -28.37
CA TRP H 74 12.37 -43.01 -27.19
C TRP H 74 12.42 -43.84 -25.92
N GLY H 75 12.50 -45.16 -26.10
CA GLY H 75 12.47 -46.08 -24.97
C GLY H 75 11.07 -46.25 -24.40
N LEU H 76 10.06 -45.87 -25.16
CA LEU H 76 8.71 -46.02 -24.68
C LEU H 76 8.01 -47.18 -25.36
N ASN H 77 6.80 -47.46 -24.89
CA ASN H 77 5.91 -48.40 -25.52
C ASN H 77 4.58 -47.67 -25.66
N LEU H 78 4.29 -47.21 -26.88
CA LEU H 78 3.05 -46.49 -27.13
C LEU H 78 2.05 -47.44 -27.76
N GLN H 79 0.80 -47.30 -27.33
CA GLN H 79 -0.28 -48.11 -27.87
C GLN H 79 -1.45 -47.20 -28.17
N TYR H 80 -2.31 -47.64 -29.09
CA TYR H 80 -3.35 -46.74 -29.57
C TYR H 80 -4.74 -47.36 -29.52
N LYS H 81 -5.74 -46.49 -29.35
CA LYS H 81 -7.10 -46.95 -29.28
C LYS H 81 -8.02 -45.80 -29.73
N VAL H 82 -9.08 -46.14 -30.45
CA VAL H 82 -9.98 -45.13 -31.01
C VAL H 82 -11.16 -44.84 -30.07
N SER H 83 -11.47 -43.57 -29.88
CA SER H 83 -12.59 -43.22 -29.00
C SER H 83 -13.89 -43.56 -29.67
N PRO H 84 -14.77 -44.23 -28.93
CA PRO H 84 -16.05 -44.74 -29.45
C PRO H 84 -17.15 -43.70 -29.30
N SER H 85 -17.01 -42.85 -28.29
CA SER H 85 -18.03 -41.86 -28.00
C SER H 85 -17.42 -40.47 -28.01
N PRO H 86 -18.17 -39.49 -28.54
CA PRO H 86 -17.81 -38.08 -28.56
C PRO H 86 -17.41 -37.56 -27.18
N ASP H 87 -18.10 -38.04 -26.15
CA ASP H 87 -17.82 -37.59 -24.80
C ASP H 87 -17.73 -38.78 -23.83
N GLY H 88 -17.72 -38.49 -22.54
CA GLY H 88 -17.57 -39.51 -21.54
C GLY H 88 -16.10 -39.84 -21.40
N LEU H 89 -15.37 -38.90 -20.84
CA LEU H 89 -13.92 -39.03 -20.72
C LEU H 89 -13.48 -40.19 -19.81
N ALA H 90 -14.22 -40.42 -18.73
CA ALA H 90 -13.91 -41.54 -17.85
C ALA H 90 -13.97 -42.86 -18.61
N GLN H 91 -14.59 -42.84 -19.79
CA GLN H 91 -14.65 -44.04 -20.63
C GLN H 91 -13.24 -44.54 -20.96
N ALA H 92 -12.23 -43.70 -20.71
CA ALA H 92 -10.83 -44.05 -20.96
C ALA H 92 -10.43 -45.31 -20.21
N PHE H 93 -10.90 -45.42 -18.97
CA PHE H 93 -10.51 -46.54 -18.12
C PHE H 93 -11.19 -47.82 -18.55
N ILE H 94 -12.33 -47.68 -19.21
CA ILE H 94 -13.04 -48.83 -19.77
C ILE H 94 -12.37 -49.29 -21.07
N ILE H 95 -12.12 -48.34 -21.97
CA ILE H 95 -11.38 -48.59 -23.20
C ILE H 95 -10.03 -49.25 -22.91
N GLY H 96 -9.32 -48.75 -21.89
CA GLY H 96 -8.00 -49.24 -21.56
C GLY H 96 -7.94 -50.24 -20.40
N GLU H 97 -9.05 -50.92 -20.13
CA GLU H 97 -9.08 -51.86 -19.02
C GLU H 97 -7.95 -52.86 -19.20
N GLU H 98 -7.77 -53.34 -20.43
CA GLU H 98 -6.77 -54.36 -20.70
C GLU H 98 -5.37 -53.79 -20.66
N PHE H 99 -5.20 -52.60 -21.23
CA PHE H 99 -3.90 -51.94 -21.18
C PHE H 99 -3.45 -51.79 -19.73
N ILE H 100 -4.38 -51.36 -18.88
CA ILE H 100 -4.09 -51.06 -17.49
C ILE H 100 -3.76 -52.30 -16.67
N GLY H 101 -4.44 -53.41 -16.97
CA GLY H 101 -4.23 -54.66 -16.26
C GLY H 101 -4.44 -54.47 -14.79
N HIS H 102 -3.42 -54.83 -14.00
CA HIS H 102 -3.51 -54.73 -12.56
C HIS H 102 -2.78 -53.51 -12.00
N ASP H 103 -2.25 -52.68 -12.89
CA ASP H 103 -1.38 -51.60 -12.45
C ASP H 103 -2.15 -50.34 -12.10
N ASP H 104 -1.45 -49.40 -11.47
CA ASP H 104 -1.97 -48.06 -11.27
C ASP H 104 -1.85 -47.33 -12.60
N CYS H 105 -2.62 -46.25 -12.77
CA CYS H 105 -2.62 -45.52 -14.03
C CYS H 105 -2.68 -43.99 -13.85
N ALA H 106 -2.03 -43.26 -14.75
CA ALA H 106 -2.17 -41.81 -14.81
C ALA H 106 -2.96 -41.44 -16.05
N LEU H 107 -3.64 -40.31 -15.99
CA LEU H 107 -4.40 -39.81 -17.12
C LEU H 107 -4.06 -38.36 -17.32
N VAL H 108 -3.76 -37.98 -18.55
CA VAL H 108 -3.45 -36.58 -18.85
C VAL H 108 -4.20 -36.21 -20.12
N LEU H 109 -4.70 -34.98 -20.17
CA LEU H 109 -5.47 -34.54 -21.32
C LEU H 109 -4.49 -34.05 -22.38
N GLY H 110 -4.81 -34.31 -23.64
CA GLY H 110 -3.93 -33.97 -24.74
C GLY H 110 -3.57 -32.49 -24.90
N ASP H 111 -4.43 -31.59 -24.42
CA ASP H 111 -4.23 -30.14 -24.59
C ASP H 111 -3.61 -29.43 -23.38
N ASN H 112 -3.12 -30.22 -22.43
CA ASN H 112 -2.58 -29.66 -21.19
C ASN H 112 -1.07 -29.51 -21.20
N ILE H 113 -0.63 -28.30 -20.97
CA ILE H 113 0.79 -28.00 -20.96
C ILE H 113 1.28 -27.63 -19.56
N PHE H 114 2.11 -28.50 -18.98
CA PHE H 114 2.62 -28.29 -17.63
C PHE H 114 4.11 -27.97 -17.66
N TYR H 115 4.51 -26.95 -16.90
CA TYR H 115 5.91 -26.55 -16.76
C TYR H 115 6.24 -26.22 -15.32
N GLY H 116 7.41 -26.66 -14.87
CA GLY H 116 7.84 -26.38 -13.51
C GLY H 116 8.98 -27.27 -13.08
N HIS H 117 10.05 -26.63 -12.59
CA HIS H 117 11.25 -27.33 -12.15
C HIS H 117 10.88 -28.51 -11.23
N ASP H 118 10.02 -28.25 -10.25
CA ASP H 118 9.72 -29.25 -9.23
C ASP H 118 8.62 -30.24 -9.59
N LEU H 119 8.12 -30.18 -10.81
CA LEU H 119 6.97 -31.01 -11.19
C LEU H 119 7.20 -32.52 -10.98
N PRO H 120 8.38 -33.03 -11.38
CA PRO H 120 8.65 -34.45 -11.16
C PRO H 120 8.57 -34.89 -9.70
N LYS H 121 9.09 -34.08 -8.77
CA LYS H 121 8.97 -34.40 -7.35
C LYS H 121 7.48 -34.56 -6.99
N LEU H 122 6.66 -33.63 -7.47
CA LEU H 122 5.21 -33.65 -7.25
C LEU H 122 4.60 -34.95 -7.75
N MET H 123 5.03 -35.38 -8.94
CA MET H 123 4.47 -36.58 -9.54
C MET H 123 5.00 -37.87 -8.90
N GLU H 124 6.25 -37.85 -8.42
CA GLU H 124 6.81 -39.02 -7.74
C GLU H 124 6.02 -39.30 -6.47
N ALA H 125 5.64 -38.23 -5.80
CA ALA H 125 4.80 -38.36 -4.61
C ALA H 125 3.45 -38.97 -4.94
N ALA H 126 2.83 -38.52 -6.03
CA ALA H 126 1.50 -39.01 -6.39
C ALA H 126 1.53 -40.47 -6.82
N VAL H 127 2.64 -40.85 -7.47
CA VAL H 127 2.87 -42.23 -7.90
C VAL H 127 3.06 -43.15 -6.70
N ASN H 128 3.76 -42.63 -5.70
CA ASN H 128 4.06 -43.38 -4.48
C ASN H 128 2.85 -43.57 -3.55
N LYS H 129 1.99 -42.55 -3.46
CA LYS H 129 0.73 -42.71 -2.74
C LYS H 129 0.11 -44.01 -3.21
N GLU H 130 -0.42 -44.80 -2.29
CA GLU H 130 -0.78 -46.17 -2.66
C GLU H 130 -2.27 -46.51 -2.64
N SER H 131 -3.03 -45.80 -1.82
CA SER H 131 -4.48 -45.89 -1.95
C SER H 131 -5.00 -44.57 -2.51
N GLY H 132 -5.93 -44.68 -3.46
CA GLY H 132 -6.63 -43.51 -3.95
C GLY H 132 -6.00 -42.82 -5.14
N ALA H 133 -6.20 -41.51 -5.20
CA ALA H 133 -5.93 -40.75 -6.39
C ALA H 133 -5.32 -39.42 -5.99
N THR H 134 -4.55 -38.85 -6.91
CA THR H 134 -4.02 -37.51 -6.71
C THR H 134 -4.47 -36.66 -7.91
N VAL H 135 -5.21 -35.59 -7.68
CA VAL H 135 -5.46 -34.61 -8.74
C VAL H 135 -4.47 -33.47 -8.64
N PHE H 136 -4.29 -32.78 -9.76
CA PHE H 136 -3.32 -31.69 -9.81
C PHE H 136 -4.04 -30.36 -9.93
N ALA H 137 -3.73 -29.47 -9.00
CA ALA H 137 -4.43 -28.21 -8.88
C ALA H 137 -3.50 -27.04 -9.09
N TYR H 138 -4.04 -26.00 -9.70
CA TYR H 138 -3.26 -24.85 -10.11
C TYR H 138 -3.90 -23.54 -9.64
N HIS H 139 -3.13 -22.72 -8.93
CA HIS H 139 -3.66 -21.46 -8.44
C HIS H 139 -4.00 -20.52 -9.60
N VAL H 140 -5.23 -20.00 -9.55
CA VAL H 140 -5.74 -19.12 -10.58
C VAL H 140 -6.45 -17.93 -9.95
N ASN H 141 -6.51 -16.82 -10.67
CA ASN H 141 -7.13 -15.60 -10.14
C ASN H 141 -8.64 -15.61 -10.36
N ASP H 142 -9.11 -16.54 -11.17
CA ASP H 142 -10.51 -16.60 -11.56
C ASP H 142 -11.12 -18.00 -11.40
N PRO H 143 -11.07 -18.54 -10.17
CA PRO H 143 -11.53 -19.91 -9.91
C PRO H 143 -12.87 -20.20 -10.56
N GLU H 144 -13.73 -19.17 -10.62
CA GLU H 144 -15.11 -19.35 -11.09
C GLU H 144 -15.16 -19.91 -12.51
N ARG H 145 -14.03 -19.87 -13.20
CA ARG H 145 -13.97 -20.24 -14.60
C ARG H 145 -13.68 -21.72 -14.85
N TYR H 146 -13.05 -22.37 -13.87
CA TYR H 146 -12.64 -23.77 -14.01
C TYR H 146 -13.42 -24.66 -13.05
N GLY H 147 -13.05 -25.94 -13.03
CA GLY H 147 -13.53 -26.83 -11.99
C GLY H 147 -12.66 -26.60 -10.76
N VAL H 148 -13.29 -26.41 -9.61
CA VAL H 148 -12.55 -25.98 -8.42
C VAL H 148 -12.51 -27.02 -7.32
N VAL H 149 -11.32 -27.20 -6.77
CA VAL H 149 -11.14 -28.15 -5.68
C VAL H 149 -10.79 -27.40 -4.40
N GLU H 150 -11.59 -27.63 -3.36
CA GLU H 150 -11.32 -27.07 -2.05
C GLU H 150 -10.73 -28.18 -1.20
N PHE H 151 -9.63 -27.91 -0.52
CA PHE H 151 -8.95 -29.01 0.17
C PHE H 151 -8.35 -28.77 1.56
N ASP H 152 -8.06 -29.89 2.18
CA ASP H 152 -7.54 -30.04 3.53
C ASP H 152 -6.11 -29.52 3.65
N GLN H 153 -5.58 -29.43 4.86
CA GLN H 153 -4.16 -29.16 5.07
C GLN H 153 -3.35 -30.43 4.89
N LYS H 154 -4.04 -31.57 4.97
CA LYS H 154 -3.42 -32.86 4.71
C LYS H 154 -3.15 -33.02 3.22
N GLY H 155 -3.97 -32.35 2.43
CA GLY H 155 -3.91 -32.46 0.98
C GLY H 155 -5.11 -33.23 0.47
N THR H 156 -6.09 -33.43 1.36
CA THR H 156 -7.28 -34.20 1.00
C THR H 156 -8.42 -33.30 0.52
N ALA H 157 -8.92 -33.63 -0.67
CA ALA H 157 -10.00 -32.86 -1.27
C ALA H 157 -11.23 -32.93 -0.39
N VAL H 158 -11.97 -31.83 -0.29
CA VAL H 158 -13.20 -31.78 0.51
C VAL H 158 -14.44 -31.34 -0.29
N SER H 159 -14.21 -30.77 -1.47
CA SER H 159 -15.32 -30.44 -2.38
C SER H 159 -14.82 -30.24 -3.81
N LEU H 160 -15.66 -30.61 -4.75
CA LEU H 160 -15.37 -30.42 -6.18
C LEU H 160 -16.53 -29.67 -6.82
N GLU H 161 -16.27 -28.49 -7.37
CA GLU H 161 -17.32 -27.69 -7.95
C GLU H 161 -17.00 -27.13 -9.33
N GLU H 162 -17.82 -27.50 -10.31
CA GLU H 162 -17.68 -27.02 -11.69
C GLU H 162 -18.10 -25.56 -11.83
N LYS H 163 -17.12 -24.70 -12.09
CA LYS H 163 -17.36 -23.25 -12.26
C LYS H 163 -18.25 -22.67 -11.18
N PRO H 164 -17.82 -22.80 -9.91
CA PRO H 164 -18.67 -22.38 -8.80
C PRO H 164 -18.91 -20.90 -8.88
N LEU H 165 -20.13 -20.46 -8.59
CA LEU H 165 -20.41 -19.03 -8.53
C LEU H 165 -19.77 -18.50 -7.26
N GLN H 166 -19.72 -19.34 -6.23
CA GLN H 166 -19.08 -19.00 -4.96
C GLN H 166 -17.88 -19.89 -4.71
N PRO H 167 -16.80 -19.69 -5.50
CA PRO H 167 -15.64 -20.59 -5.48
C PRO H 167 -15.16 -20.84 -4.06
N LYS H 168 -14.99 -22.11 -3.70
CA LYS H 168 -14.59 -22.47 -2.34
C LYS H 168 -13.08 -22.37 -2.18
N SER H 169 -12.38 -22.11 -3.28
CA SER H 169 -10.93 -22.08 -3.27
C SER H 169 -10.43 -21.44 -4.55
N ASN H 170 -9.15 -21.11 -4.59
CA ASN H 170 -8.54 -20.56 -5.80
C ASN H 170 -7.81 -21.61 -6.65
N TYR H 171 -8.06 -22.88 -6.37
CA TYR H 171 -7.38 -23.96 -7.09
C TYR H 171 -8.22 -24.68 -8.16
N ALA H 172 -7.75 -24.56 -9.39
CA ALA H 172 -8.41 -25.16 -10.54
C ALA H 172 -7.87 -26.56 -10.71
N VAL H 173 -8.74 -27.49 -11.09
CA VAL H 173 -8.31 -28.84 -11.33
C VAL H 173 -7.79 -28.93 -12.75
N THR H 174 -6.53 -29.34 -12.87
CA THR H 174 -5.93 -29.47 -14.17
C THR H 174 -6.18 -30.87 -14.73
N GLY H 175 -5.73 -31.08 -15.97
CA GLY H 175 -5.98 -32.34 -16.68
C GLY H 175 -4.89 -33.38 -16.46
N LEU H 176 -4.40 -33.48 -15.23
CA LEU H 176 -3.41 -34.51 -14.88
C LEU H 176 -3.83 -35.22 -13.61
N TYR H 177 -3.98 -36.53 -13.70
CA TYR H 177 -4.56 -37.32 -12.61
C TYR H 177 -3.78 -38.60 -12.38
N PHE H 178 -3.70 -39.02 -11.12
CA PHE H 178 -3.06 -40.29 -10.79
C PHE H 178 -4.02 -41.16 -10.03
N TYR H 179 -4.16 -42.40 -10.49
CA TYR H 179 -5.12 -43.32 -9.90
C TYR H 179 -4.44 -44.59 -9.48
N ASP H 180 -5.03 -45.27 -8.50
CA ASP H 180 -4.65 -46.64 -8.22
C ASP H 180 -5.57 -47.54 -9.04
N ASN H 181 -5.29 -48.84 -9.05
CA ASN H 181 -5.99 -49.77 -9.94
C ASN H 181 -7.50 -49.77 -9.76
N SER H 182 -7.97 -49.31 -8.61
CA SER H 182 -9.40 -49.39 -8.29
C SER H 182 -10.24 -48.50 -9.20
N VAL H 183 -9.58 -47.69 -10.02
CA VAL H 183 -10.28 -46.75 -10.90
C VAL H 183 -11.02 -47.44 -12.06
N VAL H 184 -10.40 -48.47 -12.63
CA VAL H 184 -11.01 -49.23 -13.72
C VAL H 184 -12.36 -49.71 -13.23
N GLU H 185 -12.35 -50.16 -11.98
CA GLU H 185 -13.53 -50.69 -11.33
C GLU H 185 -14.61 -49.63 -11.16
N MET H 186 -14.22 -48.45 -10.68
CA MET H 186 -15.17 -47.35 -10.56
C MET H 186 -15.82 -47.06 -11.89
N ALA H 187 -14.99 -46.96 -12.94
CA ALA H 187 -15.44 -46.57 -14.27
C ALA H 187 -16.44 -47.56 -14.86
N LYS H 188 -16.12 -48.86 -14.74
CA LYS H 188 -17.05 -49.89 -15.16
C LYS H 188 -18.40 -49.77 -14.44
N ASN H 189 -18.36 -49.49 -13.14
CA ASN H 189 -19.56 -49.41 -12.32
C ASN H 189 -20.10 -48.00 -12.18
N LEU H 190 -19.72 -47.13 -13.09
CA LEU H 190 -20.19 -45.75 -13.05
C LEU H 190 -21.37 -45.56 -14.01
N LYS H 191 -22.20 -44.58 -13.71
CA LYS H 191 -23.31 -44.27 -14.59
C LYS H 191 -23.28 -42.78 -14.95
N GLU H 197 -23.13 -39.22 -19.78
CA GLU H 197 -21.78 -39.69 -20.08
C GLU H 197 -20.93 -39.77 -18.82
N LEU H 198 -20.00 -40.73 -18.81
CA LEU H 198 -19.14 -40.96 -17.65
C LEU H 198 -18.03 -39.90 -17.54
N GLU H 199 -18.02 -39.17 -16.42
CA GLU H 199 -17.14 -38.01 -16.24
C GLU H 199 -15.90 -38.29 -15.41
N ILE H 200 -14.80 -37.62 -15.73
CA ILE H 200 -13.62 -37.72 -14.89
C ILE H 200 -13.98 -37.17 -13.51
N THR H 201 -14.83 -36.14 -13.51
CA THR H 201 -15.21 -35.46 -12.28
C THR H 201 -15.97 -36.38 -11.32
N ASP H 202 -16.88 -37.17 -11.87
CA ASP H 202 -17.61 -38.14 -11.06
C ASP H 202 -16.63 -39.07 -10.37
N ILE H 203 -15.70 -39.60 -11.15
CA ILE H 203 -14.72 -40.53 -10.62
C ILE H 203 -13.93 -39.92 -9.47
N ASN H 204 -13.49 -38.68 -9.65
CA ASN H 204 -12.75 -38.00 -8.61
C ASN H 204 -13.58 -37.77 -7.35
N ARG H 205 -14.85 -37.45 -7.52
CA ARG H 205 -15.71 -37.15 -6.37
C ARG H 205 -15.87 -38.40 -5.53
N ILE H 206 -15.82 -39.55 -6.19
CA ILE H 206 -15.93 -40.83 -5.52
C ILE H 206 -14.73 -41.04 -4.59
N TYR H 207 -13.52 -40.91 -5.14
CA TYR H 207 -12.31 -41.02 -4.34
C TYR H 207 -12.34 -40.08 -3.15
N MET H 208 -12.83 -38.88 -3.38
CA MET H 208 -12.91 -37.85 -2.36
C MET H 208 -13.89 -38.27 -1.25
N GLU H 209 -15.04 -38.81 -1.66
CA GLU H 209 -16.04 -39.29 -0.72
C GLU H 209 -15.53 -40.44 0.13
N GLN H 210 -14.53 -41.16 -0.36
CA GLN H 210 -13.88 -42.22 0.40
C GLN H 210 -12.66 -41.69 1.16
N GLY H 211 -12.38 -40.39 0.97
CA GLY H 211 -11.25 -39.74 1.62
C GLY H 211 -9.91 -40.07 0.99
N ARG H 212 -9.93 -40.82 -0.11
CA ARG H 212 -8.69 -41.26 -0.73
C ARG H 212 -8.25 -40.37 -1.88
N LEU H 213 -8.73 -39.12 -1.89
CA LEU H 213 -8.34 -38.18 -2.94
C LEU H 213 -7.39 -37.08 -2.45
N SER H 214 -6.14 -37.14 -2.92
CA SER H 214 -5.13 -36.13 -2.57
C SER H 214 -5.08 -35.03 -3.62
N VAL H 215 -4.46 -33.90 -3.26
CA VAL H 215 -4.35 -32.77 -4.17
C VAL H 215 -2.91 -32.29 -4.25
N ALA H 216 -2.32 -32.48 -5.43
CA ALA H 216 -1.00 -31.94 -5.70
C ALA H 216 -1.11 -30.45 -6.04
N MET H 217 -0.39 -29.63 -5.30
CA MET H 217 -0.53 -28.19 -5.40
C MET H 217 0.56 -27.57 -6.27
N MET H 218 0.15 -26.94 -7.37
CA MET H 218 1.10 -26.22 -8.23
C MET H 218 1.00 -24.71 -8.01
N GLY H 219 1.93 -24.18 -7.22
CA GLY H 219 1.91 -22.78 -6.87
C GLY H 219 2.82 -21.92 -7.72
N ARG H 220 3.28 -20.81 -7.17
CA ARG H 220 4.17 -19.95 -7.95
C ARG H 220 5.38 -20.77 -8.37
N GLY H 221 5.86 -20.53 -9.58
CA GLY H 221 6.93 -21.31 -10.15
C GLY H 221 6.44 -22.20 -11.27
N TYR H 222 5.17 -22.59 -11.17
CA TYR H 222 4.52 -23.47 -12.15
C TYR H 222 3.75 -22.72 -13.23
N ALA H 223 3.72 -23.27 -14.44
CA ALA H 223 2.89 -22.74 -15.50
C ALA H 223 1.93 -23.81 -15.97
N TRP H 224 0.72 -23.42 -16.33
CA TRP H 224 -0.24 -24.39 -16.86
C TRP H 224 -1.10 -23.76 -17.96
N LEU H 225 -1.18 -24.41 -19.12
CA LEU H 225 -2.07 -23.93 -20.19
C LEU H 225 -3.04 -24.99 -20.70
N ASP H 226 -4.31 -24.63 -20.83
CA ASP H 226 -5.29 -25.47 -21.54
C ASP H 226 -5.42 -24.88 -22.94
N THR H 227 -4.66 -25.46 -23.86
CA THR H 227 -4.49 -24.93 -25.19
C THR H 227 -5.67 -25.31 -26.06
N GLY H 228 -6.74 -24.53 -25.99
CA GLY H 228 -7.96 -24.89 -26.67
C GLY H 228 -8.64 -23.74 -27.39
N THR H 229 -8.03 -22.56 -27.32
CA THR H 229 -8.54 -21.39 -28.03
C THR H 229 -7.43 -20.70 -28.79
N HIS H 230 -7.79 -19.94 -29.82
CA HIS H 230 -6.78 -19.30 -30.63
C HIS H 230 -5.82 -18.46 -29.80
N GLN H 231 -6.37 -17.76 -28.83
CA GLN H 231 -5.56 -16.88 -27.99
C GLN H 231 -4.56 -17.67 -27.12
N SER H 232 -5.02 -18.76 -26.51
CA SER H 232 -4.19 -19.49 -25.58
C SER H 232 -3.14 -20.32 -26.31
N LEU H 233 -3.48 -20.77 -27.52
CA LEU H 233 -2.53 -21.46 -28.38
C LEU H 233 -1.33 -20.55 -28.65
N ILE H 234 -1.60 -19.31 -29.04
CA ILE H 234 -0.52 -18.42 -29.40
C ILE H 234 0.23 -17.92 -28.15
N GLU H 235 -0.45 -17.89 -26.99
CA GLU H 235 0.24 -17.56 -25.74
C GLU H 235 1.17 -18.69 -25.32
N ALA H 236 0.74 -19.93 -25.54
CA ALA H 236 1.55 -21.07 -25.20
C ALA H 236 2.79 -21.11 -26.08
N SER H 237 2.61 -20.99 -27.40
CA SER H 237 3.71 -20.95 -28.34
C SER H 237 4.74 -19.89 -27.96
N ASN H 238 4.27 -18.68 -27.68
CA ASN H 238 5.17 -17.61 -27.26
C ASN H 238 5.88 -17.91 -25.95
N PHE H 239 5.17 -18.56 -25.02
CA PHE H 239 5.76 -18.88 -23.74
C PHE H 239 6.93 -19.85 -23.95
N ILE H 240 6.68 -20.91 -24.72
CA ILE H 240 7.69 -21.89 -25.01
C ILE H 240 8.86 -21.28 -25.76
N ALA H 241 8.58 -20.54 -26.83
CA ALA H 241 9.63 -19.90 -27.58
C ALA H 241 10.49 -18.97 -26.73
N THR H 242 9.85 -18.20 -25.86
CA THR H 242 10.59 -17.30 -24.98
C THR H 242 11.53 -18.06 -24.01
N ILE H 243 11.00 -19.07 -23.33
CA ILE H 243 11.76 -19.82 -22.32
C ILE H 243 12.95 -20.47 -22.97
N GLU H 244 12.72 -21.09 -24.12
CA GLU H 244 13.76 -21.83 -24.81
C GLU H 244 14.85 -20.92 -25.36
N GLU H 245 14.45 -19.81 -25.96
CA GLU H 245 15.43 -18.86 -26.49
C GLU H 245 16.19 -18.08 -25.41
N ARG H 246 15.54 -17.71 -24.32
CA ARG H 246 16.19 -16.87 -23.33
C ARG H 246 17.06 -17.69 -22.38
N GLN H 247 16.59 -18.91 -22.07
CA GLN H 247 17.18 -19.70 -20.99
C GLN H 247 17.92 -20.94 -21.53
N GLY H 248 17.92 -21.08 -22.85
CA GLY H 248 18.70 -22.13 -23.50
C GLY H 248 18.34 -23.56 -23.14
N LEU H 249 17.06 -23.86 -22.98
CA LEU H 249 16.67 -25.22 -22.66
C LEU H 249 15.42 -25.52 -23.47
N LYS H 250 15.15 -26.79 -23.70
CA LYS H 250 13.91 -27.14 -24.36
C LYS H 250 12.86 -27.57 -23.36
N VAL H 251 11.63 -27.19 -23.63
CA VAL H 251 10.51 -27.59 -22.81
C VAL H 251 9.79 -28.76 -23.47
N SER H 252 9.63 -29.85 -22.71
CA SER H 252 8.93 -31.04 -23.22
C SER H 252 9.50 -31.58 -24.54
N CYS H 253 10.81 -31.72 -24.57
CA CYS H 253 11.49 -32.33 -25.70
C CYS H 253 11.71 -33.80 -25.39
N PRO H 254 10.91 -34.67 -26.00
CA PRO H 254 10.92 -36.09 -25.62
C PRO H 254 12.28 -36.74 -25.84
N GLU H 255 13.02 -36.33 -26.88
CA GLU H 255 14.34 -36.91 -27.10
C GLU H 255 15.28 -36.53 -25.96
N GLU H 256 15.20 -35.28 -25.50
CA GLU H 256 16.03 -34.82 -24.38
C GLU H 256 15.68 -35.57 -23.09
N ILE H 257 14.40 -35.75 -22.86
CA ILE H 257 13.96 -36.42 -21.63
C ILE H 257 14.37 -37.89 -21.64
N ALA H 258 14.12 -38.56 -22.76
CA ALA H 258 14.50 -39.97 -22.91
C ALA H 258 16.01 -40.15 -22.70
N PHE H 259 16.79 -39.16 -23.13
CA PHE H 259 18.22 -39.26 -23.00
C PHE H 259 18.67 -39.02 -21.57
N ARG H 260 18.14 -37.98 -20.95
CA ARG H 260 18.57 -37.61 -19.60
C ARG H 260 18.05 -38.57 -18.54
N LYS H 261 16.95 -39.29 -18.83
CA LYS H 261 16.48 -40.34 -17.93
C LYS H 261 17.00 -41.72 -18.34
N ASN H 262 17.93 -41.75 -19.28
CA ASN H 262 18.55 -42.99 -19.74
C ASN H 262 17.60 -44.03 -20.36
N PHE H 263 16.52 -43.56 -21.00
CA PHE H 263 15.72 -44.43 -21.86
C PHE H 263 16.48 -44.77 -23.16
N ILE H 264 17.39 -43.87 -23.55
CA ILE H 264 18.13 -44.00 -24.79
C ILE H 264 19.53 -43.42 -24.59
N ASN H 265 20.48 -43.86 -25.42
CA ASN H 265 21.85 -43.37 -25.31
C ASN H 265 22.16 -42.26 -26.31
N ALA H 266 23.40 -41.77 -26.27
CA ALA H 266 23.81 -40.64 -27.10
C ALA H 266 23.76 -40.96 -28.59
N GLN H 267 23.95 -42.22 -28.93
CA GLN H 267 23.89 -42.66 -30.32
C GLN H 267 22.46 -42.60 -30.90
N GLN H 268 21.50 -43.12 -30.15
CA GLN H 268 20.10 -43.08 -30.57
C GLN H 268 19.68 -41.63 -30.74
N VAL H 269 20.25 -40.77 -29.89
CA VAL H 269 19.94 -39.35 -29.99
C VAL H 269 20.46 -38.80 -31.31
N ILE H 270 21.72 -39.09 -31.62
CA ILE H 270 22.32 -38.66 -32.86
C ILE H 270 21.55 -39.09 -34.11
N GLU H 271 21.09 -40.34 -34.14
CA GLU H 271 20.29 -40.81 -35.28
C GLU H 271 18.96 -40.06 -35.35
N LEU H 272 18.40 -39.73 -34.19
CA LEU H 272 17.12 -39.02 -34.13
C LEU H 272 17.30 -37.55 -34.53
N ALA H 273 18.47 -37.00 -34.24
CA ALA H 273 18.76 -35.61 -34.53
C ALA H 273 18.95 -35.41 -36.02
N GLY H 274 19.13 -36.52 -36.74
CA GLY H 274 19.40 -36.49 -38.17
C GLY H 274 18.37 -35.72 -38.99
N PRO H 275 17.12 -36.15 -38.93
CA PRO H 275 16.07 -35.49 -39.70
C PRO H 275 15.96 -34.03 -39.30
N LEU H 276 16.17 -33.75 -38.02
CA LEU H 276 15.88 -32.41 -37.49
C LEU H 276 17.10 -31.48 -37.61
N SER H 277 18.10 -31.91 -38.37
CA SER H 277 19.34 -31.15 -38.48
C SER H 277 19.17 -29.84 -39.28
N LYS H 278 18.05 -29.69 -39.99
CA LYS H 278 17.80 -28.48 -40.77
C LYS H 278 17.29 -27.32 -39.91
N ASN H 279 17.08 -27.57 -38.61
CA ASN H 279 16.62 -26.52 -37.70
C ASN H 279 17.30 -26.62 -36.34
N ASP H 280 16.89 -25.77 -35.40
CA ASP H 280 17.59 -25.70 -34.13
C ASP H 280 17.26 -26.87 -33.21
N TYR H 281 16.16 -27.54 -33.50
CA TYR H 281 15.76 -28.71 -32.74
C TYR H 281 16.82 -29.81 -32.87
N GLY H 282 17.17 -30.15 -34.10
CA GLY H 282 18.22 -31.15 -34.34
C GLY H 282 19.53 -30.72 -33.72
N LYS H 283 19.88 -29.45 -33.91
CA LYS H 283 21.17 -28.93 -33.47
C LYS H 283 21.28 -28.88 -31.94
N TYR H 284 20.14 -28.66 -31.30
CA TYR H 284 20.09 -28.69 -29.85
C TYR H 284 20.44 -30.10 -29.37
N LEU H 285 19.75 -31.09 -29.93
CA LEU H 285 20.00 -32.47 -29.54
C LEU H 285 21.48 -32.83 -29.63
N LEU H 286 22.17 -32.27 -30.63
CA LEU H 286 23.59 -32.58 -30.82
C LEU H 286 24.51 -31.92 -29.78
N LYS H 287 24.25 -30.64 -29.48
CA LYS H 287 24.95 -29.96 -28.40
C LYS H 287 24.71 -30.63 -27.05
N MET H 288 23.48 -31.06 -26.82
CA MET H 288 23.16 -31.82 -25.61
C MET H 288 24.02 -33.06 -25.42
N VAL H 289 24.20 -33.88 -26.46
CA VAL H 289 24.92 -35.13 -26.31
C VAL H 289 26.45 -34.97 -26.29
N LYS H 290 26.94 -33.75 -26.10
CA LYS H 290 28.39 -33.54 -26.05
C LYS H 290 28.78 -32.11 -25.64
#